data_3KRU
#
_entry.id   3KRU
#
_cell.length_a   86.925
_cell.length_b   97.376
_cell.length_c   94.388
_cell.angle_alpha   90.000
_cell.angle_beta   92.340
_cell.angle_gamma   90.000
#
_symmetry.space_group_name_H-M   'P 1 21 1'
#
loop_
_entity.id
_entity.type
_entity.pdbx_description
1 polymer 'NADH:flavin oxidoreductase/NADH oxidase'
2 non-polymer 'FLAVIN MONONUCLEOTIDE'
3 non-polymer 'ACETATE ION'
4 water water
#
_entity_poly.entity_id   1
_entity_poly.type   'polypeptide(L)'
_entity_poly.pdbx_seq_one_letter_code
;MSILHMPLKIKDITIKNRIMMSPMCMYSASTDGMPNDWHIVHYATRAIGGVGLIMQEATAVESRGRITDHDLGIWNDEQV
KELKKIVDICKANGAVMGIQLAHAGRKCNISYEDVVGPSPIKAGDRYKLPRELSVEEIKSIVKAFGEAAKRANLAGYDVV
EIHAAHGYLIHEFLSPLSNKRKDEYGNSIENRARFLIEVIDEVRKNWPENKPIFVRVSADDYMEGGINIDMMVEYINMIK
DKVDLIDVSSGGLLNVDINLYPGYQVKYAETIKKRCNIKTSAVGLITTQELAEEILSNERADLVALGRELLRNPYWVLHT
YTSKEDWPKQYERAFKKHHHHHH
;
_entity_poly.pdbx_strand_id   A,B,C,D
#
loop_
_chem_comp.id
_chem_comp.type
_chem_comp.name
_chem_comp.formula
ACT non-polymer 'ACETATE ION' 'C2 H3 O2 -1'
FMN non-polymer 'FLAVIN MONONUCLEOTIDE' 'C17 H21 N4 O9 P'
#
# COMPACT_ATOMS: atom_id res chain seq x y z
N SER A 2 -15.53 1.24 12.31
CA SER A 2 -15.85 0.17 11.32
C SER A 2 -16.80 -0.84 11.94
N ILE A 3 -17.65 -1.44 11.09
CA ILE A 3 -18.52 -2.53 11.54
C ILE A 3 -17.69 -3.68 12.14
N LEU A 4 -16.45 -3.81 11.69
CA LEU A 4 -15.61 -4.89 12.19
C LEU A 4 -15.20 -4.69 13.66
N HIS A 5 -15.37 -3.47 14.17
CA HIS A 5 -15.09 -3.17 15.59
C HIS A 5 -16.24 -3.41 16.55
N MET A 6 -17.39 -3.85 16.05
CA MET A 6 -18.55 -4.11 16.89
CA MET A 6 -18.56 -4.12 16.89
C MET A 6 -18.38 -5.43 17.65
N PRO A 7 -18.62 -5.42 18.98
CA PRO A 7 -18.52 -6.65 19.74
C PRO A 7 -19.60 -7.66 19.36
N LEU A 8 -19.34 -8.93 19.67
CA LEU A 8 -20.29 -10.00 19.45
C LEU A 8 -20.33 -10.81 20.74
N LYS A 9 -21.47 -10.82 21.42
CA LYS A 9 -21.58 -11.58 22.65
C LYS A 9 -22.28 -12.88 22.34
N ILE A 10 -21.65 -13.97 22.76
CA ILE A 10 -22.20 -15.31 22.55
C ILE A 10 -22.22 -16.02 23.89
N LYS A 11 -23.42 -16.36 24.36
CA LYS A 11 -23.58 -16.82 25.74
C LYS A 11 -22.93 -15.80 26.71
N ASP A 12 -22.05 -16.22 27.63
CA ASP A 12 -21.39 -15.30 28.56
C ASP A 12 -20.07 -14.72 28.06
N ILE A 13 -19.69 -14.99 26.81
CA ILE A 13 -18.39 -14.55 26.28
C ILE A 13 -18.62 -13.39 25.29
N THR A 14 -17.92 -12.28 25.51
CA THR A 14 -18.01 -11.12 24.61
C THR A 14 -16.73 -11.04 23.81
N ILE A 15 -16.86 -11.18 22.49
CA ILE A 15 -15.73 -11.02 21.58
C ILE A 15 -15.70 -9.55 21.23
N LYS A 16 -14.55 -8.89 21.37
CA LYS A 16 -14.52 -7.42 21.30
C LYS A 16 -14.65 -6.82 19.89
N ASN A 17 -14.45 -7.66 18.87
CA ASN A 17 -14.56 -7.25 17.47
C ASN A 17 -14.92 -8.48 16.63
N ARG A 18 -15.05 -8.30 15.32
CA ARG A 18 -15.55 -9.37 14.47
C ARG A 18 -14.48 -10.16 13.72
N ILE A 19 -13.23 -10.02 14.14
CA ILE A 19 -12.11 -10.71 13.53
C ILE A 19 -11.67 -11.93 14.33
N MET A 20 -11.71 -13.09 13.68
CA MET A 20 -11.20 -14.35 14.24
C MET A 20 -9.90 -14.75 13.53
N MET A 21 -8.90 -15.18 14.31
CA MET A 21 -7.72 -15.84 13.72
C MET A 21 -8.12 -17.28 13.41
N SER A 22 -8.16 -17.61 12.12
CA SER A 22 -8.54 -18.96 11.67
C SER A 22 -7.57 -19.99 12.22
N PRO A 23 -8.07 -21.19 12.60
CA PRO A 23 -7.15 -22.22 13.09
C PRO A 23 -6.15 -22.68 12.04
N MET A 24 -4.86 -22.56 12.35
CA MET A 24 -3.81 -22.96 11.41
C MET A 24 -2.72 -23.76 12.10
N CYS A 25 -2.56 -25.02 11.69
CA CYS A 25 -1.47 -25.88 12.16
C CYS A 25 -0.12 -25.23 11.92
N MET A 26 0.71 -25.32 12.96
CA MET A 26 2.05 -24.75 12.94
C MET A 26 3.14 -25.83 12.88
N TYR A 27 2.76 -27.09 13.05
CA TYR A 27 3.70 -28.22 12.89
C TYR A 27 4.99 -28.01 13.71
N SER A 28 4.82 -27.46 14.91
CA SER A 28 5.95 -27.09 15.77
C SER A 28 5.96 -27.77 17.15
N ALA A 29 4.99 -28.66 17.42
CA ALA A 29 4.93 -29.39 18.70
C ALA A 29 5.88 -30.57 18.71
N SER A 30 6.11 -31.09 19.91
CA SER A 30 6.86 -32.33 20.11
C SER A 30 6.04 -33.51 19.58
N THR A 31 6.69 -34.67 19.48
CA THR A 31 5.96 -35.90 19.19
C THR A 31 5.04 -36.30 20.36
N ASP A 32 5.21 -35.67 21.51
CA ASP A 32 4.26 -35.86 22.62
C ASP A 32 3.10 -34.85 22.57
N GLY A 33 3.02 -34.07 21.50
CA GLY A 33 1.92 -33.10 21.31
C GLY A 33 1.94 -31.89 22.22
N MET A 34 3.11 -31.61 22.79
CA MET A 34 3.26 -30.47 23.70
C MET A 34 3.56 -29.17 22.95
N PRO A 35 2.97 -28.06 23.39
CA PRO A 35 3.32 -26.76 22.85
C PRO A 35 4.66 -26.33 23.44
N ASN A 36 5.26 -25.32 22.85
CA ASN A 36 6.49 -24.77 23.38
C ASN A 36 6.47 -23.26 23.21
N ASP A 37 7.58 -22.59 23.48
CA ASP A 37 7.59 -21.14 23.41
C ASP A 37 7.26 -20.60 22.02
N TRP A 38 7.47 -21.39 20.97
N TRP A 38 7.48 -21.39 20.94
CA TRP A 38 7.13 -20.91 19.64
CA TRP A 38 7.06 -20.97 19.59
C TRP A 38 5.60 -20.68 19.53
C TRP A 38 5.59 -20.62 19.62
N HIS A 39 4.80 -21.60 20.04
CA HIS A 39 3.34 -21.45 20.05
C HIS A 39 2.90 -20.26 20.90
N ILE A 40 3.48 -20.10 22.09
CA ILE A 40 3.04 -19.05 23.00
C ILE A 40 3.23 -17.68 22.36
N VAL A 41 4.40 -17.44 21.79
CA VAL A 41 4.69 -16.18 21.11
C VAL A 41 3.80 -16.00 19.87
N HIS A 42 3.66 -17.08 19.09
CA HIS A 42 2.84 -17.05 17.87
C HIS A 42 1.41 -16.54 18.15
N TYR A 43 0.75 -17.14 19.15
CA TYR A 43 -0.61 -16.74 19.45
C TYR A 43 -0.66 -15.39 20.16
N ALA A 44 0.26 -15.17 21.08
CA ALA A 44 0.28 -13.92 21.83
C ALA A 44 0.42 -12.71 20.92
N THR A 45 1.24 -12.86 19.90
CA THR A 45 1.47 -11.80 18.92
C THR A 45 0.16 -11.30 18.31
N ARG A 46 -0.74 -12.22 17.98
CA ARG A 46 -2.01 -11.82 17.36
C ARG A 46 -3.01 -11.27 18.36
N ALA A 47 -2.85 -11.66 19.63
CA ALA A 47 -3.63 -11.06 20.72
C ALA A 47 -3.23 -9.58 20.90
N ILE A 48 -1.93 -9.34 21.00
CA ILE A 48 -1.35 -7.98 21.01
CA ILE A 48 -1.44 -7.97 21.06
C ILE A 48 -1.83 -7.22 19.77
N GLY A 49 -1.88 -7.93 18.64
CA GLY A 49 -2.32 -7.37 17.35
C GLY A 49 -3.82 -7.04 17.28
N GLY A 50 -4.56 -7.34 18.35
CA GLY A 50 -5.95 -6.89 18.48
C GLY A 50 -7.03 -7.86 18.00
N VAL A 51 -6.65 -9.08 17.66
CA VAL A 51 -7.62 -10.05 17.17
C VAL A 51 -8.67 -10.34 18.26
N GLY A 52 -9.95 -10.38 17.86
CA GLY A 52 -11.05 -10.58 18.80
C GLY A 52 -11.08 -11.98 19.36
N LEU A 53 -10.98 -12.97 18.48
CA LEU A 53 -11.08 -14.39 18.85
C LEU A 53 -9.94 -15.12 18.19
N ILE A 54 -9.03 -15.66 19.00
CA ILE A 54 -7.92 -16.48 18.49
C ILE A 54 -8.32 -17.96 18.54
N MET A 55 -8.48 -18.59 17.37
CA MET A 55 -8.77 -20.02 17.35
C MET A 55 -7.49 -20.81 17.21
N GLN A 56 -7.12 -21.51 18.26
CA GLN A 56 -5.94 -22.36 18.22
C GLN A 56 -6.11 -23.45 17.16
N GLU A 57 -4.98 -23.77 16.51
CA GLU A 57 -4.85 -24.83 15.53
C GLU A 57 -5.45 -26.16 15.99
N ALA A 58 -5.78 -27.01 15.01
CA ALA A 58 -6.24 -28.37 15.25
C ALA A 58 -5.46 -29.04 16.36
N THR A 59 -6.16 -29.35 17.45
CA THR A 59 -5.56 -29.97 18.63
C THR A 59 -6.19 -31.36 18.79
N ALA A 60 -5.37 -32.40 18.64
CA ALA A 60 -5.86 -33.77 18.52
C ALA A 60 -6.42 -34.32 19.80
N VAL A 61 -7.59 -34.95 19.70
CA VAL A 61 -8.23 -35.55 20.88
C VAL A 61 -7.65 -36.92 21.27
N GLU A 62 -6.84 -37.49 20.37
CA GLU A 62 -6.07 -38.69 20.67
C GLU A 62 -4.92 -38.75 19.68
N SER A 63 -3.89 -39.54 19.97
CA SER A 63 -2.67 -39.43 19.16
C SER A 63 -2.88 -39.86 17.69
N ARG A 64 -3.72 -40.88 17.46
CA ARG A 64 -4.03 -41.33 16.09
C ARG A 64 -4.93 -40.35 15.35
N GLY A 65 -5.41 -39.34 16.07
CA GLY A 65 -6.19 -38.24 15.52
C GLY A 65 -5.39 -37.03 15.10
N ARG A 66 -4.07 -37.07 15.29
CA ARG A 66 -3.20 -36.03 14.75
C ARG A 66 -3.10 -36.11 13.23
N ILE A 67 -2.83 -34.97 12.59
CA ILE A 67 -2.50 -34.95 11.17
C ILE A 67 -1.01 -35.33 10.98
N THR A 68 -0.14 -34.68 11.77
CA THR A 68 1.29 -34.97 11.83
C THR A 68 1.76 -35.17 13.28
N ASP A 69 2.97 -35.73 13.45
CA ASP A 69 3.51 -35.93 14.80
C ASP A 69 4.24 -34.70 15.35
N HIS A 70 3.95 -33.53 14.75
CA HIS A 70 4.29 -32.25 15.35
C HIS A 70 3.06 -31.37 15.59
N ASP A 71 1.90 -32.04 15.74
CA ASP A 71 0.65 -31.36 16.07
C ASP A 71 0.47 -31.25 17.57
N LEU A 72 -0.27 -30.23 18.01
CA LEU A 72 -0.71 -30.16 19.38
C LEU A 72 -1.71 -31.25 19.71
N GLY A 73 -1.68 -31.71 20.95
CA GLY A 73 -2.69 -32.66 21.45
C GLY A 73 -3.31 -32.20 22.75
N ILE A 74 -4.49 -32.73 23.06
CA ILE A 74 -5.11 -32.50 24.36
C ILE A 74 -5.77 -33.78 24.86
N TRP A 75 -5.02 -34.89 24.77
CA TRP A 75 -5.48 -36.18 25.30
C TRP A 75 -4.95 -36.50 26.72
N ASN A 76 -4.17 -35.60 27.30
CA ASN A 76 -3.68 -35.82 28.67
C ASN A 76 -3.49 -34.51 29.46
N ASP A 77 -3.23 -34.62 30.77
CA ASP A 77 -3.10 -33.47 31.67
C ASP A 77 -1.84 -32.64 31.51
N GLU A 78 -0.76 -33.30 31.14
CA GLU A 78 0.50 -32.65 30.88
C GLU A 78 0.32 -31.61 29.77
N GLN A 79 -0.44 -31.99 28.73
CA GLN A 79 -0.74 -31.07 27.64
C GLN A 79 -1.56 -29.88 28.15
N VAL A 80 -2.54 -30.12 29.02
CA VAL A 80 -3.39 -29.06 29.59
C VAL A 80 -2.55 -28.00 30.30
N LYS A 81 -1.57 -28.48 31.07
CA LYS A 81 -0.75 -27.58 31.87
C LYS A 81 0.01 -26.60 30.99
N GLU A 82 0.49 -27.09 29.85
CA GLU A 82 1.25 -26.26 28.92
C GLU A 82 0.34 -25.39 28.05
N LEU A 83 -0.78 -25.95 27.60
CA LEU A 83 -1.74 -25.17 26.80
C LEU A 83 -2.28 -23.97 27.57
N LYS A 84 -2.43 -24.14 28.89
CA LYS A 84 -2.90 -23.07 29.74
C LYS A 84 -2.04 -21.80 29.61
N LYS A 85 -0.75 -21.97 29.34
CA LYS A 85 0.16 -20.84 29.15
C LYS A 85 -0.21 -19.99 27.92
N ILE A 86 -0.64 -20.66 26.85
CA ILE A 86 -1.15 -19.97 25.67
C ILE A 86 -2.42 -19.22 26.00
N VAL A 87 -3.38 -19.91 26.61
CA VAL A 87 -4.66 -19.29 26.99
C VAL A 87 -4.43 -18.06 27.84
N ASP A 88 -3.61 -18.21 28.88
CA ASP A 88 -3.45 -17.11 29.82
C ASP A 88 -2.87 -15.87 29.17
N ILE A 89 -1.83 -16.02 28.35
CA ILE A 89 -1.19 -14.83 27.73
C ILE A 89 -2.09 -14.19 26.69
N CYS A 90 -2.86 -15.00 25.95
CA CYS A 90 -3.76 -14.43 24.96
C CYS A 90 -4.90 -13.65 25.63
N LYS A 91 -5.46 -14.23 26.68
CA LYS A 91 -6.52 -13.53 27.42
C LYS A 91 -6.00 -12.28 28.12
N ALA A 92 -4.78 -12.36 28.65
CA ALA A 92 -4.20 -11.20 29.34
C ALA A 92 -4.04 -10.04 28.37
N ASN A 93 -3.89 -10.35 27.09
CA ASN A 93 -3.75 -9.30 26.08
C ASN A 93 -5.00 -8.95 25.28
N GLY A 94 -6.16 -9.39 25.78
CA GLY A 94 -7.44 -8.89 25.33
C GLY A 94 -8.20 -9.75 24.36
N ALA A 95 -7.69 -10.94 24.04
CA ALA A 95 -8.35 -11.86 23.11
C ALA A 95 -9.23 -12.88 23.82
N VAL A 96 -10.31 -13.30 23.15
CA VAL A 96 -11.03 -14.52 23.49
C VAL A 96 -10.26 -15.69 22.89
N MET A 97 -10.07 -16.74 23.68
CA MET A 97 -9.26 -17.89 23.28
C MET A 97 -10.17 -19.08 22.95
N GLY A 98 -10.06 -19.56 21.73
CA GLY A 98 -10.74 -20.78 21.34
C GLY A 98 -9.78 -21.92 21.07
N ILE A 99 -10.29 -23.14 21.14
CA ILE A 99 -9.50 -24.32 20.77
C ILE A 99 -10.26 -25.15 19.74
N GLN A 100 -9.56 -25.55 18.66
CA GLN A 100 -10.18 -26.44 17.67
C GLN A 100 -9.86 -27.89 18.04
N LEU A 101 -10.88 -28.61 18.50
CA LEU A 101 -10.74 -30.02 18.86
C LEU A 101 -10.85 -30.85 17.59
N ALA A 102 -9.84 -31.69 17.34
CA ALA A 102 -9.73 -32.34 16.04
C ALA A 102 -9.45 -33.85 16.12
N HIS A 103 -9.80 -34.52 15.02
CA HIS A 103 -9.41 -35.89 14.74
C HIS A 103 -9.25 -36.07 13.24
N ALA A 104 -8.03 -36.40 12.81
CA ALA A 104 -7.69 -36.43 11.40
C ALA A 104 -8.31 -37.61 10.65
N GLY A 105 -8.71 -38.65 11.38
CA GLY A 105 -9.26 -39.83 10.74
C GLY A 105 -8.34 -40.35 9.65
N ARG A 106 -8.90 -40.57 8.47
CA ARG A 106 -8.13 -41.20 7.40
C ARG A 106 -7.04 -40.30 6.82
N LYS A 107 -7.06 -39.01 7.15
CA LYS A 107 -5.99 -38.11 6.70
C LYS A 107 -4.86 -37.95 7.72
N CYS A 108 -4.85 -38.82 8.72
CA CYS A 108 -3.69 -38.91 9.62
C CYS A 108 -2.49 -39.28 8.76
N ASN A 109 -1.45 -38.45 8.79
CA ASN A 109 -0.29 -38.64 7.91
C ASN A 109 0.92 -39.15 8.66
N ILE A 110 0.71 -39.84 9.77
CA ILE A 110 1.80 -40.33 10.61
C ILE A 110 1.97 -41.81 10.25
N SER A 111 3.15 -42.17 9.74
CA SER A 111 3.40 -43.50 9.17
C SER A 111 3.16 -44.65 10.13
N TYR A 112 3.35 -44.40 11.43
CA TYR A 112 3.29 -45.47 12.44
C TYR A 112 2.00 -45.49 13.24
N GLU A 113 1.09 -44.57 12.95
CA GLU A 113 -0.15 -44.49 13.71
C GLU A 113 -1.22 -45.48 13.24
N ASP A 114 -2.21 -45.68 14.11
CA ASP A 114 -3.39 -46.50 13.87
C ASP A 114 -4.44 -45.64 13.16
N VAL A 115 -4.35 -45.59 11.84
CA VAL A 115 -5.22 -44.72 11.01
C VAL A 115 -6.61 -45.36 10.90
N VAL A 116 -7.62 -44.58 11.27
CA VAL A 116 -9.00 -45.04 11.31
C VAL A 116 -9.95 -44.14 10.50
N GLY A 117 -11.07 -44.73 10.08
CA GLY A 117 -12.11 -44.01 9.39
C GLY A 117 -13.43 -44.76 9.43
N PRO A 118 -14.48 -44.17 8.83
CA PRO A 118 -15.78 -44.81 8.79
C PRO A 118 -15.82 -46.02 7.84
N SER A 119 -15.11 -45.92 6.74
CA SER A 119 -15.07 -46.97 5.72
C SER A 119 -13.62 -47.12 5.22
N PRO A 120 -13.25 -48.33 4.75
CA PRO A 120 -11.87 -48.59 4.27
C PRO A 120 -11.62 -48.05 2.84
N ILE A 121 -11.45 -46.73 2.76
CA ILE A 121 -11.22 -46.01 1.51
C ILE A 121 -10.15 -44.96 1.80
N LYS A 122 -9.14 -44.87 0.94
CA LYS A 122 -8.07 -43.88 1.11
C LYS A 122 -8.48 -42.46 0.72
N ALA A 123 -7.86 -41.46 1.36
CA ALA A 123 -8.09 -40.05 1.04
C ALA A 123 -7.42 -39.66 -0.27
N GLY A 124 -6.47 -40.49 -0.69
CA GLY A 124 -5.67 -40.22 -1.90
C GLY A 124 -4.55 -41.27 -1.93
N ASP A 125 -3.84 -41.34 -3.05
CA ASP A 125 -2.86 -42.43 -3.28
C ASP A 125 -1.73 -42.45 -2.25
N ARG A 126 -1.31 -41.27 -1.81
CA ARG A 126 -0.22 -41.14 -0.82
C ARG A 126 -0.64 -41.48 0.62
N TYR A 127 -1.94 -41.65 0.87
CA TYR A 127 -2.42 -41.92 2.21
C TYR A 127 -2.53 -43.42 2.52
N LYS A 128 -2.58 -43.73 3.81
CA LYS A 128 -2.80 -45.11 4.26
C LYS A 128 -4.28 -45.50 4.11
N LEU A 129 -4.54 -46.80 3.95
CA LEU A 129 -5.91 -47.31 4.00
C LEU A 129 -6.42 -47.31 5.45
N PRO A 130 -7.48 -46.56 5.73
CA PRO A 130 -7.97 -46.49 7.09
C PRO A 130 -8.68 -47.77 7.51
N ARG A 131 -8.59 -48.15 8.77
CA ARG A 131 -9.38 -49.30 9.20
C ARG A 131 -10.74 -48.83 9.67
N GLU A 132 -11.74 -49.62 9.29
CA GLU A 132 -13.12 -49.32 9.59
C GLU A 132 -13.43 -49.45 11.08
N LEU A 133 -13.88 -48.36 11.69
CA LEU A 133 -14.16 -48.36 13.12
C LEU A 133 -15.38 -49.19 13.44
N SER A 134 -15.31 -49.93 14.54
CA SER A 134 -16.50 -50.58 15.07
C SER A 134 -17.37 -49.55 15.80
N VAL A 135 -18.63 -49.88 16.04
CA VAL A 135 -19.49 -48.97 16.79
C VAL A 135 -18.91 -48.71 18.18
N GLU A 136 -18.30 -49.74 18.77
CA GLU A 136 -17.67 -49.61 20.07
C GLU A 136 -16.50 -48.63 20.02
N GLU A 137 -15.69 -48.71 18.97
CA GLU A 137 -14.58 -47.78 18.80
C GLU A 137 -15.07 -46.34 18.55
N ILE A 138 -16.12 -46.21 17.77
CA ILE A 138 -16.72 -44.88 17.53
C ILE A 138 -17.14 -44.27 18.87
N LYS A 139 -17.77 -45.06 19.74
CA LYS A 139 -18.20 -44.56 21.03
C LYS A 139 -17.01 -44.07 21.85
N SER A 140 -15.89 -44.79 21.77
CA SER A 140 -14.69 -44.38 22.49
CA SER A 140 -14.66 -44.40 22.48
C SER A 140 -14.12 -43.06 21.97
N ILE A 141 -14.27 -42.82 20.66
CA ILE A 141 -13.78 -41.55 20.07
C ILE A 141 -14.72 -40.41 20.47
N VAL A 142 -16.02 -40.69 20.46
CA VAL A 142 -16.96 -39.73 21.06
C VAL A 142 -16.57 -39.35 22.51
N LYS A 143 -16.26 -40.35 23.33
CA LYS A 143 -15.80 -40.13 24.69
C LYS A 143 -14.49 -39.32 24.73
N ALA A 144 -13.59 -39.58 23.78
CA ALA A 144 -12.31 -38.80 23.65
C ALA A 144 -12.60 -37.32 23.39
N PHE A 145 -13.56 -37.02 22.52
CA PHE A 145 -13.94 -35.61 22.32
C PHE A 145 -14.48 -34.96 23.61
N GLY A 146 -15.27 -35.72 24.37
CA GLY A 146 -15.78 -35.24 25.67
C GLY A 146 -14.68 -34.92 26.66
N GLU A 147 -13.73 -35.83 26.81
CA GLU A 147 -12.61 -35.65 27.72
C GLU A 147 -11.74 -34.48 27.26
N ALA A 148 -11.56 -34.33 25.95
CA ALA A 148 -10.82 -33.18 25.43
C ALA A 148 -11.49 -31.86 25.79
N ALA A 149 -12.82 -31.83 25.74
CA ALA A 149 -13.56 -30.60 26.08
C ALA A 149 -13.38 -30.31 27.57
N LYS A 150 -13.39 -31.36 28.38
CA LYS A 150 -13.21 -31.25 29.82
C LYS A 150 -11.85 -30.63 30.11
N ARG A 151 -10.83 -31.16 29.45
CA ARG A 151 -9.48 -30.67 29.54
C ARG A 151 -9.37 -29.22 29.03
N ALA A 152 -10.06 -28.90 27.94
CA ALA A 152 -10.01 -27.55 27.38
C ALA A 152 -10.57 -26.56 28.40
N ASN A 153 -11.63 -26.94 29.08
CA ASN A 153 -12.21 -26.07 30.10
C ASN A 153 -11.23 -25.87 31.26
N LEU A 154 -10.53 -26.93 31.65
CA LEU A 154 -9.50 -26.83 32.71
C LEU A 154 -8.34 -25.91 32.30
N ALA A 155 -8.00 -25.90 31.01
CA ALA A 155 -6.96 -25.02 30.50
C ALA A 155 -7.42 -23.55 30.41
N GLY A 156 -8.73 -23.33 30.46
CA GLY A 156 -9.34 -21.99 30.49
C GLY A 156 -9.81 -21.44 29.16
N TYR A 157 -9.87 -22.28 28.13
CA TYR A 157 -10.36 -21.80 26.83
C TYR A 157 -11.78 -21.26 26.99
N ASP A 158 -12.09 -20.21 26.22
CA ASP A 158 -13.40 -19.56 26.25
C ASP A 158 -14.40 -20.21 25.30
N VAL A 159 -13.88 -20.72 24.18
CA VAL A 159 -14.69 -21.28 23.11
C VAL A 159 -14.12 -22.63 22.70
N VAL A 160 -15.01 -23.60 22.45
CA VAL A 160 -14.58 -24.90 21.91
C VAL A 160 -15.13 -25.00 20.48
N GLU A 161 -14.27 -25.38 19.53
CA GLU A 161 -14.71 -25.66 18.16
C GLU A 161 -14.50 -27.12 17.84
N ILE A 162 -15.53 -27.75 17.27
CA ILE A 162 -15.44 -29.14 16.82
C ILE A 162 -15.06 -29.09 15.35
N HIS A 163 -13.96 -29.76 14.98
CA HIS A 163 -13.47 -29.71 13.64
C HIS A 163 -14.15 -30.80 12.83
N ALA A 164 -15.20 -30.44 12.12
CA ALA A 164 -15.97 -31.38 11.29
C ALA A 164 -15.76 -31.17 9.80
N ALA A 165 -14.63 -30.58 9.43
CA ALA A 165 -14.34 -30.16 8.06
C ALA A 165 -13.03 -30.76 7.54
N HIS A 166 -12.70 -30.34 6.32
CA HIS A 166 -11.37 -30.52 5.69
C HIS A 166 -10.94 -31.95 5.48
N GLY A 167 -11.93 -32.81 5.30
CA GLY A 167 -11.71 -34.21 5.01
C GLY A 167 -11.30 -35.09 6.16
N TYR A 168 -11.36 -34.57 7.40
CA TYR A 168 -10.96 -35.32 8.61
C TYR A 168 -12.11 -36.23 9.13
N LEU A 169 -11.99 -36.77 10.34
CA LEU A 169 -12.83 -37.91 10.73
C LEU A 169 -14.31 -37.62 10.62
N ILE A 170 -14.77 -36.52 11.23
CA ILE A 170 -16.22 -36.26 11.26
C ILE A 170 -16.74 -36.03 9.83
N HIS A 171 -16.01 -35.23 9.05
CA HIS A 171 -16.37 -34.98 7.65
C HIS A 171 -16.46 -36.30 6.90
N GLU A 172 -15.53 -37.23 7.16
CA GLU A 172 -15.59 -38.53 6.49
C GLU A 172 -16.92 -39.27 6.77
N PHE A 173 -17.42 -39.18 7.99
CA PHE A 173 -18.75 -39.74 8.28
C PHE A 173 -19.88 -38.96 7.58
N LEU A 174 -19.74 -37.64 7.47
CA LEU A 174 -20.79 -36.83 6.86
C LEU A 174 -20.93 -37.02 5.36
N SER A 175 -19.84 -37.33 4.65
CA SER A 175 -19.93 -37.38 3.18
C SER A 175 -20.26 -38.77 2.65
N PRO A 176 -21.28 -38.86 1.78
CA PRO A 176 -21.54 -40.17 1.17
C PRO A 176 -20.38 -40.73 0.38
N LEU A 177 -19.43 -39.88 -0.04
CA LEU A 177 -18.27 -40.31 -0.83
C LEU A 177 -17.22 -41.12 -0.05
N SER A 178 -17.21 -40.94 1.27
CA SER A 178 -16.27 -41.56 2.18
C SER A 178 -16.91 -42.50 3.21
N ASN A 179 -18.23 -42.40 3.37
CA ASN A 179 -19.00 -43.18 4.30
C ASN A 179 -19.90 -44.17 3.52
N LYS A 180 -19.43 -45.41 3.42
CA LYS A 180 -20.16 -46.48 2.78
C LYS A 180 -20.76 -47.48 3.79
N ARG A 181 -20.85 -47.09 5.06
CA ARG A 181 -21.33 -47.97 6.13
C ARG A 181 -22.78 -48.36 5.92
N LYS A 182 -23.08 -49.58 6.31
CA LYS A 182 -24.45 -50.10 6.25
C LYS A 182 -25.04 -50.34 7.65
N ASP A 183 -24.37 -49.83 8.68
CA ASP A 183 -24.91 -49.86 10.03
C ASP A 183 -25.53 -48.50 10.40
N GLU A 184 -25.70 -48.25 11.69
CA GLU A 184 -26.46 -47.07 12.10
C GLU A 184 -25.67 -45.78 11.88
N TYR A 185 -24.40 -45.89 11.47
CA TYR A 185 -23.62 -44.70 11.17
C TYR A 185 -23.54 -44.38 9.68
N GLY A 186 -24.29 -45.11 8.86
CA GLY A 186 -24.28 -44.88 7.44
C GLY A 186 -25.59 -45.04 6.73
N ASN A 187 -25.50 -44.74 5.44
CA ASN A 187 -26.58 -44.78 4.48
C ASN A 187 -27.41 -43.51 4.62
N SER A 188 -28.40 -43.51 5.49
CA SER A 188 -29.33 -42.40 5.55
C SER A 188 -28.63 -41.14 6.06
N ILE A 189 -29.15 -39.98 5.69
CA ILE A 189 -28.53 -38.71 6.11
C ILE A 189 -28.52 -38.56 7.63
N GLU A 190 -29.58 -38.99 8.29
CA GLU A 190 -29.61 -38.94 9.76
C GLU A 190 -28.53 -39.85 10.39
N ASN A 191 -28.24 -40.98 9.74
CA ASN A 191 -27.19 -41.90 10.20
C ASN A 191 -25.79 -41.32 9.93
N ARG A 192 -25.63 -40.66 8.79
CA ARG A 192 -24.35 -40.01 8.46
C ARG A 192 -24.04 -38.90 9.46
N ALA A 193 -25.08 -38.25 9.97
CA ALA A 193 -24.93 -37.16 10.94
C ALA A 193 -24.72 -37.65 12.38
N ARG A 194 -24.98 -38.94 12.62
CA ARG A 194 -25.01 -39.48 13.97
C ARG A 194 -23.72 -39.21 14.75
N PHE A 195 -22.57 -39.46 14.13
CA PHE A 195 -21.29 -39.27 14.81
C PHE A 195 -21.09 -37.82 15.22
N LEU A 196 -21.35 -36.90 14.30
CA LEU A 196 -21.28 -35.46 14.62
C LEU A 196 -22.21 -35.10 15.78
N ILE A 197 -23.45 -35.56 15.70
CA ILE A 197 -24.43 -35.30 16.75
C ILE A 197 -23.94 -35.85 18.10
N GLU A 198 -23.41 -37.08 18.11
CA GLU A 198 -22.93 -37.68 19.35
C GLU A 198 -21.73 -36.92 19.92
N VAL A 199 -20.85 -36.45 19.04
CA VAL A 199 -19.70 -35.68 19.47
C VAL A 199 -20.16 -34.36 20.14
N ILE A 200 -21.09 -33.65 19.50
CA ILE A 200 -21.62 -32.41 20.07
C ILE A 200 -22.27 -32.67 21.45
N ASP A 201 -23.09 -33.71 21.52
CA ASP A 201 -23.74 -34.07 22.78
C ASP A 201 -22.73 -34.37 23.91
N GLU A 202 -21.67 -35.11 23.59
CA GLU A 202 -20.66 -35.46 24.57
C GLU A 202 -19.82 -34.23 24.96
N VAL A 203 -19.50 -33.37 24.00
CA VAL A 203 -18.80 -32.13 24.33
C VAL A 203 -19.65 -31.30 25.31
N ARG A 204 -20.96 -31.22 25.05
CA ARG A 204 -21.86 -30.45 25.91
C ARG A 204 -21.91 -30.98 27.35
N LYS A 205 -21.82 -32.29 27.53
CA LYS A 205 -21.75 -32.87 28.86
C LYS A 205 -20.50 -32.45 29.60
N ASN A 206 -19.48 -32.00 28.86
CA ASN A 206 -18.18 -31.70 29.43
C ASN A 206 -17.76 -30.23 29.29
N TRP A 207 -18.67 -29.39 28.85
CA TRP A 207 -18.37 -27.99 28.49
C TRP A 207 -19.42 -27.08 29.15
N PRO A 208 -18.98 -26.05 29.89
CA PRO A 208 -19.92 -25.19 30.60
C PRO A 208 -21.01 -24.62 29.70
N GLU A 209 -22.25 -24.64 30.17
CA GLU A 209 -23.39 -24.19 29.36
C GLU A 209 -23.34 -22.72 28.96
N ASN A 210 -22.57 -21.92 29.68
CA ASN A 210 -22.43 -20.51 29.41
C ASN A 210 -21.24 -20.13 28.52
N LYS A 211 -20.55 -21.14 27.97
CA LYS A 211 -19.46 -20.93 27.00
C LYS A 211 -19.90 -21.47 25.64
N PRO A 212 -19.53 -20.76 24.54
CA PRO A 212 -19.92 -21.12 23.18
C PRO A 212 -19.29 -22.42 22.67
N ILE A 213 -20.03 -23.09 21.79
CA ILE A 213 -19.52 -24.20 20.97
C ILE A 213 -19.64 -23.79 19.49
N PHE A 214 -18.53 -23.82 18.77
CA PHE A 214 -18.53 -23.62 17.32
C PHE A 214 -18.37 -24.99 16.64
N VAL A 215 -18.78 -25.08 15.38
CA VAL A 215 -18.50 -26.26 14.56
C VAL A 215 -17.97 -25.79 13.23
N ARG A 216 -16.79 -26.28 12.85
CA ARG A 216 -16.25 -26.00 11.52
C ARG A 216 -16.67 -27.12 10.58
N VAL A 217 -17.22 -26.74 9.43
CA VAL A 217 -17.73 -27.69 8.44
C VAL A 217 -17.17 -27.38 7.03
N SER A 218 -17.10 -28.43 6.21
CA SER A 218 -16.91 -28.29 4.76
C SER A 218 -18.28 -28.37 4.09
N ALA A 219 -18.74 -27.24 3.54
CA ALA A 219 -20.09 -27.16 2.98
C ALA A 219 -20.20 -27.67 1.52
N ASP A 220 -19.08 -28.09 0.94
CA ASP A 220 -19.06 -28.60 -0.43
C ASP A 220 -17.86 -29.52 -0.59
N ASP A 221 -18.10 -30.71 -1.13
CA ASP A 221 -17.04 -31.63 -1.54
C ASP A 221 -16.59 -31.40 -3.01
N TYR A 222 -17.34 -30.55 -3.72
CA TYR A 222 -17.10 -30.22 -5.13
C TYR A 222 -17.12 -31.47 -6.05
N MET A 223 -17.95 -32.44 -5.69
CA MET A 223 -18.06 -33.71 -6.41
CA MET A 223 -18.07 -33.67 -6.45
C MET A 223 -19.49 -34.24 -6.38
N GLU A 224 -19.99 -34.70 -7.54
CA GLU A 224 -21.31 -35.32 -7.59
CA GLU A 224 -21.30 -35.35 -7.62
C GLU A 224 -21.42 -36.43 -6.55
N GLY A 225 -22.52 -36.43 -5.80
CA GLY A 225 -22.78 -37.42 -4.77
C GLY A 225 -22.23 -37.08 -3.39
N GLY A 226 -21.38 -36.06 -3.31
CA GLY A 226 -20.85 -35.62 -2.04
C GLY A 226 -21.66 -34.51 -1.39
N ILE A 227 -21.09 -33.94 -0.34
CA ILE A 227 -21.72 -32.84 0.35
C ILE A 227 -21.85 -31.65 -0.62
N ASN A 228 -23.00 -31.00 -0.57
CA ASN A 228 -23.20 -29.70 -1.21
C ASN A 228 -23.93 -28.80 -0.21
N ILE A 229 -24.15 -27.55 -0.58
CA ILE A 229 -24.68 -26.58 0.38
C ILE A 229 -26.04 -27.01 0.95
N ASP A 230 -26.89 -27.61 0.10
CA ASP A 230 -28.19 -28.04 0.56
C ASP A 230 -28.06 -29.17 1.60
N MET A 231 -27.13 -30.09 1.38
CA MET A 231 -26.92 -31.19 2.32
C MET A 231 -26.39 -30.63 3.64
N MET A 232 -25.47 -29.66 3.57
CA MET A 232 -24.93 -29.07 4.79
C MET A 232 -25.99 -28.28 5.56
N VAL A 233 -26.87 -27.60 4.84
CA VAL A 233 -28.02 -26.94 5.48
C VAL A 233 -28.84 -27.97 6.30
N GLU A 234 -29.08 -29.14 5.72
CA GLU A 234 -29.75 -30.22 6.44
C GLU A 234 -29.01 -30.61 7.72
N TYR A 235 -27.70 -30.82 7.63
CA TYR A 235 -26.94 -31.16 8.80
C TYR A 235 -26.98 -30.05 9.87
N ILE A 236 -26.83 -28.81 9.46
CA ILE A 236 -26.81 -27.70 10.43
C ILE A 236 -28.17 -27.62 11.13
N ASN A 237 -29.24 -27.87 10.38
CA ASN A 237 -30.58 -27.89 10.99
C ASN A 237 -30.71 -28.98 12.08
N MET A 238 -29.93 -30.05 11.96
CA MET A 238 -29.93 -31.08 13.01
C MET A 238 -29.21 -30.70 14.29
N ILE A 239 -28.32 -29.70 14.23
CA ILE A 239 -27.48 -29.39 15.39
C ILE A 239 -27.60 -27.95 15.91
N LYS A 240 -28.38 -27.13 15.22
CA LYS A 240 -28.36 -25.68 15.47
C LYS A 240 -28.87 -25.29 16.84
N ASP A 241 -29.71 -26.13 17.44
CA ASP A 241 -30.18 -25.84 18.80
C ASP A 241 -29.18 -26.24 19.89
N LYS A 242 -28.06 -26.84 19.48
CA LYS A 242 -27.01 -27.31 20.40
C LYS A 242 -25.67 -26.57 20.27
N VAL A 243 -25.51 -25.79 19.21
CA VAL A 243 -24.27 -25.04 18.99
C VAL A 243 -24.56 -23.58 18.64
N ASP A 244 -23.53 -22.75 18.70
CA ASP A 244 -23.71 -21.29 18.70
C ASP A 244 -23.32 -20.60 17.39
N LEU A 245 -22.41 -21.23 16.65
CA LEU A 245 -21.87 -20.60 15.43
C LEU A 245 -21.25 -21.65 14.55
N ILE A 246 -21.51 -21.54 13.24
CA ILE A 246 -20.90 -22.44 12.27
C ILE A 246 -19.76 -21.70 11.56
N ASP A 247 -18.56 -22.29 11.65
CA ASP A 247 -17.33 -21.74 11.06
C ASP A 247 -17.27 -22.41 9.69
N VAL A 248 -17.64 -21.67 8.65
CA VAL A 248 -17.95 -22.33 7.36
C VAL A 248 -16.75 -22.36 6.40
N SER A 249 -16.36 -23.57 6.01
CA SER A 249 -15.28 -23.78 5.04
C SER A 249 -15.78 -24.74 3.94
N SER A 250 -14.86 -25.37 3.21
CA SER A 250 -15.24 -26.33 2.15
C SER A 250 -14.05 -27.20 1.80
N GLY A 251 -14.30 -28.29 1.07
CA GLY A 251 -13.24 -29.11 0.53
C GLY A 251 -12.51 -29.96 1.55
N GLY A 252 -11.43 -30.61 1.08
CA GLY A 252 -10.55 -31.42 1.92
C GLY A 252 -10.73 -32.94 1.86
N LEU A 253 -11.92 -33.41 1.51
CA LEU A 253 -12.22 -34.87 1.58
C LEU A 253 -11.37 -35.65 0.54
N LEU A 254 -11.39 -35.16 -0.68
CA LEU A 254 -10.66 -35.73 -1.81
C LEU A 254 -10.04 -34.58 -2.59
N ASN A 255 -8.93 -34.86 -3.29
CA ASN A 255 -8.34 -33.85 -4.15
C ASN A 255 -9.26 -33.51 -5.31
N VAL A 256 -9.58 -32.23 -5.42
CA VAL A 256 -10.42 -31.67 -6.47
C VAL A 256 -9.83 -30.32 -6.86
N ASP A 257 -9.83 -30.03 -8.16
CA ASP A 257 -9.35 -28.74 -8.66
C ASP A 257 -10.44 -27.68 -8.47
N ILE A 258 -10.27 -26.86 -7.42
CA ILE A 258 -11.25 -25.85 -6.99
C ILE A 258 -10.85 -24.47 -7.55
N ASN A 259 -11.82 -23.68 -7.98
CA ASN A 259 -11.58 -22.29 -8.36
CA ASN A 259 -11.58 -22.31 -8.37
C ASN A 259 -11.31 -21.50 -7.09
N LEU A 260 -10.10 -20.95 -6.96
CA LEU A 260 -9.72 -20.18 -5.77
C LEU A 260 -9.68 -18.68 -6.08
N TYR A 261 -10.33 -17.89 -5.23
CA TYR A 261 -10.43 -16.45 -5.38
C TYR A 261 -10.89 -15.84 -4.04
N PRO A 262 -10.72 -14.51 -3.87
CA PRO A 262 -11.14 -13.94 -2.58
C PRO A 262 -12.63 -14.14 -2.31
N GLY A 263 -12.96 -14.62 -1.11
CA GLY A 263 -14.35 -14.84 -0.74
C GLY A 263 -14.98 -16.09 -1.36
N TYR A 264 -14.15 -17.01 -1.85
CA TYR A 264 -14.68 -18.23 -2.52
C TYR A 264 -15.56 -19.12 -1.66
N GLN A 265 -15.54 -18.94 -0.33
CA GLN A 265 -16.40 -19.72 0.54
C GLN A 265 -17.48 -18.88 1.23
N VAL A 266 -17.56 -17.60 0.87
CA VAL A 266 -18.51 -16.70 1.53
C VAL A 266 -19.97 -17.05 1.23
N LYS A 267 -20.27 -17.48 0.01
CA LYS A 267 -21.65 -17.87 -0.31
C LYS A 267 -22.16 -19.01 0.58
N TYR A 268 -21.30 -19.94 0.95
CA TYR A 268 -21.70 -21.02 1.85
C TYR A 268 -22.05 -20.44 3.23
N ALA A 269 -21.24 -19.52 3.73
CA ALA A 269 -21.48 -18.90 5.05
C ALA A 269 -22.79 -18.12 5.09
N GLU A 270 -23.09 -17.42 4.00
CA GLU A 270 -24.32 -16.62 3.91
CA GLU A 270 -24.32 -16.61 3.98
C GLU A 270 -25.54 -17.51 3.84
N THR A 271 -25.43 -18.57 3.04
CA THR A 271 -26.56 -19.47 2.83
C THR A 271 -26.90 -20.22 4.13
N ILE A 272 -25.89 -20.69 4.85
CA ILE A 272 -26.14 -21.35 6.12
C ILE A 272 -26.73 -20.36 7.14
N LYS A 273 -26.17 -19.15 7.18
CA LYS A 273 -26.66 -18.11 8.07
C LYS A 273 -28.14 -17.81 7.84
N LYS A 274 -28.52 -17.65 6.58
CA LYS A 274 -29.90 -17.27 6.23
C LYS A 274 -30.86 -18.43 6.31
N ARG A 275 -30.49 -19.59 5.80
CA ARG A 275 -31.45 -20.71 5.77
CA ARG A 275 -31.44 -20.73 5.76
C ARG A 275 -31.61 -21.38 7.12
N CYS A 276 -30.54 -21.41 7.92
CA CYS A 276 -30.56 -22.06 9.23
C CYS A 276 -30.80 -21.09 10.40
N ASN A 277 -30.78 -19.79 10.15
CA ASN A 277 -30.99 -18.79 11.20
C ASN A 277 -29.97 -18.98 12.33
N ILE A 278 -28.71 -19.13 11.94
CA ILE A 278 -27.62 -19.38 12.87
C ILE A 278 -26.47 -18.42 12.54
N LYS A 279 -25.66 -18.10 13.55
CA LYS A 279 -24.47 -17.28 13.30
C LYS A 279 -23.46 -18.09 12.50
N THR A 280 -22.71 -17.40 11.62
CA THR A 280 -21.62 -18.03 10.90
C THR A 280 -20.36 -17.16 10.85
N SER A 281 -19.24 -17.82 10.58
CA SER A 281 -18.01 -17.12 10.23
CA SER A 281 -17.99 -17.15 10.25
C SER A 281 -17.63 -17.46 8.80
N ALA A 282 -17.09 -16.47 8.10
CA ALA A 282 -16.61 -16.66 6.71
C ALA A 282 -15.09 -16.69 6.73
N VAL A 283 -14.52 -17.52 5.85
CA VAL A 283 -13.07 -17.66 5.73
C VAL A 283 -12.72 -18.05 4.31
N GLY A 284 -11.56 -17.59 3.86
CA GLY A 284 -10.98 -18.07 2.60
C GLY A 284 -10.56 -16.94 1.66
N LEU A 285 -9.26 -16.66 1.66
CA LEU A 285 -8.62 -15.67 0.80
C LEU A 285 -9.16 -14.26 0.98
N ILE A 286 -9.58 -13.96 2.21
CA ILE A 286 -9.97 -12.63 2.63
C ILE A 286 -8.74 -11.94 3.25
N THR A 287 -8.35 -10.78 2.72
CA THR A 287 -7.14 -10.07 3.20
C THR A 287 -7.33 -8.59 3.46
N THR A 288 -8.37 -7.99 2.88
CA THR A 288 -8.62 -6.54 2.98
C THR A 288 -9.71 -6.15 3.99
N GLN A 289 -9.50 -4.98 4.59
CA GLN A 289 -10.54 -4.37 5.41
C GLN A 289 -11.80 -4.18 4.59
N GLU A 290 -11.64 -3.81 3.32
CA GLU A 290 -12.79 -3.56 2.45
C GLU A 290 -13.70 -4.79 2.33
N LEU A 291 -13.12 -5.93 1.97
CA LEU A 291 -13.93 -7.13 1.82
C LEU A 291 -14.49 -7.59 3.17
N ALA A 292 -13.69 -7.49 4.24
CA ALA A 292 -14.21 -7.83 5.59
C ALA A 292 -15.46 -7.03 5.92
N GLU A 293 -15.41 -5.72 5.65
CA GLU A 293 -16.54 -4.82 5.94
C GLU A 293 -17.74 -5.15 5.08
N GLU A 294 -17.50 -5.45 3.80
CA GLU A 294 -18.61 -5.86 2.91
C GLU A 294 -19.31 -7.11 3.42
N ILE A 295 -18.53 -8.10 3.84
CA ILE A 295 -19.08 -9.37 4.30
C ILE A 295 -20.01 -9.13 5.50
N LEU A 296 -19.53 -8.35 6.47
CA LEU A 296 -20.28 -8.12 7.69
C LEU A 296 -21.48 -7.22 7.44
N SER A 297 -21.29 -6.15 6.66
CA SER A 297 -22.36 -5.19 6.42
C SER A 297 -23.52 -5.71 5.56
N ASN A 298 -23.20 -6.59 4.60
CA ASN A 298 -24.20 -7.26 3.77
C ASN A 298 -24.78 -8.53 4.45
N GLU A 299 -24.43 -8.72 5.72
CA GLU A 299 -24.98 -9.78 6.55
C GLU A 299 -24.73 -11.17 5.98
N ARG A 300 -23.52 -11.37 5.45
CA ARG A 300 -23.11 -12.63 4.85
CA ARG A 300 -23.11 -12.62 4.84
C ARG A 300 -22.50 -13.56 5.89
N ALA A 301 -22.02 -12.98 6.99
CA ALA A 301 -21.48 -13.70 8.15
C ALA A 301 -21.47 -12.79 9.37
N ASP A 302 -21.29 -13.38 10.54
CA ASP A 302 -21.19 -12.64 11.80
C ASP A 302 -19.75 -12.37 12.26
N LEU A 303 -18.82 -13.24 11.84
CA LEU A 303 -17.40 -13.07 12.06
C LEU A 303 -16.68 -13.24 10.72
N VAL A 304 -15.54 -12.55 10.58
CA VAL A 304 -14.64 -12.75 9.47
C VAL A 304 -13.37 -13.39 10.02
N ALA A 305 -13.03 -14.55 9.47
CA ALA A 305 -11.82 -15.28 9.88
C ALA A 305 -10.70 -15.02 8.88
N LEU A 306 -9.54 -14.66 9.41
CA LEU A 306 -8.31 -14.46 8.62
C LEU A 306 -7.31 -15.54 9.01
N GLY A 307 -6.75 -16.19 8.00
CA GLY A 307 -5.72 -17.18 8.17
C GLY A 307 -4.38 -16.62 7.73
N ARG A 308 -4.02 -16.83 6.49
CA ARG A 308 -2.69 -16.45 6.01
C ARG A 308 -2.42 -14.96 6.21
N GLU A 309 -3.43 -14.11 6.08
CA GLU A 309 -3.15 -12.67 6.26
C GLU A 309 -2.60 -12.38 7.66
N LEU A 310 -3.11 -13.10 8.67
CA LEU A 310 -2.59 -12.92 10.03
C LEU A 310 -1.24 -13.57 10.27
N LEU A 311 -0.82 -14.48 9.40
CA LEU A 311 0.55 -14.98 9.46
C LEU A 311 1.52 -13.90 8.99
N ARG A 312 1.22 -13.27 7.86
CA ARG A 312 2.15 -12.27 7.33
C ARG A 312 1.99 -10.87 7.91
N ASN A 313 0.81 -10.58 8.48
CA ASN A 313 0.42 -9.24 8.91
C ASN A 313 -0.30 -9.37 10.27
N PRO A 314 0.45 -9.74 11.32
CA PRO A 314 -0.18 -10.07 12.59
C PRO A 314 -0.95 -8.94 13.25
N TYR A 315 -0.59 -7.70 12.93
CA TYR A 315 -1.23 -6.52 13.55
C TYR A 315 -2.28 -5.89 12.65
N TRP A 316 -2.82 -6.68 11.72
CA TRP A 316 -3.90 -6.25 10.82
C TRP A 316 -4.98 -5.47 11.52
N VAL A 317 -5.46 -5.97 12.66
CA VAL A 317 -6.58 -5.29 13.34
C VAL A 317 -6.16 -3.91 13.85
N LEU A 318 -4.94 -3.79 14.39
CA LEU A 318 -4.47 -2.48 14.91
C LEU A 318 -4.51 -1.42 13.81
N HIS A 319 -4.19 -1.84 12.59
CA HIS A 319 -4.12 -0.92 11.47
C HIS A 319 -5.51 -0.39 11.08
N THR A 320 -6.57 -1.06 11.54
CA THR A 320 -7.93 -0.60 11.27
C THR A 320 -8.45 0.41 12.29
N TYR A 321 -7.74 0.58 13.41
CA TYR A 321 -8.20 1.48 14.46
C TYR A 321 -8.00 2.92 14.06
N THR A 322 -8.93 3.79 14.49
CA THR A 322 -8.91 5.19 14.08
C THR A 322 -8.46 6.14 15.18
N SER A 323 -8.12 5.58 16.34
CA SER A 323 -7.67 6.36 17.49
C SER A 323 -6.48 5.67 18.16
N LYS A 324 -5.50 6.46 18.62
CA LYS A 324 -4.31 5.90 19.29
C LYS A 324 -4.67 5.18 20.58
N GLU A 325 -5.76 5.60 21.24
CA GLU A 325 -6.17 4.97 22.49
C GLU A 325 -6.64 3.51 22.31
N ASP A 326 -6.89 3.10 21.07
CA ASP A 326 -7.30 1.72 20.79
C ASP A 326 -6.09 0.77 20.73
N TRP A 327 -4.92 1.35 20.54
CA TRP A 327 -3.66 0.57 20.48
C TRP A 327 -3.21 0.14 21.87
N PRO A 328 -2.39 -0.92 21.95
CA PRO A 328 -1.74 -1.24 23.23
C PRO A 328 -0.95 -0.02 23.69
N LYS A 329 -0.98 0.26 24.99
CA LYS A 329 -0.40 1.51 25.48
C LYS A 329 1.08 1.61 25.11
N GLN A 330 1.77 0.48 25.14
CA GLN A 330 3.20 0.45 24.82
C GLN A 330 3.49 0.93 23.40
N TYR A 331 2.52 0.79 22.51
CA TYR A 331 2.70 1.09 21.08
C TYR A 331 1.96 2.33 20.58
N GLU A 332 1.30 3.04 21.49
CA GLU A 332 0.46 4.15 21.05
C GLU A 332 1.24 5.25 20.33
N ARG A 333 2.53 5.39 20.62
CA ARG A 333 3.41 6.32 19.89
C ARG A 333 3.56 6.01 18.39
N ALA A 334 3.18 4.79 18.02
CA ALA A 334 3.29 4.34 16.63
C ALA A 334 2.00 4.53 15.83
N PHE A 335 0.92 4.98 16.48
CA PHE A 335 -0.29 5.28 15.76
C PHE A 335 -0.03 6.42 14.77
N LYS A 336 -0.50 6.26 13.53
CA LYS A 336 -0.19 7.24 12.48
C LYS A 336 -1.46 7.65 11.73
N SER B 2 18.45 -7.26 -1.93
CA SER B 2 18.53 -5.86 -1.42
C SER B 2 19.81 -5.69 -0.63
N ILE B 3 20.40 -4.48 -0.68
CA ILE B 3 21.58 -4.18 0.17
C ILE B 3 21.24 -4.34 1.66
N LEU B 4 19.97 -4.16 1.97
CA LEU B 4 19.56 -4.32 3.37
CA LEU B 4 19.43 -4.38 3.32
C LEU B 4 19.77 -5.77 3.83
N HIS B 5 19.87 -6.72 2.88
CA HIS B 5 20.04 -8.13 3.23
C HIS B 5 21.49 -8.56 3.30
N MET B 6 22.43 -7.63 3.17
CA MET B 6 23.85 -7.98 3.24
C MET B 6 24.29 -8.06 4.69
N PRO B 7 25.01 -9.12 5.08
CA PRO B 7 25.49 -9.17 6.48
C PRO B 7 26.52 -8.10 6.85
N LEU B 8 26.66 -7.88 8.15
CA LEU B 8 27.66 -6.95 8.67
C LEU B 8 28.33 -7.67 9.81
N LYS B 9 29.62 -7.94 9.66
CA LYS B 9 30.38 -8.57 10.73
C LYS B 9 31.15 -7.52 11.52
N ILE B 10 30.93 -7.50 12.83
CA ILE B 10 31.64 -6.60 13.73
C ILE B 10 32.31 -7.45 14.80
N LYS B 11 33.64 -7.44 14.83
CA LYS B 11 34.41 -8.37 15.65
C LYS B 11 33.95 -9.79 15.32
N ASP B 12 33.59 -10.62 16.30
CA ASP B 12 33.18 -12.00 16.03
C ASP B 12 31.67 -12.15 15.81
N ILE B 13 30.94 -11.04 15.82
CA ILE B 13 29.47 -11.08 15.69
C ILE B 13 29.06 -10.74 14.28
N THR B 14 28.29 -11.62 13.64
CA THR B 14 27.73 -11.37 12.32
C THR B 14 26.26 -11.06 12.42
N ILE B 15 25.90 -9.86 11.98
CA ILE B 15 24.50 -9.41 11.93
C ILE B 15 24.04 -9.80 10.53
N LYS B 16 22.92 -10.52 10.42
CA LYS B 16 22.53 -11.09 9.12
C LYS B 16 21.99 -10.12 8.10
N ASN B 17 21.59 -8.93 8.54
CA ASN B 17 21.09 -7.90 7.65
C ASN B 17 21.36 -6.53 8.31
N ARG B 18 20.97 -5.46 7.64
CA ARG B 18 21.32 -4.09 8.08
C ARG B 18 20.21 -3.36 8.87
N ILE B 19 19.22 -4.11 9.36
CA ILE B 19 18.14 -3.52 10.15
C ILE B 19 18.33 -3.78 11.64
N MET B 20 18.38 -2.68 12.38
CA MET B 20 18.41 -2.74 13.85
C MET B 20 17.06 -2.27 14.38
N MET B 21 16.51 -2.99 15.35
CA MET B 21 15.36 -2.47 16.09
C MET B 21 15.93 -1.47 17.09
N SER B 22 15.54 -0.22 16.94
CA SER B 22 16.00 0.87 17.80
C SER B 22 15.55 0.63 19.24
N PRO B 23 16.40 0.99 20.21
CA PRO B 23 16.00 0.78 21.61
C PRO B 23 14.83 1.66 21.97
N MET B 24 13.76 1.05 22.48
CA MET B 24 12.53 1.77 22.83
C MET B 24 11.98 1.23 24.15
N CYS B 25 11.97 2.11 25.15
CA CYS B 25 11.38 1.81 26.44
C CYS B 25 9.93 1.38 26.32
N MET B 26 9.58 0.35 27.08
CA MET B 26 8.23 -0.20 27.06
C MET B 26 7.45 0.05 28.35
N TYR B 27 8.14 0.57 29.37
CA TYR B 27 7.50 1.00 30.64
C TYR B 27 6.59 -0.11 31.20
N SER B 28 7.07 -1.35 31.12
CA SER B 28 6.28 -2.55 31.47
C SER B 28 6.95 -3.49 32.48
N ALA B 29 8.11 -3.08 33.01
CA ALA B 29 8.80 -3.84 34.04
C ALA B 29 8.20 -3.56 35.40
N SER B 30 8.56 -4.42 36.36
CA SER B 30 8.25 -4.21 37.78
C SER B 30 9.09 -3.08 38.35
N THR B 31 8.75 -2.64 39.56
CA THR B 31 9.56 -1.62 40.25
C THR B 31 10.92 -2.18 40.71
N ASP B 32 11.10 -3.49 40.60
CA ASP B 32 12.41 -4.11 40.85
C ASP B 32 13.22 -4.28 39.56
N GLY B 33 12.72 -3.70 38.47
CA GLY B 33 13.41 -3.73 37.18
C GLY B 33 13.36 -5.05 36.41
N MET B 34 12.46 -5.96 36.80
CA MET B 34 12.43 -7.28 36.21
C MET B 34 11.56 -7.30 34.96
N PRO B 35 12.03 -8.01 33.92
CA PRO B 35 11.22 -8.20 32.72
C PRO B 35 10.12 -9.19 33.03
N ASN B 36 9.15 -9.27 32.13
CA ASN B 36 8.09 -10.27 32.24
C ASN B 36 7.71 -10.75 30.85
N ASP B 37 6.64 -11.56 30.76
CA ASP B 37 6.33 -12.21 29.48
C ASP B 37 5.97 -11.16 28.44
N TRP B 38 5.56 -9.98 28.87
CA TRP B 38 5.29 -8.95 27.90
C TRP B 38 6.58 -8.61 27.12
N HIS B 39 7.70 -8.43 27.82
CA HIS B 39 8.96 -8.12 27.12
C HIS B 39 9.41 -9.26 26.23
N ILE B 40 9.25 -10.48 26.72
CA ILE B 40 9.76 -11.63 26.00
C ILE B 40 9.02 -11.75 24.66
N VAL B 41 7.70 -11.60 24.71
CA VAL B 41 6.93 -11.67 23.46
C VAL B 41 7.25 -10.47 22.54
N HIS B 42 7.35 -9.29 23.13
CA HIS B 42 7.62 -8.06 22.36
C HIS B 42 8.90 -8.15 21.54
N TYR B 43 9.99 -8.58 22.17
CA TYR B 43 11.25 -8.73 21.45
C TYR B 43 11.27 -9.95 20.51
N ALA B 44 10.74 -11.08 20.98
CA ALA B 44 10.72 -12.30 20.15
C ALA B 44 9.97 -12.05 18.83
N THR B 45 8.91 -11.27 18.89
CA THR B 45 8.08 -10.98 17.72
C THR B 45 8.93 -10.38 16.60
N ARG B 46 9.82 -9.45 16.96
CA ARG B 46 10.69 -8.82 15.94
C ARG B 46 11.84 -9.71 15.45
N ALA B 47 12.27 -10.66 16.29
CA ALA B 47 13.22 -11.69 15.89
C ALA B 47 12.57 -12.58 14.83
N ILE B 48 11.37 -13.07 15.15
N ILE B 48 11.37 -13.04 15.11
CA ILE B 48 10.51 -13.79 14.21
CA ILE B 48 10.63 -13.84 14.14
C ILE B 48 10.35 -12.99 12.91
C ILE B 48 10.33 -13.00 12.87
N GLY B 49 10.12 -11.69 13.04
CA GLY B 49 9.97 -10.80 11.90
C GLY B 49 11.24 -10.48 11.12
N GLY B 50 12.38 -11.06 11.49
CA GLY B 50 13.60 -10.98 10.69
C GLY B 50 14.61 -9.90 11.01
N VAL B 51 14.38 -9.15 12.10
CA VAL B 51 15.28 -8.06 12.43
C VAL B 51 16.69 -8.63 12.68
N GLY B 52 17.71 -7.96 12.11
CA GLY B 52 19.09 -8.45 12.24
C GLY B 52 19.66 -8.26 13.64
N LEU B 53 19.47 -7.06 14.17
CA LEU B 53 19.99 -6.72 15.50
C LEU B 53 18.87 -6.10 16.33
N ILE B 54 18.46 -6.78 17.40
CA ILE B 54 17.42 -6.26 18.30
C ILE B 54 18.15 -5.58 19.44
N MET B 55 18.04 -4.26 19.51
CA MET B 55 18.61 -3.51 20.64
C MET B 55 17.56 -3.35 21.72
N GLN B 56 17.78 -4.03 22.84
CA GLN B 56 16.92 -3.88 24.00
C GLN B 56 16.89 -2.43 24.50
N GLU B 57 15.70 -2.01 24.95
CA GLU B 57 15.42 -0.73 25.56
C GLU B 57 16.41 -0.38 26.65
N ALA B 58 16.50 0.91 26.96
CA ALA B 58 17.34 1.45 28.03
C ALA B 58 17.17 0.62 29.28
N THR B 59 18.27 -0.01 29.69
CA THR B 59 18.30 -0.91 30.86
C THR B 59 19.24 -0.31 31.89
N ALA B 60 18.70 0.06 33.04
CA ALA B 60 19.36 0.96 34.00
C ALA B 60 20.48 0.24 34.74
N VAL B 61 21.66 0.88 34.80
CA VAL B 61 22.82 0.29 35.48
C VAL B 61 22.82 0.53 37.00
N GLU B 62 21.93 1.42 37.46
CA GLU B 62 21.62 1.66 38.88
C GLU B 62 20.12 1.99 38.97
N SER B 63 19.48 1.73 40.12
CA SER B 63 18.06 2.04 40.24
C SER B 63 17.79 3.54 40.08
N ARG B 64 18.72 4.38 40.54
CA ARG B 64 18.56 5.83 40.37
C ARG B 64 18.86 6.29 38.94
N GLY B 65 19.33 5.36 38.11
CA GLY B 65 19.59 5.60 36.68
C GLY B 65 18.45 5.18 35.78
N ARG B 66 17.37 4.71 36.37
CA ARG B 66 16.14 4.47 35.61
C ARG B 66 15.48 5.77 35.15
N ILE B 67 14.75 5.72 34.04
CA ILE B 67 13.91 6.84 33.60
C ILE B 67 12.60 6.84 34.40
N THR B 68 11.97 5.66 34.46
CA THR B 68 10.75 5.45 35.25
C THR B 68 10.91 4.19 36.10
N ASP B 69 10.02 4.00 37.06
CA ASP B 69 10.08 2.82 37.90
C ASP B 69 9.38 1.59 37.29
N HIS B 70 9.08 1.66 35.99
CA HIS B 70 8.71 0.48 35.20
C HIS B 70 9.74 0.16 34.09
N ASP B 71 10.96 0.64 34.29
CA ASP B 71 12.05 0.33 33.38
C ASP B 71 12.74 -0.98 33.73
N LEU B 72 13.33 -1.62 32.73
CA LEU B 72 14.24 -2.75 32.92
C LEU B 72 15.52 -2.31 33.64
N GLY B 73 16.06 -3.22 34.46
CA GLY B 73 17.33 -2.98 35.14
C GLY B 73 18.33 -4.09 34.95
N ILE B 74 19.61 -3.75 35.16
CA ILE B 74 20.69 -4.71 35.19
C ILE B 74 21.71 -4.28 36.25
N TRP B 75 21.18 -3.77 37.35
CA TRP B 75 21.99 -3.31 38.47
C TRP B 75 22.23 -4.37 39.53
N ASN B 76 21.60 -5.55 39.39
CA ASN B 76 21.89 -6.64 40.31
C ASN B 76 21.92 -7.98 39.62
N ASP B 77 22.51 -8.96 40.30
CA ASP B 77 22.72 -10.26 39.68
C ASP B 77 21.42 -11.04 39.46
N GLU B 78 20.39 -10.75 40.24
CA GLU B 78 19.09 -11.43 40.11
C GLU B 78 18.37 -11.11 38.80
N GLN B 79 18.66 -9.93 38.23
CA GLN B 79 18.08 -9.53 36.95
C GLN B 79 18.62 -10.35 35.77
N VAL B 80 19.84 -10.86 35.90
CA VAL B 80 20.50 -11.61 34.81
C VAL B 80 19.66 -12.80 34.32
N LYS B 81 19.20 -13.65 35.23
CA LYS B 81 18.46 -14.87 34.87
C LYS B 81 17.19 -14.55 34.08
N GLU B 82 16.55 -13.44 34.44
CA GLU B 82 15.33 -13.02 33.78
C GLU B 82 15.60 -12.38 32.42
N LEU B 83 16.61 -11.52 32.34
CA LEU B 83 16.96 -10.92 31.04
C LEU B 83 17.43 -12.01 30.06
N LYS B 84 18.06 -13.04 30.59
CA LYS B 84 18.55 -14.12 29.75
C LYS B 84 17.41 -14.77 28.95
N LYS B 85 16.19 -14.76 29.49
CA LYS B 85 15.02 -15.30 28.77
C LYS B 85 14.74 -14.54 27.48
N ILE B 86 14.91 -13.22 27.53
CA ILE B 86 14.76 -12.38 26.33
C ILE B 86 15.88 -12.75 25.33
N VAL B 87 17.11 -12.77 25.81
CA VAL B 87 18.25 -13.08 24.96
C VAL B 87 18.09 -14.42 24.24
N ASP B 88 17.70 -15.44 24.99
CA ASP B 88 17.68 -16.81 24.46
C ASP B 88 16.62 -16.94 23.37
N ILE B 89 15.44 -16.38 23.61
CA ILE B 89 14.37 -16.55 22.62
C ILE B 89 14.68 -15.76 21.34
N CYS B 90 15.30 -14.58 21.46
CA CYS B 90 15.61 -13.78 20.29
C CYS B 90 16.69 -14.45 19.48
N LYS B 91 17.73 -14.93 20.14
CA LYS B 91 18.81 -15.64 19.43
C LYS B 91 18.28 -16.94 18.80
N ALA B 92 17.39 -17.63 19.49
CA ALA B 92 16.81 -18.88 18.97
C ALA B 92 16.04 -18.60 17.68
N ASN B 93 15.46 -17.42 17.59
CA ASN B 93 14.68 -17.04 16.42
C ASN B 93 15.42 -16.21 15.39
N GLY B 94 16.74 -16.14 15.53
CA GLY B 94 17.64 -15.73 14.46
C GLY B 94 18.20 -14.32 14.53
N ALA B 95 17.97 -13.63 15.64
CA ALA B 95 18.45 -12.25 15.80
C ALA B 95 19.78 -12.19 16.57
N VAL B 96 20.57 -11.15 16.31
CA VAL B 96 21.67 -10.77 17.22
C VAL B 96 21.04 -9.89 18.31
N MET B 97 21.41 -10.12 19.56
CA MET B 97 20.78 -9.39 20.69
C MET B 97 21.71 -8.36 21.30
N GLY B 98 21.24 -7.11 21.36
CA GLY B 98 21.99 -6.04 22.00
C GLY B 98 21.26 -5.53 23.23
N ILE B 99 22.03 -4.92 24.12
CA ILE B 99 21.47 -4.26 25.29
C ILE B 99 21.98 -2.83 25.38
N GLN B 100 21.04 -1.89 25.55
CA GLN B 100 21.39 -0.49 25.76
C GLN B 100 21.57 -0.30 27.27
N LEU B 101 22.83 -0.17 27.72
CA LEU B 101 23.13 0.15 29.12
C LEU B 101 22.92 1.66 29.33
N ALA B 102 22.13 2.03 30.33
CA ALA B 102 21.63 3.38 30.49
C ALA B 102 21.73 3.91 31.92
N HIS B 103 21.79 5.24 31.99
CA HIS B 103 21.66 5.96 33.25
C HIS B 103 21.04 7.31 32.96
N ALA B 104 19.85 7.51 33.52
CA ALA B 104 19.00 8.66 33.23
C ALA B 104 19.52 9.98 33.80
N GLY B 105 20.38 9.92 34.80
CA GLY B 105 20.91 11.12 35.43
C GLY B 105 19.78 12.05 35.87
N ARG B 106 19.90 13.34 35.53
CA ARG B 106 18.93 14.32 35.99
C ARG B 106 17.54 14.12 35.37
N LYS B 107 17.47 13.29 34.30
CA LYS B 107 16.20 12.99 33.66
C LYS B 107 15.52 11.74 34.23
N CYS B 108 16.03 11.22 35.34
CA CYS B 108 15.31 10.22 36.11
C CYS B 108 14.01 10.87 36.56
N ASN B 109 12.88 10.25 36.20
CA ASN B 109 11.54 10.76 36.49
C ASN B 109 10.86 9.95 37.58
N ILE B 110 11.64 9.46 38.54
CA ILE B 110 11.14 8.76 39.72
C ILE B 110 11.37 9.72 40.90
N SER B 111 10.28 10.30 41.40
CA SER B 111 10.37 11.45 42.33
C SER B 111 11.07 11.08 43.63
N TYR B 112 11.01 9.80 44.00
CA TYR B 112 11.57 9.30 45.26
C TYR B 112 12.99 8.77 45.15
N GLU B 113 13.50 8.71 43.91
CA GLU B 113 14.85 8.22 43.70
C GLU B 113 15.93 9.26 43.99
N ASP B 114 17.15 8.76 44.13
CA ASP B 114 18.32 9.56 44.43
C ASP B 114 18.88 10.15 43.13
N VAL B 115 18.18 11.15 42.60
CA VAL B 115 18.48 11.74 41.28
C VAL B 115 19.83 12.50 41.33
N VAL B 116 20.71 12.19 40.36
CA VAL B 116 22.06 12.76 40.30
C VAL B 116 22.37 13.32 38.92
N GLY B 117 23.33 14.24 38.88
CA GLY B 117 23.79 14.80 37.64
C GLY B 117 25.14 15.48 37.79
N PRO B 118 25.71 15.96 36.67
CA PRO B 118 27.00 16.63 36.74
C PRO B 118 26.92 18.00 37.44
N SER B 119 25.78 18.67 37.34
CA SER B 119 25.57 20.01 37.92
C SER B 119 24.15 20.10 38.41
N PRO B 120 23.89 20.90 39.45
CA PRO B 120 22.56 20.97 40.07
C PRO B 120 21.60 21.85 39.28
N ILE B 121 21.14 21.31 38.16
CA ILE B 121 20.23 21.99 37.27
C ILE B 121 19.15 20.97 36.92
N LYS B 122 17.89 21.35 37.06
CA LYS B 122 16.78 20.45 36.73
C LYS B 122 16.66 20.21 35.23
N ALA B 123 16.18 19.02 34.87
CA ALA B 123 15.85 18.69 33.48
C ALA B 123 14.70 19.55 32.97
N GLY B 124 13.82 19.95 33.90
CA GLY B 124 12.63 20.76 33.62
C GLY B 124 11.89 20.93 34.93
N ASP B 125 10.80 21.69 34.94
CA ASP B 125 10.13 22.00 36.21
C ASP B 125 9.56 20.80 36.95
N ARG B 126 9.16 19.76 36.21
CA ARG B 126 8.55 18.56 36.83
C ARG B 126 9.56 17.63 37.48
N TYR B 127 10.83 17.90 37.28
CA TYR B 127 11.89 17.03 37.75
C TYR B 127 12.44 17.46 39.10
N LYS B 128 13.00 16.48 39.81
CA LYS B 128 13.69 16.74 41.06
C LYS B 128 15.02 17.40 40.75
N LEU B 129 15.44 18.34 41.60
CA LEU B 129 16.78 18.90 41.47
C LEU B 129 17.83 17.81 41.70
N PRO B 130 18.74 17.58 40.73
CA PRO B 130 19.73 16.54 40.95
C PRO B 130 20.81 16.95 41.94
N ARG B 131 21.32 15.97 42.67
CA ARG B 131 22.53 16.15 43.45
CA ARG B 131 22.52 16.18 43.46
C ARG B 131 23.71 16.25 42.52
N GLU B 132 24.60 17.21 42.77
CA GLU B 132 25.82 17.34 42.00
C GLU B 132 26.82 16.24 42.40
N LEU B 133 27.18 15.38 41.46
CA LEU B 133 28.03 14.24 41.75
C LEU B 133 29.43 14.63 42.16
N SER B 134 29.96 13.97 43.19
CA SER B 134 31.39 14.06 43.50
C SER B 134 32.19 13.19 42.56
N VAL B 135 33.49 13.44 42.49
CA VAL B 135 34.37 12.60 41.67
C VAL B 135 34.33 11.15 42.13
N GLU B 136 34.32 10.93 43.45
CA GLU B 136 34.17 9.61 44.03
CA GLU B 136 34.21 9.59 43.98
C GLU B 136 32.91 8.93 43.51
N GLU B 137 31.79 9.66 43.54
CA GLU B 137 30.54 9.08 43.07
C GLU B 137 30.57 8.77 41.58
N ILE B 138 31.18 9.64 40.79
CA ILE B 138 31.36 9.39 39.36
C ILE B 138 32.10 8.05 39.14
N LYS B 139 33.18 7.84 39.89
CA LYS B 139 33.91 6.58 39.81
CA LYS B 139 33.92 6.57 39.83
C LYS B 139 33.00 5.37 40.10
N SER B 140 32.10 5.51 41.07
CA SER B 140 31.21 4.42 41.41
C SER B 140 30.21 4.14 40.29
N ILE B 141 29.80 5.19 39.58
CA ILE B 141 28.87 5.01 38.44
C ILE B 141 29.62 4.36 37.25
N VAL B 142 30.85 4.79 36.96
CA VAL B 142 31.72 4.09 36.03
C VAL B 142 31.80 2.59 36.38
N LYS B 143 32.04 2.28 37.65
CA LYS B 143 32.08 0.89 38.11
C LYS B 143 30.76 0.15 37.85
N ALA B 144 29.66 0.86 38.05
CA ALA B 144 28.32 0.30 37.81
C ALA B 144 28.13 -0.04 36.33
N PHE B 145 28.62 0.78 35.42
CA PHE B 145 28.53 0.43 33.99
C PHE B 145 29.34 -0.86 33.71
N GLY B 146 30.52 -0.93 34.33
CA GLY B 146 31.35 -2.13 34.22
C GLY B 146 30.62 -3.38 34.70
N GLU B 147 30.01 -3.30 35.89
CA GLU B 147 29.32 -4.46 36.43
C GLU B 147 28.13 -4.83 35.56
N ALA B 148 27.46 -3.82 35.01
CA ALA B 148 26.33 -4.07 34.10
C ALA B 148 26.77 -4.81 32.82
N ALA B 149 27.94 -4.44 32.28
CA ALA B 149 28.51 -5.13 31.13
C ALA B 149 28.88 -6.58 31.48
N LYS B 150 29.43 -6.80 32.67
CA LYS B 150 29.71 -8.18 33.16
C LYS B 150 28.43 -9.00 33.19
N ARG B 151 27.37 -8.43 33.76
CA ARG B 151 26.09 -9.11 33.83
C ARG B 151 25.50 -9.34 32.44
N ALA B 152 25.63 -8.36 31.55
CA ALA B 152 25.11 -8.53 30.19
C ALA B 152 25.79 -9.71 29.49
N ASN B 153 27.09 -9.86 29.71
CA ASN B 153 27.79 -10.98 29.10
C ASN B 153 27.29 -12.29 29.66
N LEU B 154 27.03 -12.36 30.97
CA LEU B 154 26.49 -13.57 31.59
C LEU B 154 25.09 -13.91 31.06
N ALA B 155 24.32 -12.88 30.74
CA ALA B 155 22.98 -13.08 30.20
C ALA B 155 23.02 -13.51 28.73
N GLY B 156 24.16 -13.30 28.08
CA GLY B 156 24.39 -13.76 26.71
C GLY B 156 24.19 -12.73 25.61
N TYR B 157 24.09 -11.45 25.95
CA TYR B 157 23.98 -10.42 24.93
C TYR B 157 25.21 -10.45 24.03
N ASP B 158 24.99 -10.16 22.75
CA ASP B 158 26.04 -10.15 21.72
C ASP B 158 26.72 -8.79 21.59
N VAL B 159 25.97 -7.74 21.90
CA VAL B 159 26.38 -6.36 21.69
C VAL B 159 25.96 -5.53 22.89
N VAL B 160 26.88 -4.70 23.35
CA VAL B 160 26.54 -3.70 24.37
C VAL B 160 26.54 -2.30 23.76
N GLU B 161 25.50 -1.52 24.04
CA GLU B 161 25.47 -0.10 23.67
C GLU B 161 25.47 0.79 24.90
N ILE B 162 26.33 1.78 24.90
CA ILE B 162 26.38 2.77 25.96
C ILE B 162 25.47 3.94 25.54
N HIS B 163 24.49 4.25 26.38
CA HIS B 163 23.50 5.31 26.06
C HIS B 163 24.04 6.65 26.51
N ALA B 164 24.68 7.35 25.58
CA ALA B 164 25.24 8.66 25.80
C ALA B 164 24.41 9.77 25.18
N ALA B 165 23.13 9.51 24.93
CA ALA B 165 22.24 10.44 24.24
C ALA B 165 21.01 10.84 25.05
N HIS B 166 20.15 11.60 24.36
CA HIS B 166 18.77 11.88 24.77
C HIS B 166 18.62 12.55 26.15
N GLY B 167 19.63 13.31 26.54
CA GLY B 167 19.54 14.15 27.72
C GLY B 167 19.85 13.45 29.03
N TYR B 168 20.30 12.21 28.95
CA TYR B 168 20.54 11.36 30.13
C TYR B 168 21.96 11.63 30.67
N LEU B 169 22.45 10.80 31.59
CA LEU B 169 23.59 11.20 32.42
C LEU B 169 24.83 11.55 31.60
N ILE B 170 25.23 10.65 30.69
CA ILE B 170 26.48 10.87 29.96
C ILE B 170 26.36 12.14 29.07
N HIS B 171 25.25 12.27 28.35
CA HIS B 171 24.94 13.48 27.57
C HIS B 171 25.02 14.75 28.43
N GLU B 172 24.50 14.68 29.65
CA GLU B 172 24.58 15.82 30.54
C GLU B 172 26.00 16.25 30.86
N PHE B 173 26.94 15.30 30.90
CA PHE B 173 28.37 15.66 31.07
C PHE B 173 28.94 16.24 29.78
N LEU B 174 28.47 15.72 28.64
CA LEU B 174 29.00 16.12 27.33
C LEU B 174 28.60 17.52 26.91
N SER B 175 27.43 17.97 27.32
CA SER B 175 26.91 19.26 26.88
C SER B 175 27.27 20.41 27.82
N PRO B 176 27.86 21.48 27.29
CA PRO B 176 28.12 22.65 28.13
C PRO B 176 26.85 23.26 28.73
N LEU B 177 25.69 22.99 28.15
CA LEU B 177 24.44 23.56 28.61
C LEU B 177 24.01 22.96 29.96
N SER B 178 24.46 21.74 30.22
CA SER B 178 24.11 21.02 31.46
C SER B 178 25.29 20.76 32.39
N ASN B 179 26.52 20.89 31.87
CA ASN B 179 27.73 20.64 32.63
C ASN B 179 28.44 21.96 32.93
N LYS B 180 28.28 22.44 34.16
CA LYS B 180 28.89 23.69 34.64
C LYS B 180 30.06 23.42 35.63
N ARG B 181 30.58 22.19 35.61
CA ARG B 181 31.62 21.79 36.54
C ARG B 181 32.92 22.51 36.22
N LYS B 182 33.70 22.72 37.27
CA LYS B 182 35.02 23.36 37.16
C LYS B 182 36.15 22.43 37.61
N ASP B 183 35.84 21.15 37.84
CA ASP B 183 36.85 20.14 38.14
C ASP B 183 37.26 19.39 36.86
N GLU B 184 37.83 18.19 37.03
CA GLU B 184 38.39 17.46 35.90
C GLU B 184 37.30 16.88 34.97
N TYR B 185 36.04 16.99 35.37
CA TYR B 185 34.94 16.52 34.52
C TYR B 185 34.19 17.66 33.84
N GLY B 186 34.74 18.88 33.87
CA GLY B 186 34.07 20.03 33.30
C GLY B 186 34.98 21.06 32.69
N ASN B 187 34.35 22.04 32.04
CA ASN B 187 34.99 23.19 31.42
C ASN B 187 35.50 22.79 30.01
N SER B 188 36.64 22.12 29.91
CA SER B 188 37.25 21.83 28.59
C SER B 188 36.58 20.65 27.91
N ILE B 189 36.69 20.59 26.58
CA ILE B 189 36.06 19.49 25.86
C ILE B 189 36.64 18.12 26.29
N GLU B 190 37.94 18.05 26.55
CA GLU B 190 38.55 16.82 27.06
C GLU B 190 37.94 16.40 28.42
N ASN B 191 37.73 17.38 29.29
CA ASN B 191 37.14 17.13 30.61
C ASN B 191 35.68 16.71 30.51
N ARG B 192 34.92 17.36 29.63
CA ARG B 192 33.51 16.97 29.41
C ARG B 192 33.40 15.53 28.85
N ALA B 193 34.41 15.10 28.09
CA ALA B 193 34.44 13.75 27.54
C ALA B 193 34.90 12.66 28.52
N ARG B 194 35.53 13.07 29.62
CA ARG B 194 36.16 12.14 30.54
C ARG B 194 35.23 11.05 31.06
N PHE B 195 34.03 11.43 31.45
CA PHE B 195 33.09 10.45 31.99
C PHE B 195 32.76 9.37 30.95
N LEU B 196 32.45 9.81 29.72
CA LEU B 196 32.16 8.86 28.65
C LEU B 196 33.34 7.91 28.42
N ILE B 197 34.56 8.47 28.39
CA ILE B 197 35.75 7.67 28.13
C ILE B 197 35.98 6.64 29.23
N GLU B 198 35.80 7.06 30.49
CA GLU B 198 35.95 6.16 31.63
C GLU B 198 34.92 5.05 31.59
N VAL B 199 33.68 5.42 31.28
CA VAL B 199 32.63 4.38 31.09
C VAL B 199 33.01 3.35 30.02
N ILE B 200 33.47 3.81 28.85
CA ILE B 200 33.91 2.90 27.79
C ILE B 200 35.03 1.99 28.24
N ASP B 201 36.06 2.59 28.84
CA ASP B 201 37.19 1.80 29.35
C ASP B 201 36.71 0.75 30.35
N GLU B 202 35.81 1.12 31.26
CA GLU B 202 35.36 0.17 32.28
C GLU B 202 34.47 -0.93 31.69
N VAL B 203 33.63 -0.56 30.73
CA VAL B 203 32.87 -1.57 29.99
C VAL B 203 33.80 -2.57 29.27
N ARG B 204 34.83 -2.07 28.61
CA ARG B 204 35.75 -2.96 27.91
CA ARG B 204 35.82 -2.92 27.92
C ARG B 204 36.44 -3.94 28.88
N LYS B 205 36.77 -3.49 30.10
CA LYS B 205 37.34 -4.39 31.11
C LYS B 205 36.44 -5.57 31.46
N ASN B 206 35.14 -5.43 31.20
CA ASN B 206 34.12 -6.38 31.60
C ASN B 206 33.34 -7.00 30.44
N TRP B 207 33.84 -6.79 29.23
CA TRP B 207 33.16 -7.18 27.98
C TRP B 207 34.15 -7.92 27.07
N PRO B 208 33.81 -9.14 26.64
CA PRO B 208 34.73 -9.89 25.80
C PRO B 208 35.23 -9.07 24.61
N GLU B 209 36.55 -9.10 24.40
CA GLU B 209 37.20 -8.35 23.35
C GLU B 209 36.72 -8.68 21.94
N ASN B 210 36.08 -9.83 21.77
CA ASN B 210 35.55 -10.21 20.46
C ASN B 210 34.05 -9.90 20.28
N LYS B 211 33.47 -9.14 21.20
CA LYS B 211 32.09 -8.65 21.08
C LYS B 211 32.12 -7.13 20.96
N PRO B 212 31.26 -6.56 20.08
CA PRO B 212 31.28 -5.14 19.81
C PRO B 212 30.68 -4.26 20.91
N ILE B 213 31.11 -3.01 20.92
CA ILE B 213 30.56 -1.95 21.76
C ILE B 213 30.04 -0.84 20.84
N PHE B 214 28.77 -0.48 21.00
CA PHE B 214 28.18 0.68 20.33
C PHE B 214 28.04 1.82 21.32
N VAL B 215 28.00 3.04 20.81
CA VAL B 215 27.64 4.19 21.64
C VAL B 215 26.57 4.98 20.94
N ARG B 216 25.48 5.21 21.64
CA ARG B 216 24.41 6.10 21.14
C ARG B 216 24.68 7.54 21.61
N VAL B 217 24.61 8.48 20.67
CA VAL B 217 24.88 9.89 20.96
C VAL B 217 23.78 10.82 20.45
N SER B 218 23.65 11.99 21.08
CA SER B 218 22.86 13.08 20.52
C SER B 218 23.85 14.05 19.87
N ALA B 219 23.83 14.09 18.54
CA ALA B 219 24.78 14.87 17.75
C ALA B 219 24.49 16.37 17.68
N ASP B 220 23.36 16.78 18.23
CA ASP B 220 22.92 18.19 18.20
C ASP B 220 21.99 18.43 19.39
N ASP B 221 22.24 19.50 20.13
CA ASP B 221 21.33 19.99 21.16
C ASP B 221 20.32 21.01 20.61
N TYR B 222 20.55 21.46 19.38
CA TYR B 222 19.69 22.44 18.72
C TYR B 222 19.57 23.74 19.52
N MET B 223 20.68 24.11 20.16
CA MET B 223 20.70 25.27 21.06
CA MET B 223 20.70 25.28 21.04
C MET B 223 22.09 25.88 21.07
N GLU B 224 22.17 27.21 20.92
CA GLU B 224 23.44 27.91 21.02
C GLU B 224 24.19 27.55 22.30
N GLY B 225 25.47 27.23 22.18
CA GLY B 225 26.30 26.85 23.31
C GLY B 225 26.27 25.39 23.70
N GLY B 226 25.43 24.61 23.05
CA GLY B 226 25.37 23.18 23.30
C GLY B 226 26.09 22.37 22.26
N ILE B 227 25.83 21.07 22.30
CA ILE B 227 26.44 20.16 21.34
C ILE B 227 25.95 20.49 19.92
N ASN B 228 26.88 20.47 18.97
CA ASN B 228 26.56 20.52 17.55
C ASN B 228 27.39 19.47 16.87
N ILE B 229 27.16 19.28 15.57
CA ILE B 229 27.84 18.19 14.86
C ILE B 229 29.38 18.29 14.92
N ASP B 230 29.92 19.50 14.86
CA ASP B 230 31.37 19.67 14.95
C ASP B 230 31.89 19.20 16.31
N MET B 231 31.18 19.57 17.37
CA MET B 231 31.56 19.13 18.72
C MET B 231 31.51 17.60 18.82
N MET B 232 30.44 16.99 18.29
CA MET B 232 30.30 15.54 18.36
C MET B 232 31.38 14.83 17.54
N VAL B 233 31.72 15.36 16.38
CA VAL B 233 32.85 14.82 15.63
C VAL B 233 34.11 14.79 16.52
N GLU B 234 34.39 15.87 17.23
CA GLU B 234 35.56 15.87 18.11
C GLU B 234 35.45 14.77 19.18
N TYR B 235 34.27 14.63 19.80
CA TYR B 235 34.10 13.58 20.81
C TYR B 235 34.31 12.18 20.23
N ILE B 236 33.72 11.93 19.05
CA ILE B 236 33.81 10.59 18.47
C ILE B 236 35.29 10.29 18.14
N ASN B 237 36.02 11.31 17.68
CA ASN B 237 37.44 11.10 17.43
C ASN B 237 38.22 10.68 18.70
N MET B 238 37.74 11.09 19.86
CA MET B 238 38.38 10.69 21.12
C MET B 238 38.17 9.23 21.48
N ILE B 239 37.08 8.62 20.99
CA ILE B 239 36.69 7.27 21.42
C ILE B 239 36.68 6.21 20.30
N LYS B 240 36.93 6.63 19.07
CA LYS B 240 36.77 5.70 17.94
C LYS B 240 37.70 4.48 17.95
N ASP B 241 38.84 4.59 18.61
CA ASP B 241 39.73 3.44 18.76
C ASP B 241 39.30 2.42 19.83
N LYS B 242 38.20 2.70 20.54
CA LYS B 242 37.71 1.84 21.62
C LYS B 242 36.30 1.29 21.40
N VAL B 243 35.58 1.85 20.44
CA VAL B 243 34.23 1.39 20.13
C VAL B 243 34.07 1.11 18.64
N ASP B 244 33.01 0.37 18.33
CA ASP B 244 32.83 -0.25 17.00
C ASP B 244 31.86 0.45 16.07
N LEU B 245 30.88 1.15 16.63
CA LEU B 245 29.85 1.78 15.83
C LEU B 245 29.16 2.86 16.64
N ILE B 246 28.84 3.97 16.00
CA ILE B 246 28.11 5.06 16.64
C ILE B 246 26.67 5.08 16.18
N ASP B 247 25.76 4.95 17.13
CA ASP B 247 24.32 4.93 16.90
C ASP B 247 23.87 6.40 17.04
N VAL B 248 23.62 7.05 15.90
CA VAL B 248 23.54 8.52 15.87
C VAL B 248 22.11 9.03 16.00
N SER B 249 21.86 9.78 17.07
CA SER B 249 20.59 10.43 17.29
C SER B 249 20.83 11.92 17.55
N SER B 250 19.85 12.58 18.14
CA SER B 250 19.96 14.01 18.48
C SER B 250 18.93 14.37 19.54
N GLY B 251 19.13 15.52 20.18
CA GLY B 251 18.13 16.07 21.06
C GLY B 251 18.05 15.44 22.44
N GLY B 252 17.08 15.89 23.23
CA GLY B 252 16.75 15.29 24.50
C GLY B 252 17.22 16.03 25.75
N LEU B 253 18.19 16.93 25.61
CA LEU B 253 18.78 17.56 26.80
C LEU B 253 17.83 18.58 27.40
N LEU B 254 17.28 19.42 26.54
CA LEU B 254 16.30 20.45 26.89
C LEU B 254 15.24 20.47 25.80
N ASN B 255 14.05 20.96 26.13
CA ASN B 255 12.98 21.04 25.14
C ASN B 255 13.33 22.05 24.06
N VAL B 256 13.24 21.59 22.80
CA VAL B 256 13.48 22.43 21.63
CA VAL B 256 13.48 22.44 21.62
C VAL B 256 12.53 22.01 20.51
N ASP B 257 11.98 22.98 19.80
CA ASP B 257 11.13 22.65 18.65
C ASP B 257 12.07 22.47 17.47
N ILE B 258 12.08 21.28 16.87
CA ILE B 258 12.86 21.08 15.66
C ILE B 258 12.02 20.59 14.49
N ASN B 259 12.61 20.77 13.31
CA ASN B 259 11.97 20.34 12.05
CA ASN B 259 11.99 20.35 12.07
C ASN B 259 12.05 18.82 11.94
N LEU B 260 10.89 18.16 11.96
CA LEU B 260 10.83 16.71 11.85
C LEU B 260 10.39 16.29 10.44
N TYR B 261 11.12 15.34 9.86
CA TYR B 261 10.81 14.81 8.53
C TYR B 261 11.58 13.51 8.36
N PRO B 262 11.24 12.69 7.34
CA PRO B 262 11.91 11.42 7.21
C PRO B 262 13.42 11.64 7.01
N GLY B 263 14.23 10.94 7.79
CA GLY B 263 15.67 11.05 7.69
C GLY B 263 16.30 12.32 8.28
N TYR B 264 15.61 12.97 9.21
CA TYR B 264 16.09 14.23 9.78
C TYR B 264 17.38 14.10 10.59
N GLN B 265 17.79 12.88 10.95
CA GLN B 265 19.06 12.69 11.64
C GLN B 265 20.13 11.99 10.76
N VAL B 266 19.81 11.75 9.50
CA VAL B 266 20.72 11.00 8.63
C VAL B 266 22.00 11.77 8.31
N LYS B 267 21.90 13.09 8.12
CA LYS B 267 23.12 13.88 7.84
C LYS B 267 24.12 13.80 9.00
N TYR B 268 23.63 13.72 10.23
CA TYR B 268 24.53 13.55 11.36
C TYR B 268 25.27 12.20 11.26
N ALA B 269 24.55 11.14 10.88
CA ALA B 269 25.15 9.81 10.79
C ALA B 269 26.20 9.77 9.71
N GLU B 270 25.92 10.40 8.57
CA GLU B 270 26.84 10.42 7.45
C GLU B 270 28.05 11.26 7.79
N THR B 271 27.83 12.39 8.43
CA THR B 271 28.93 13.30 8.76
C THR B 271 29.90 12.64 9.74
N ILE B 272 29.37 11.98 10.77
CA ILE B 272 30.23 11.23 11.67
C ILE B 272 30.96 10.09 10.96
N LYS B 273 30.26 9.33 10.11
CA LYS B 273 30.86 8.22 9.40
C LYS B 273 32.04 8.67 8.55
N LYS B 274 31.85 9.77 7.83
CA LYS B 274 32.87 10.29 6.91
C LYS B 274 34.01 10.98 7.62
N ARG B 275 33.69 11.89 8.54
CA ARG B 275 34.72 12.67 9.23
C ARG B 275 35.52 11.84 10.23
N CYS B 276 34.88 10.87 10.90
CA CYS B 276 35.55 10.08 11.93
C CYS B 276 36.01 8.71 11.43
N ASN B 277 35.55 8.31 10.24
CA ASN B 277 35.85 6.99 9.68
CA ASN B 277 35.90 7.01 9.68
C ASN B 277 35.52 5.86 10.64
N ILE B 278 34.26 5.87 11.04
CA ILE B 278 33.73 4.90 11.96
C ILE B 278 32.36 4.46 11.43
N LYS B 279 31.98 3.21 11.71
CA LYS B 279 30.64 2.75 11.33
C LYS B 279 29.58 3.52 12.11
N THR B 280 28.43 3.77 11.48
CA THR B 280 27.32 4.45 12.13
C THR B 280 26.01 3.76 11.84
N SER B 281 25.04 4.03 12.69
CA SER B 281 23.64 3.66 12.44
CA SER B 281 23.65 3.67 12.40
C SER B 281 22.83 4.94 12.30
N ALA B 282 21.87 4.94 11.36
CA ALA B 282 20.96 6.06 11.16
C ALA B 282 19.58 5.69 11.72
N VAL B 283 18.92 6.68 12.28
CA VAL B 283 17.58 6.51 12.88
C VAL B 283 16.81 7.83 12.79
N GLY B 284 15.49 7.73 12.67
CA GLY B 284 14.62 8.89 12.79
C GLY B 284 13.65 9.05 11.64
N LEU B 285 12.43 8.60 11.86
CA LEU B 285 11.32 8.73 10.90
C LEU B 285 11.59 8.04 9.57
N ILE B 286 12.37 6.96 9.64
CA ILE B 286 12.58 6.09 8.50
C ILE B 286 11.53 4.98 8.55
N THR B 287 10.73 4.84 7.49
CA THR B 287 9.65 3.82 7.51
C THR B 287 9.61 2.93 6.27
N THR B 288 10.19 3.38 5.16
CA THR B 288 10.13 2.67 3.88
C THR B 288 11.39 1.90 3.56
N GLN B 289 11.21 0.78 2.85
CA GLN B 289 12.35 0.04 2.31
C GLN B 289 13.16 0.97 1.41
N GLU B 290 12.47 1.85 0.71
CA GLU B 290 13.15 2.68 -0.29
C GLU B 290 14.18 3.60 0.36
N LEU B 291 13.78 4.31 1.42
CA LEU B 291 14.69 5.22 2.09
C LEU B 291 15.78 4.43 2.82
N ALA B 292 15.43 3.29 3.44
CA ALA B 292 16.46 2.45 4.09
C ALA B 292 17.53 2.01 3.08
N GLU B 293 17.11 1.58 1.90
CA GLU B 293 18.05 1.18 0.86
C GLU B 293 18.89 2.36 0.39
N GLU B 294 18.29 3.54 0.26
CA GLU B 294 19.06 4.71 -0.20
C GLU B 294 20.16 5.04 0.79
N ILE B 295 19.81 5.00 2.07
CA ILE B 295 20.76 5.33 3.14
C ILE B 295 21.98 4.41 3.09
N LEU B 296 21.72 3.12 3.01
CA LEU B 296 22.78 2.13 3.03
C LEU B 296 23.61 2.17 1.75
N SER B 297 22.93 2.26 0.60
CA SER B 297 23.62 2.18 -0.69
C SER B 297 24.45 3.42 -0.99
N ASN B 298 23.98 4.59 -0.53
CA ASN B 298 24.74 5.83 -0.66
C ASN B 298 25.79 5.99 0.47
N GLU B 299 25.94 4.94 1.28
CA GLU B 299 26.97 4.86 2.33
C GLU B 299 26.84 5.98 3.35
N ARG B 300 25.59 6.30 3.68
CA ARG B 300 25.30 7.34 4.66
CA ARG B 300 25.28 7.34 4.65
C ARG B 300 25.35 6.77 6.08
N ALA B 301 25.17 5.46 6.19
CA ALA B 301 25.26 4.72 7.44
C ALA B 301 25.49 3.24 7.10
N ASP B 302 25.91 2.46 8.10
CA ASP B 302 26.17 1.03 7.96
C ASP B 302 24.97 0.17 8.39
N LEU B 303 24.17 0.69 9.33
CA LEU B 303 22.91 0.08 9.73
C LEU B 303 21.80 1.10 9.68
N VAL B 304 20.58 0.63 9.47
CA VAL B 304 19.39 1.48 9.57
C VAL B 304 18.57 0.99 10.76
N ALA B 305 18.30 1.90 11.70
CA ALA B 305 17.49 1.57 12.86
C ALA B 305 16.07 2.03 12.66
N LEU B 306 15.14 1.12 12.96
CA LEU B 306 13.72 1.44 12.92
C LEU B 306 13.16 1.34 14.33
N GLY B 307 12.44 2.37 14.74
CA GLY B 307 11.78 2.35 16.03
C GLY B 307 10.28 2.19 15.82
N ARG B 308 9.59 3.30 15.63
CA ARG B 308 8.12 3.26 15.59
C ARG B 308 7.59 2.34 14.49
N GLU B 309 8.27 2.28 13.35
CA GLU B 309 7.82 1.39 12.28
C GLU B 309 7.79 -0.06 12.74
N LEU B 310 8.76 -0.48 13.56
CA LEU B 310 8.73 -1.87 14.08
C LEU B 310 7.71 -2.10 15.21
N LEU B 311 7.21 -1.03 15.84
CA LEU B 311 6.09 -1.16 16.78
C LEU B 311 4.82 -1.46 16.01
N ARG B 312 4.53 -0.70 14.95
CA ARG B 312 3.29 -0.91 14.18
C ARG B 312 3.35 -2.06 13.16
N ASN B 313 4.56 -2.42 12.73
CA ASN B 313 4.80 -3.31 11.58
C ASN B 313 6.00 -4.21 11.92
N PRO B 314 5.79 -5.15 12.86
CA PRO B 314 6.87 -5.98 13.40
C PRO B 314 7.55 -6.87 12.39
N TYR B 315 6.83 -7.24 11.32
CA TYR B 315 7.42 -8.11 10.27
C TYR B 315 7.92 -7.34 9.04
N TRP B 316 8.20 -6.04 9.20
CA TRP B 316 8.76 -5.20 8.14
C TRP B 316 9.83 -5.93 7.32
N VAL B 317 10.79 -6.57 7.99
CA VAL B 317 11.90 -7.21 7.29
C VAL B 317 11.42 -8.41 6.43
N LEU B 318 10.51 -9.21 6.96
CA LEU B 318 9.95 -10.33 6.18
C LEU B 318 9.36 -9.85 4.86
N HIS B 319 8.71 -8.68 4.88
CA HIS B 319 8.06 -8.14 3.69
C HIS B 319 9.04 -7.69 2.63
N THR B 320 10.32 -7.57 2.98
CA THR B 320 11.36 -7.24 2.00
C THR B 320 12.00 -8.46 1.33
N TYR B 321 11.72 -9.66 1.83
CA TYR B 321 12.28 -10.88 1.26
C TYR B 321 11.58 -11.22 -0.06
N THR B 322 12.35 -11.82 -0.97
CA THR B 322 11.87 -12.12 -2.32
C THR B 322 11.57 -13.60 -2.57
N SER B 323 11.81 -14.45 -1.59
N SER B 323 11.80 -14.45 -1.57
CA SER B 323 11.48 -15.88 -1.70
CA SER B 323 11.53 -15.89 -1.68
C SER B 323 10.88 -16.40 -0.40
C SER B 323 10.89 -16.42 -0.40
N LYS B 324 9.92 -17.33 -0.53
CA LYS B 324 9.26 -17.93 0.64
C LYS B 324 10.23 -18.65 1.58
N GLU B 325 11.34 -19.15 1.02
CA GLU B 325 12.33 -19.87 1.84
C GLU B 325 13.05 -18.98 2.86
N ASP B 326 12.90 -17.67 2.71
CA ASP B 326 13.49 -16.69 3.65
C ASP B 326 12.59 -16.46 4.87
N TRP B 327 11.32 -16.85 4.75
CA TRP B 327 10.35 -16.72 5.84
C TRP B 327 10.51 -17.86 6.86
N PRO B 328 10.05 -17.64 8.10
CA PRO B 328 9.93 -18.75 9.05
C PRO B 328 9.12 -19.86 8.38
N LYS B 329 9.59 -21.10 8.53
CA LYS B 329 8.97 -22.25 7.87
C LYS B 329 7.48 -22.30 8.15
N GLN B 330 7.10 -21.97 9.39
CA GLN B 330 5.69 -21.99 9.82
C GLN B 330 4.80 -21.02 9.03
N TYR B 331 5.40 -19.96 8.48
CA TYR B 331 4.66 -18.91 7.79
C TYR B 331 4.89 -18.91 6.28
N GLU B 332 5.66 -19.88 5.78
CA GLU B 332 5.95 -20.01 4.35
C GLU B 332 4.71 -19.87 3.47
N ARG B 333 3.61 -20.49 3.90
CA ARG B 333 2.38 -20.53 3.10
C ARG B 333 1.78 -19.14 2.90
N ALA B 334 2.22 -18.17 3.70
CA ALA B 334 1.70 -16.81 3.61
C ALA B 334 2.57 -15.87 2.76
N PHE B 335 3.66 -16.39 2.19
CA PHE B 335 4.48 -15.59 1.29
C PHE B 335 3.66 -15.20 0.05
N LYS B 336 3.72 -13.93 -0.33
CA LYS B 336 3.00 -13.41 -1.51
C LYS B 336 3.98 -12.83 -2.53
N SER C 2 -6.44 -12.92 -13.49
CA SER C 2 -7.65 -12.51 -12.71
C SER C 2 -8.93 -12.68 -13.55
N ILE C 3 -10.06 -13.02 -12.90
CA ILE C 3 -11.38 -13.07 -13.56
C ILE C 3 -11.78 -11.69 -14.11
N LEU C 4 -11.22 -10.69 -13.47
CA LEU C 4 -11.29 -9.31 -13.88
C LEU C 4 -10.85 -9.14 -15.34
N HIS C 5 -9.94 -10.01 -15.80
CA HIS C 5 -9.33 -9.88 -17.12
C HIS C 5 -9.99 -10.76 -18.18
N MET C 6 -11.12 -11.39 -17.84
CA MET C 6 -11.84 -12.24 -18.79
C MET C 6 -12.73 -11.34 -19.64
N PRO C 7 -12.71 -11.52 -20.98
CA PRO C 7 -13.62 -10.70 -21.79
C PRO C 7 -15.09 -11.01 -21.54
N LEU C 8 -15.95 -10.06 -21.87
CA LEU C 8 -17.40 -10.25 -21.87
C LEU C 8 -17.97 -9.81 -23.23
N LYS C 9 -18.59 -10.75 -23.94
CA LYS C 9 -19.21 -10.42 -25.23
C LYS C 9 -20.68 -10.12 -25.00
N ILE C 10 -21.13 -8.96 -25.48
CA ILE C 10 -22.54 -8.57 -25.41
C ILE C 10 -22.96 -8.19 -26.82
N LYS C 11 -23.88 -8.95 -27.38
CA LYS C 11 -24.18 -8.87 -28.81
C LYS C 11 -22.87 -8.94 -29.60
N ASP C 12 -22.61 -7.98 -30.50
CA ASP C 12 -21.40 -8.00 -31.32
C ASP C 12 -20.22 -7.24 -30.69
N ILE C 13 -20.39 -6.72 -29.48
CA ILE C 13 -19.35 -5.95 -28.82
C ILE C 13 -18.64 -6.82 -27.77
N THR C 14 -17.30 -6.82 -27.81
CA THR C 14 -16.50 -7.56 -26.82
C THR C 14 -15.74 -6.57 -25.94
N ILE C 15 -16.06 -6.64 -24.66
CA ILE C 15 -15.40 -5.83 -23.64
C ILE C 15 -14.22 -6.67 -23.15
N LYS C 16 -13.02 -6.08 -23.16
CA LYS C 16 -11.79 -6.84 -22.99
C LYS C 16 -11.55 -7.27 -21.55
N ASN C 17 -12.25 -6.62 -20.62
CA ASN C 17 -12.18 -6.97 -19.19
C ASN C 17 -13.48 -6.58 -18.51
N ARG C 18 -13.58 -6.85 -17.20
CA ARG C 18 -14.85 -6.66 -16.48
C ARG C 18 -14.97 -5.34 -15.70
N ILE C 19 -14.13 -4.35 -16.03
CA ILE C 19 -14.17 -3.05 -15.36
C ILE C 19 -14.83 -1.99 -16.23
N MET C 20 -15.88 -1.39 -15.69
CA MET C 20 -16.54 -0.26 -16.33
C MET C 20 -16.23 1.01 -15.53
N MET C 21 -15.90 2.09 -16.23
CA MET C 21 -15.88 3.41 -15.60
C MET C 21 -17.33 3.89 -15.46
N SER C 22 -17.79 3.98 -14.22
CA SER C 22 -19.13 4.44 -13.91
C SER C 22 -19.38 5.85 -14.49
N PRO C 23 -20.58 6.11 -15.04
CA PRO C 23 -20.87 7.47 -15.54
C PRO C 23 -20.84 8.51 -14.44
N MET C 24 -19.99 9.53 -14.60
CA MET C 24 -19.83 10.58 -13.59
C MET C 24 -19.79 11.96 -14.24
N CYS C 25 -20.80 12.78 -13.95
CA CYS C 25 -20.85 14.18 -14.42
C CYS C 25 -19.59 14.95 -14.05
N MET C 26 -19.07 15.71 -15.01
CA MET C 26 -17.85 16.49 -14.78
C MET C 26 -18.13 18.00 -14.72
N TYR C 27 -19.36 18.40 -15.02
CA TYR C 27 -19.80 19.80 -14.94
C TYR C 27 -18.79 20.74 -15.62
N SER C 28 -18.30 20.35 -16.79
CA SER C 28 -17.20 21.07 -17.47
C SER C 28 -17.54 21.46 -18.93
N ALA C 29 -18.78 21.22 -19.37
CA ALA C 29 -19.21 21.66 -20.71
C ALA C 29 -19.66 23.12 -20.63
N SER C 30 -19.81 23.78 -21.77
CA SER C 30 -20.44 25.09 -21.72
C SER C 30 -21.95 24.92 -21.84
N THR C 31 -22.65 26.04 -21.90
CA THR C 31 -24.09 26.06 -21.85
C THR C 31 -24.71 25.50 -23.12
N ASP C 32 -23.87 25.35 -24.16
CA ASP C 32 -24.24 24.68 -25.41
C ASP C 32 -24.21 23.16 -25.33
N GLY C 33 -23.82 22.60 -24.19
CA GLY C 33 -23.71 21.16 -24.03
C GLY C 33 -22.52 20.53 -24.72
N MET C 34 -21.56 21.34 -25.18
CA MET C 34 -20.44 20.83 -25.96
C MET C 34 -19.29 20.34 -25.08
N PRO C 35 -18.67 19.20 -25.45
CA PRO C 35 -17.48 18.78 -24.75
C PRO C 35 -16.31 19.65 -25.16
N ASN C 36 -15.24 19.57 -24.39
CA ASN C 36 -14.02 20.28 -24.73
C ASN C 36 -12.80 19.41 -24.42
N ASP C 37 -11.60 19.99 -24.50
CA ASP C 37 -10.39 19.20 -24.32
C ASP C 37 -10.33 18.59 -22.92
N TRP C 38 -10.99 19.22 -21.95
CA TRP C 38 -11.03 18.64 -20.62
C TRP C 38 -11.69 17.25 -20.64
N HIS C 39 -12.88 17.15 -21.23
CA HIS C 39 -13.54 15.84 -21.34
C HIS C 39 -12.69 14.85 -22.11
N ILE C 40 -12.09 15.30 -23.19
CA ILE C 40 -11.33 14.40 -24.05
C ILE C 40 -10.17 13.76 -23.30
N VAL C 41 -9.39 14.57 -22.59
CA VAL C 41 -8.28 14.07 -21.79
C VAL C 41 -8.80 13.17 -20.66
N HIS C 42 -9.85 13.64 -19.99
CA HIS C 42 -10.46 12.92 -18.85
C HIS C 42 -10.82 11.49 -19.19
N TYR C 43 -11.55 11.28 -20.29
CA TYR C 43 -11.92 9.93 -20.67
C TYR C 43 -10.76 9.16 -21.29
N ALA C 44 -9.98 9.80 -22.16
CA ALA C 44 -8.82 9.15 -22.76
C ALA C 44 -7.88 8.55 -21.71
N THR C 45 -7.69 9.26 -20.60
CA THR C 45 -6.81 8.84 -19.51
C THR C 45 -7.18 7.44 -18.97
N ARG C 46 -8.48 7.21 -18.79
CA ARG C 46 -8.91 5.91 -18.27
C ARG C 46 -8.88 4.83 -19.35
N ALA C 47 -8.98 5.21 -20.63
CA ALA C 47 -8.77 4.25 -21.70
C ALA C 47 -7.32 3.79 -21.70
N ILE C 48 -6.39 4.74 -21.61
CA ILE C 48 -4.96 4.42 -21.48
C ILE C 48 -4.69 3.59 -20.21
N GLY C 49 -5.45 3.90 -19.17
CA GLY C 49 -5.41 3.15 -17.90
C GLY C 49 -6.01 1.74 -17.93
N GLY C 50 -6.57 1.33 -19.07
CA GLY C 50 -6.97 -0.06 -19.27
C GLY C 50 -8.42 -0.40 -19.00
N VAL C 51 -9.26 0.60 -18.75
CA VAL C 51 -10.67 0.32 -18.45
C VAL C 51 -11.34 -0.35 -19.66
N GLY C 52 -12.08 -1.42 -19.40
CA GLY C 52 -12.75 -2.16 -20.47
C GLY C 52 -13.84 -1.38 -21.18
N LEU C 53 -14.72 -0.76 -20.37
CA LEU C 53 -15.87 -0.03 -20.87
C LEU C 53 -15.93 1.32 -20.18
N ILE C 54 -15.78 2.39 -20.95
CA ILE C 54 -15.89 3.74 -20.42
C ILE C 54 -17.31 4.22 -20.67
N MET C 55 -18.08 4.39 -19.61
CA MET C 55 -19.40 4.94 -19.73
C MET C 55 -19.36 6.45 -19.52
N GLN C 56 -19.58 7.19 -20.60
CA GLN C 56 -19.66 8.62 -20.52
C GLN C 56 -20.78 9.08 -19.61
N GLU C 57 -20.49 10.16 -18.88
CA GLU C 57 -21.41 10.86 -17.99
C GLU C 57 -22.76 11.17 -18.61
N ALA C 58 -23.75 11.34 -17.74
CA ALA C 58 -25.11 11.75 -18.14
C ALA C 58 -25.07 12.82 -19.24
N THR C 59 -25.61 12.46 -20.41
CA THR C 59 -25.60 13.33 -21.59
C THR C 59 -27.08 13.58 -21.96
N ALA C 60 -27.51 14.84 -21.86
CA ALA C 60 -28.93 15.19 -21.87
C ALA C 60 -29.56 15.06 -23.27
N VAL C 61 -30.72 14.40 -23.33
CA VAL C 61 -31.40 14.19 -24.61
C VAL C 61 -32.28 15.38 -25.01
N GLU C 62 -32.50 16.29 -24.07
CA GLU C 62 -33.13 17.61 -24.29
C GLU C 62 -32.38 18.60 -23.41
N SER C 63 -32.34 19.87 -23.80
CA SER C 63 -31.71 20.88 -22.95
C SER C 63 -32.39 20.98 -21.57
N ARG C 64 -33.71 20.79 -21.52
CA ARG C 64 -34.43 20.81 -20.24
C ARG C 64 -34.18 19.52 -19.44
N GLY C 65 -33.54 18.53 -20.06
CA GLY C 65 -33.14 17.29 -19.40
C GLY C 65 -31.76 17.30 -18.79
N ARG C 66 -31.07 18.44 -18.87
CA ARG C 66 -29.77 18.58 -18.22
C ARG C 66 -29.98 18.71 -16.71
N ILE C 67 -28.98 18.28 -15.96
CA ILE C 67 -28.94 18.51 -14.51
C ILE C 67 -28.45 19.93 -14.23
N THR C 68 -27.32 20.29 -14.83
CA THR C 68 -26.77 21.66 -14.81
C THR C 68 -26.50 22.16 -16.22
N ASP C 69 -26.30 23.47 -16.37
CA ASP C 69 -25.95 24.03 -17.68
C ASP C 69 -24.47 23.93 -18.00
N HIS C 70 -23.77 23.01 -17.33
CA HIS C 70 -22.40 22.61 -17.70
C HIS C 70 -22.32 21.11 -18.02
N ASP C 71 -23.48 20.52 -18.34
CA ASP C 71 -23.59 19.12 -18.71
C ASP C 71 -23.39 18.94 -20.20
N LEU C 72 -22.91 17.77 -20.57
CA LEU C 72 -22.87 17.35 -21.96
C LEU C 72 -24.29 17.15 -22.48
N GLY C 73 -24.46 17.39 -23.77
CA GLY C 73 -25.74 17.26 -24.45
C GLY C 73 -25.63 16.45 -25.72
N ILE C 74 -26.72 15.81 -26.10
CA ILE C 74 -26.82 15.14 -27.40
C ILE C 74 -28.24 15.37 -27.95
N TRP C 75 -28.75 16.59 -27.73
CA TRP C 75 -30.09 16.96 -28.18
C TRP C 75 -30.11 17.64 -29.54
N ASN C 76 -28.93 17.83 -30.14
CA ASN C 76 -28.84 18.38 -31.51
C ASN C 76 -27.68 17.78 -32.33
N ASP C 77 -27.77 17.90 -33.65
CA ASP C 77 -26.83 17.24 -34.55
C ASP C 77 -25.42 17.84 -34.48
N GLU C 78 -25.32 19.09 -34.03
CA GLU C 78 -24.04 19.79 -33.95
C GLU C 78 -23.15 19.22 -32.84
N GLN C 79 -23.77 18.61 -31.83
CA GLN C 79 -23.02 17.99 -30.73
C GLN C 79 -22.30 16.69 -31.14
N VAL C 80 -22.78 16.04 -32.22
CA VAL C 80 -22.27 14.75 -32.66
C VAL C 80 -20.79 14.81 -32.99
N LYS C 81 -20.37 15.81 -33.76
CA LYS C 81 -18.98 15.81 -34.22
C LYS C 81 -18.00 16.09 -33.09
N GLU C 82 -18.47 16.77 -32.05
CA GLU C 82 -17.66 17.05 -30.87
C GLU C 82 -17.59 15.83 -29.92
N LEU C 83 -18.73 15.20 -29.65
CA LEU C 83 -18.71 13.93 -28.88
C LEU C 83 -17.87 12.84 -29.55
N LYS C 84 -17.89 12.81 -30.89
CA LYS C 84 -17.11 11.84 -31.65
C LYS C 84 -15.62 11.88 -31.29
N LYS C 85 -15.14 13.05 -30.87
CA LYS C 85 -13.74 13.23 -30.50
C LYS C 85 -13.41 12.40 -29.26
N ILE C 86 -14.36 12.31 -28.34
CA ILE C 86 -14.22 11.47 -27.13
C ILE C 86 -14.23 10.00 -27.54
N VAL C 87 -15.24 9.61 -28.32
CA VAL C 87 -15.35 8.24 -28.78
C VAL C 87 -14.07 7.78 -29.47
N ASP C 88 -13.59 8.55 -30.45
CA ASP C 88 -12.48 8.09 -31.28
C ASP C 88 -11.19 7.87 -30.48
N ILE C 89 -10.90 8.79 -29.57
CA ILE C 89 -9.65 8.69 -28.78
C ILE C 89 -9.75 7.55 -27.78
N CYS C 90 -10.93 7.34 -27.20
CA CYS C 90 -11.08 6.22 -26.28
C CYS C 90 -10.97 4.88 -26.98
N LYS C 91 -11.64 4.72 -28.14
CA LYS C 91 -11.53 3.47 -28.87
C LYS C 91 -10.10 3.28 -29.43
N ALA C 92 -9.46 4.36 -29.83
CA ALA C 92 -8.08 4.27 -30.33
C ALA C 92 -7.16 3.69 -29.25
N ASN C 93 -7.49 4.00 -28.00
CA ASN C 93 -6.69 3.56 -26.88
C ASN C 93 -7.18 2.27 -26.18
N GLY C 94 -8.15 1.58 -26.81
CA GLY C 94 -8.45 0.20 -26.46
C GLY C 94 -9.72 -0.05 -25.67
N ALA C 95 -10.49 1.01 -25.45
CA ALA C 95 -11.71 0.93 -24.65
C ALA C 95 -12.96 0.78 -25.51
N VAL C 96 -13.96 0.08 -24.99
CA VAL C 96 -15.30 0.13 -25.55
C VAL C 96 -15.95 1.41 -24.99
N MET C 97 -16.60 2.19 -25.85
CA MET C 97 -17.18 3.47 -25.45
C MET C 97 -18.70 3.40 -25.30
N GLY C 98 -19.19 3.77 -24.13
CA GLY C 98 -20.61 3.88 -23.86
C GLY C 98 -21.04 5.31 -23.60
N ILE C 99 -22.33 5.58 -23.81
CA ILE C 99 -22.92 6.86 -23.48
C ILE C 99 -24.18 6.67 -22.63
N GLN C 100 -24.27 7.42 -21.54
CA GLN C 100 -25.46 7.46 -20.72
C GLN C 100 -26.40 8.55 -21.21
N LEU C 101 -27.45 8.12 -21.92
CA LEU C 101 -28.51 9.01 -22.35
C LEU C 101 -29.39 9.35 -21.16
N ALA C 102 -29.55 10.63 -20.89
CA ALA C 102 -30.18 11.07 -19.64
C ALA C 102 -31.22 12.15 -19.81
N HIS C 103 -32.10 12.23 -18.81
CA HIS C 103 -33.05 13.33 -18.68
C HIS C 103 -33.35 13.55 -17.20
N ALA C 104 -32.99 14.73 -16.71
CA ALA C 104 -33.02 15.04 -15.27
C ALA C 104 -34.41 15.17 -14.68
N GLY C 105 -35.42 15.36 -15.53
CA GLY C 105 -36.78 15.60 -15.07
C GLY C 105 -36.82 16.66 -13.97
N ARG C 106 -37.51 16.34 -12.88
CA ARG C 106 -37.72 17.32 -11.82
C ARG C 106 -36.45 17.73 -11.03
N LYS C 107 -35.34 17.03 -11.24
CA LYS C 107 -34.05 17.37 -10.62
C LYS C 107 -33.16 18.25 -11.51
N CYS C 108 -33.73 18.73 -12.62
CA CYS C 108 -33.03 19.72 -13.44
C CYS C 108 -32.79 20.95 -12.58
N ASN C 109 -31.54 21.36 -12.45
CA ASN C 109 -31.17 22.45 -11.55
C ASN C 109 -30.91 23.77 -12.28
N ILE C 110 -31.41 23.91 -13.49
CA ILE C 110 -31.20 25.13 -14.27
C ILE C 110 -32.44 26.02 -14.08
N SER C 111 -32.25 27.20 -13.48
CA SER C 111 -33.38 28.05 -13.02
C SER C 111 -34.28 28.50 -14.17
N TYR C 112 -33.67 28.68 -15.35
CA TYR C 112 -34.37 29.19 -16.53
C TYR C 112 -34.87 28.09 -17.48
N GLU C 113 -34.76 26.82 -17.08
CA GLU C 113 -35.20 25.75 -17.95
C GLU C 113 -36.66 25.37 -17.72
N ASP C 114 -37.20 24.62 -18.67
CA ASP C 114 -38.55 24.06 -18.58
C ASP C 114 -38.49 22.74 -17.80
N VAL C 115 -38.53 22.83 -16.48
CA VAL C 115 -38.41 21.66 -15.59
C VAL C 115 -39.73 20.89 -15.58
N VAL C 116 -39.66 19.62 -15.97
CA VAL C 116 -40.84 18.77 -16.17
C VAL C 116 -40.75 17.47 -15.36
N GLY C 117 -41.91 16.84 -15.18
CA GLY C 117 -42.01 15.63 -14.38
C GLY C 117 -43.33 14.92 -14.59
N PRO C 118 -43.47 13.68 -14.09
CA PRO C 118 -44.74 12.96 -14.21
C PRO C 118 -45.87 13.60 -13.38
N SER C 119 -45.52 14.19 -12.24
CA SER C 119 -46.48 14.80 -11.34
C SER C 119 -45.84 16.06 -10.77
N PRO C 120 -46.64 17.07 -10.40
CA PRO C 120 -46.13 18.34 -9.89
C PRO C 120 -45.75 18.27 -8.40
N ILE C 121 -44.61 17.64 -8.13
CA ILE C 121 -44.11 17.40 -6.78
C ILE C 121 -42.62 17.66 -6.84
N LYS C 122 -42.11 18.46 -5.91
CA LYS C 122 -40.68 18.80 -5.89
C LYS C 122 -39.82 17.62 -5.46
N ALA C 123 -38.57 17.60 -5.93
CA ALA C 123 -37.58 16.62 -5.49
C ALA C 123 -37.07 16.91 -4.07
N GLY C 124 -37.23 18.16 -3.65
CA GLY C 124 -36.74 18.63 -2.35
C GLY C 124 -36.87 20.14 -2.29
N ASP C 125 -36.57 20.72 -1.13
CA ASP C 125 -36.81 22.15 -0.89
C ASP C 125 -36.09 23.08 -1.87
N ARG C 126 -34.90 22.69 -2.29
CA ARG C 126 -34.08 23.53 -3.17
C ARG C 126 -34.49 23.45 -4.65
N TYR C 127 -35.39 22.52 -5.00
CA TYR C 127 -35.75 22.29 -6.40
C TYR C 127 -36.98 23.06 -6.85
N LYS C 128 -37.11 23.19 -8.16
CA LYS C 128 -38.24 23.85 -8.81
C LYS C 128 -39.43 22.90 -8.79
N LEU C 129 -40.65 23.44 -8.71
CA LEU C 129 -41.85 22.62 -8.88
C LEU C 129 -41.90 22.22 -10.36
N PRO C 130 -41.92 20.91 -10.63
CA PRO C 130 -41.95 20.50 -12.03
C PRO C 130 -43.31 20.67 -12.67
N ARG C 131 -43.28 20.93 -13.97
CA ARG C 131 -44.49 21.03 -14.77
C ARG C 131 -44.95 19.62 -15.14
N GLU C 132 -46.23 19.33 -14.86
CA GLU C 132 -46.79 18.00 -15.15
C GLU C 132 -46.95 17.76 -16.67
N LEU C 133 -46.25 16.74 -17.19
CA LEU C 133 -46.26 16.41 -18.61
C LEU C 133 -47.58 15.88 -19.12
N SER C 134 -47.97 16.33 -20.31
CA SER C 134 -49.09 15.72 -21.00
C SER C 134 -48.62 14.46 -21.71
N VAL C 135 -49.56 13.64 -22.16
CA VAL C 135 -49.22 12.45 -22.93
C VAL C 135 -48.46 12.79 -24.24
N GLU C 136 -48.88 13.86 -24.93
CA GLU C 136 -48.17 14.29 -26.14
CA GLU C 136 -48.17 14.28 -26.14
C GLU C 136 -46.72 14.68 -25.83
N GLU C 137 -46.51 15.37 -24.71
CA GLU C 137 -45.16 15.75 -24.31
C GLU C 137 -44.31 14.55 -23.94
N ILE C 138 -44.90 13.59 -23.24
CA ILE C 138 -44.21 12.34 -22.95
C ILE C 138 -43.76 11.67 -24.26
N LYS C 139 -44.66 11.59 -25.24
CA LYS C 139 -44.27 11.04 -26.53
C LYS C 139 -43.13 11.81 -27.21
N SER C 140 -43.12 13.12 -27.04
CA SER C 140 -42.05 13.95 -27.56
C SER C 140 -40.70 13.61 -26.90
N ILE C 141 -40.72 13.34 -25.58
CA ILE C 141 -39.49 12.99 -24.86
C ILE C 141 -39.03 11.60 -25.28
N VAL C 142 -39.97 10.67 -25.42
CA VAL C 142 -39.65 9.37 -26.00
C VAL C 142 -38.92 9.56 -27.35
N LYS C 143 -39.50 10.40 -28.22
CA LYS C 143 -38.87 10.70 -29.52
C LYS C 143 -37.45 11.24 -29.35
N ALA C 144 -37.28 12.14 -28.39
CA ALA C 144 -35.96 12.71 -28.06
C ALA C 144 -34.93 11.64 -27.69
N PHE C 145 -35.34 10.65 -26.89
CA PHE C 145 -34.42 9.54 -26.57
C PHE C 145 -34.00 8.79 -27.84
N GLY C 146 -34.95 8.52 -28.73
CA GLY C 146 -34.64 7.88 -30.01
C GLY C 146 -33.68 8.66 -30.88
N GLU C 147 -33.92 9.96 -31.03
N GLU C 147 -33.94 9.95 -31.01
CA GLU C 147 -33.03 10.83 -31.80
CA GLU C 147 -33.09 10.87 -31.77
C GLU C 147 -31.64 10.87 -31.18
C GLU C 147 -31.67 10.89 -31.18
N ALA C 148 -31.58 10.90 -29.86
CA ALA C 148 -30.31 10.88 -29.14
C ALA C 148 -29.53 9.58 -29.42
N ALA C 149 -30.24 8.45 -29.45
CA ALA C 149 -29.62 7.17 -29.76
C ALA C 149 -29.09 7.17 -31.20
N LYS C 150 -29.88 7.75 -32.11
CA LYS C 150 -29.45 7.88 -33.51
C LYS C 150 -28.15 8.66 -33.61
N ARG C 151 -28.08 9.79 -32.91
CA ARG C 151 -26.87 10.62 -32.85
C ARG C 151 -25.70 9.86 -32.24
N ALA C 152 -25.98 9.10 -31.18
CA ALA C 152 -24.93 8.33 -30.51
C ALA C 152 -24.30 7.31 -31.45
N ASN C 153 -25.13 6.63 -32.24
CA ASN C 153 -24.61 5.69 -33.24
C ASN C 153 -23.76 6.43 -34.28
N LEU C 154 -24.21 7.60 -34.71
CA LEU C 154 -23.45 8.41 -35.68
C LEU C 154 -22.10 8.83 -35.12
N ALA C 155 -22.06 9.16 -33.82
CA ALA C 155 -20.81 9.52 -33.15
C ALA C 155 -19.88 8.33 -32.94
N GLY C 156 -20.42 7.11 -33.03
CA GLY C 156 -19.62 5.91 -32.98
C GLY C 156 -19.60 5.18 -31.64
N TYR C 157 -20.46 5.57 -30.70
CA TYR C 157 -20.54 4.84 -29.43
C TYR C 157 -20.84 3.36 -29.66
N ASP C 158 -20.28 2.51 -28.80
CA ASP C 158 -20.47 1.05 -28.86
C ASP C 158 -21.68 0.58 -28.07
N VAL C 159 -21.97 1.29 -26.97
CA VAL C 159 -22.99 0.91 -26.03
C VAL C 159 -23.82 2.15 -25.69
N VAL C 160 -25.13 1.98 -25.60
CA VAL C 160 -26.00 3.04 -25.13
C VAL C 160 -26.62 2.60 -23.79
N GLU C 161 -26.61 3.51 -22.82
CA GLU C 161 -27.25 3.26 -21.53
C GLU C 161 -28.37 4.25 -21.31
N ILE C 162 -29.56 3.74 -20.98
CA ILE C 162 -30.70 4.58 -20.60
C ILE C 162 -30.65 4.85 -19.10
N HIS C 163 -30.57 6.11 -18.71
CA HIS C 163 -30.49 6.49 -17.31
C HIS C 163 -31.87 6.52 -16.65
N ALA C 164 -32.22 5.41 -16.03
CA ALA C 164 -33.53 5.26 -15.37
C ALA C 164 -33.42 5.28 -13.84
N ALA C 165 -32.35 5.92 -13.37
CA ALA C 165 -32.00 5.93 -11.95
C ALA C 165 -31.85 7.33 -11.34
N HIS C 166 -31.45 7.34 -10.08
CA HIS C 166 -30.92 8.52 -9.38
C HIS C 166 -31.89 9.69 -9.30
N GLY C 167 -33.17 9.35 -9.36
CA GLY C 167 -34.25 10.30 -9.12
C GLY C 167 -34.61 11.14 -10.31
N TYR C 168 -34.06 10.80 -11.48
CA TYR C 168 -34.28 11.60 -12.69
C TYR C 168 -35.58 11.19 -13.37
N LEU C 169 -35.81 11.61 -14.62
CA LEU C 169 -37.18 11.56 -15.16
C LEU C 169 -37.78 10.17 -15.18
N ILE C 170 -37.07 9.20 -15.73
CA ILE C 170 -37.65 7.85 -15.88
C ILE C 170 -37.91 7.26 -14.49
N HIS C 171 -36.95 7.45 -13.58
CA HIS C 171 -37.11 6.97 -12.19
C HIS C 171 -38.36 7.60 -11.56
N GLU C 172 -38.59 8.88 -11.85
CA GLU C 172 -39.76 9.57 -11.31
C GLU C 172 -41.07 8.93 -11.77
N PHE C 173 -41.12 8.44 -13.00
CA PHE C 173 -42.29 7.67 -13.48
C PHE C 173 -42.38 6.30 -12.79
N LEU C 174 -41.23 5.65 -12.54
CA LEU C 174 -41.23 4.31 -11.96
C LEU C 174 -41.67 4.25 -10.50
N SER C 175 -41.39 5.31 -9.73
CA SER C 175 -41.66 5.31 -8.28
C SER C 175 -43.03 5.84 -7.94
N PRO C 176 -43.83 5.07 -7.17
CA PRO C 176 -45.09 5.61 -6.67
C PRO C 176 -44.97 6.89 -5.84
N LEU C 177 -43.79 7.14 -5.27
CA LEU C 177 -43.57 8.31 -4.43
C LEU C 177 -43.57 9.62 -5.22
N SER C 178 -43.27 9.52 -6.53
CA SER C 178 -43.15 10.70 -7.39
C SER C 178 -44.16 10.70 -8.55
N ASN C 179 -44.76 9.54 -8.84
CA ASN C 179 -45.74 9.39 -9.91
C ASN C 179 -47.13 9.21 -9.29
N LYS C 180 -47.91 10.29 -9.30
CA LYS C 180 -49.30 10.27 -8.81
C LYS C 180 -50.32 10.36 -9.97
N ARG C 181 -49.86 10.07 -11.19
CA ARG C 181 -50.71 10.16 -12.38
C ARG C 181 -51.86 9.18 -12.31
N LYS C 182 -52.98 9.55 -12.92
CA LYS C 182 -54.13 8.66 -13.02
C LYS C 182 -54.49 8.32 -14.46
N ASP C 183 -53.61 8.63 -15.40
CA ASP C 183 -53.77 8.24 -16.80
C ASP C 183 -52.96 6.96 -17.07
N GLU C 184 -52.68 6.68 -18.34
CA GLU C 184 -52.05 5.42 -18.72
C GLU C 184 -50.56 5.33 -18.28
N TYR C 185 -50.03 6.42 -17.76
CA TYR C 185 -48.64 6.44 -17.27
C TYR C 185 -48.53 6.31 -15.75
N GLY C 186 -49.65 6.08 -15.06
CA GLY C 186 -49.65 5.91 -13.60
C GLY C 186 -50.66 4.92 -13.03
N ASN C 187 -50.60 4.73 -11.71
CA ASN C 187 -51.62 3.98 -10.93
C ASN C 187 -51.66 2.46 -11.07
N SER C 188 -50.69 1.88 -11.77
CA SER C 188 -50.47 0.44 -11.76
C SER C 188 -49.00 0.25 -12.09
N ILE C 189 -48.45 -0.90 -11.75
CA ILE C 189 -47.04 -1.15 -12.00
C ILE C 189 -46.76 -1.14 -13.50
N GLU C 190 -47.68 -1.70 -14.29
CA GLU C 190 -47.58 -1.73 -15.75
C GLU C 190 -47.60 -0.32 -16.34
N ASN C 191 -48.47 0.53 -15.80
CA ASN C 191 -48.55 1.92 -16.25
C ASN C 191 -47.33 2.75 -15.83
N ARG C 192 -46.80 2.48 -14.63
CA ARG C 192 -45.61 3.21 -14.18
C ARG C 192 -44.39 2.82 -15.01
N ALA C 193 -44.40 1.61 -15.52
CA ALA C 193 -43.31 1.11 -16.38
C ALA C 193 -43.42 1.59 -17.83
N ARG C 194 -44.57 2.17 -18.19
CA ARG C 194 -44.87 2.46 -19.59
C ARG C 194 -43.84 3.39 -20.23
N PHE C 195 -43.50 4.47 -19.54
CA PHE C 195 -42.55 5.43 -20.09
C PHE C 195 -41.19 4.77 -20.38
N LEU C 196 -40.69 3.98 -19.44
CA LEU C 196 -39.42 3.28 -19.63
C LEU C 196 -39.46 2.33 -20.82
N ILE C 197 -40.54 1.57 -20.92
CA ILE C 197 -40.72 0.62 -22.00
C ILE C 197 -40.76 1.33 -23.36
N GLU C 198 -41.48 2.45 -23.41
CA GLU C 198 -41.56 3.26 -24.65
C GLU C 198 -40.20 3.83 -25.04
N VAL C 199 -39.45 4.30 -24.05
CA VAL C 199 -38.11 4.83 -24.30
C VAL C 199 -37.21 3.72 -24.87
N ILE C 200 -37.25 2.55 -24.27
CA ILE C 200 -36.49 1.41 -24.77
C ILE C 200 -36.87 1.09 -26.22
N ASP C 201 -38.17 1.07 -26.51
CA ASP C 201 -38.62 0.71 -27.86
C ASP C 201 -38.12 1.73 -28.86
N GLU C 202 -38.17 3.00 -28.51
CA GLU C 202 -37.78 4.07 -29.43
C GLU C 202 -36.25 4.08 -29.59
N VAL C 203 -35.53 3.79 -28.52
CA VAL C 203 -34.09 3.62 -28.64
C VAL C 203 -33.75 2.45 -29.61
N ARG C 204 -34.44 1.31 -29.47
CA ARG C 204 -34.20 0.16 -30.35
C ARG C 204 -34.44 0.48 -31.83
N LYS C 205 -35.38 1.36 -32.12
CA LYS C 205 -35.64 1.78 -33.49
C LYS C 205 -34.51 2.63 -34.06
N ASN C 206 -33.65 3.14 -33.19
CA ASN C 206 -32.59 4.07 -33.58
C ASN C 206 -31.18 3.59 -33.22
N TRP C 207 -31.08 2.34 -32.80
CA TRP C 207 -29.81 1.77 -32.31
C TRP C 207 -29.62 0.40 -32.96
N PRO C 208 -28.44 0.14 -33.57
CA PRO C 208 -28.19 -1.14 -34.26
C PRO C 208 -28.47 -2.35 -33.38
N GLU C 209 -29.14 -3.35 -33.95
CA GLU C 209 -29.57 -4.50 -33.17
C GLU C 209 -28.39 -5.35 -32.66
N ASN C 210 -27.21 -5.16 -33.25
CA ASN C 210 -26.01 -5.86 -32.81
C ASN C 210 -25.13 -5.08 -31.82
N LYS C 211 -25.65 -3.96 -31.29
CA LYS C 211 -24.94 -3.20 -30.25
C LYS C 211 -25.77 -3.25 -28.95
N PRO C 212 -25.09 -3.35 -27.80
CA PRO C 212 -25.83 -3.51 -26.53
C PRO C 212 -26.61 -2.26 -26.09
N ILE C 213 -27.68 -2.51 -25.34
CA ILE C 213 -28.43 -1.50 -24.61
C ILE C 213 -28.35 -1.87 -23.12
N PHE C 214 -27.82 -0.94 -22.33
CA PHE C 214 -27.83 -1.04 -20.86
C PHE C 214 -28.94 -0.15 -20.29
N VAL C 215 -29.41 -0.48 -19.10
CA VAL C 215 -30.33 0.41 -18.38
C VAL C 215 -29.83 0.56 -16.95
N ARG C 216 -29.59 1.79 -16.51
CA ARG C 216 -29.24 2.04 -15.10
C ARG C 216 -30.52 2.31 -14.30
N VAL C 217 -30.67 1.60 -13.19
CA VAL C 217 -31.85 1.67 -12.35
C VAL C 217 -31.45 1.96 -10.92
N SER C 218 -32.39 2.54 -10.18
CA SER C 218 -32.31 2.65 -8.72
C SER C 218 -33.22 1.57 -8.17
N ALA C 219 -32.63 0.53 -7.61
CA ALA C 219 -33.38 -0.63 -7.14
C ALA C 219 -34.06 -0.45 -5.77
N ASP C 220 -33.82 0.69 -5.12
CA ASP C 220 -34.39 0.98 -3.81
C ASP C 220 -34.50 2.47 -3.61
N ASP C 221 -35.66 2.92 -3.16
CA ASP C 221 -35.88 4.30 -2.74
C ASP C 221 -35.63 4.49 -1.24
N TYR C 222 -35.49 3.38 -0.51
CA TYR C 222 -35.23 3.36 0.95
C TYR C 222 -36.35 4.05 1.72
N MET C 223 -37.57 3.95 1.17
CA MET C 223 -38.74 4.58 1.75
C MET C 223 -39.97 3.74 1.53
N GLU C 224 -40.79 3.65 2.57
N GLU C 224 -40.79 3.64 2.57
CA GLU C 224 -42.07 2.96 2.48
CA GLU C 224 -42.07 2.97 2.47
C GLU C 224 -42.90 3.61 1.37
C GLU C 224 -42.90 3.61 1.36
N GLY C 225 -43.53 2.78 0.54
CA GLY C 225 -44.31 3.25 -0.61
C GLY C 225 -43.51 3.44 -1.88
N GLY C 226 -42.19 3.35 -1.78
CA GLY C 226 -41.31 3.53 -2.91
C GLY C 226 -40.85 2.23 -3.55
N ILE C 227 -39.93 2.39 -4.49
CA ILE C 227 -39.32 1.25 -5.14
C ILE C 227 -38.52 0.44 -4.11
N ASN C 228 -38.64 -0.88 -4.23
CA ASN C 228 -37.83 -1.83 -3.48
C ASN C 228 -37.35 -2.90 -4.43
N ILE C 229 -36.47 -3.79 -3.96
CA ILE C 229 -35.88 -4.78 -4.86
C ILE C 229 -36.92 -5.66 -5.56
N ASP C 230 -37.99 -6.03 -4.85
CA ASP C 230 -39.01 -6.88 -5.47
C ASP C 230 -39.72 -6.15 -6.62
N MET C 231 -40.01 -4.87 -6.42
CA MET C 231 -40.67 -4.06 -7.45
C MET C 231 -39.75 -3.94 -8.66
N MET C 232 -38.44 -3.72 -8.41
CA MET C 232 -37.50 -3.58 -9.52
C MET C 232 -37.33 -4.88 -10.32
N VAL C 233 -37.32 -6.01 -9.62
CA VAL C 233 -37.32 -7.31 -10.28
C VAL C 233 -38.52 -7.43 -11.26
N GLU C 234 -39.70 -6.98 -10.83
CA GLU C 234 -40.88 -6.94 -11.69
C GLU C 234 -40.66 -6.06 -12.92
N TYR C 235 -40.08 -4.88 -12.72
CA TYR C 235 -39.81 -3.96 -13.84
C TYR C 235 -38.80 -4.58 -14.78
N ILE C 236 -37.74 -5.15 -14.23
CA ILE C 236 -36.72 -5.75 -15.10
C ILE C 236 -37.31 -6.90 -15.93
N ASN C 237 -38.23 -7.67 -15.35
CA ASN C 237 -38.80 -8.79 -16.09
C ASN C 237 -39.64 -8.29 -17.28
N MET C 238 -40.14 -7.06 -17.18
CA MET C 238 -40.89 -6.45 -18.27
C MET C 238 -40.01 -6.05 -19.47
N ILE C 239 -38.73 -5.79 -19.22
CA ILE C 239 -37.83 -5.24 -20.24
C ILE C 239 -36.66 -6.14 -20.63
N LYS C 240 -36.48 -7.26 -19.92
CA LYS C 240 -35.27 -8.06 -20.09
C LYS C 240 -35.11 -8.68 -21.49
N ASP C 241 -36.20 -8.86 -22.24
CA ASP C 241 -36.07 -9.39 -23.60
C ASP C 241 -35.60 -8.34 -24.60
N LYS C 242 -35.50 -7.09 -24.15
CA LYS C 242 -35.19 -5.96 -25.03
C LYS C 242 -33.89 -5.24 -24.72
N VAL C 243 -33.31 -5.53 -23.55
CA VAL C 243 -32.03 -4.91 -23.17
C VAL C 243 -31.04 -6.00 -22.73
N ASP C 244 -29.78 -5.62 -22.60
CA ASP C 244 -28.70 -6.59 -22.46
C ASP C 244 -28.05 -6.66 -21.08
N LEU C 245 -28.13 -5.58 -20.31
CA LEU C 245 -27.49 -5.53 -19.00
C LEU C 245 -28.14 -4.45 -18.16
N ILE C 246 -28.35 -4.75 -16.88
CA ILE C 246 -28.87 -3.80 -15.92
C ILE C 246 -27.73 -3.29 -15.04
N ASP C 247 -27.52 -1.99 -15.10
CA ASP C 247 -26.49 -1.27 -14.34
C ASP C 247 -27.20 -0.87 -13.04
N VAL C 248 -26.91 -1.61 -11.97
CA VAL C 248 -27.73 -1.53 -10.75
C VAL C 248 -27.18 -0.55 -9.70
N SER C 249 -27.98 0.45 -9.39
CA SER C 249 -27.67 1.44 -8.37
C SER C 249 -28.87 1.55 -7.43
N SER C 250 -28.94 2.65 -6.69
CA SER C 250 -30.07 2.87 -5.78
C SER C 250 -30.14 4.33 -5.40
N GLY C 251 -31.25 4.72 -4.80
CA GLY C 251 -31.40 6.06 -4.27
C GLY C 251 -31.60 7.19 -5.27
N GLY C 252 -31.66 8.41 -4.74
CA GLY C 252 -31.71 9.63 -5.53
C GLY C 252 -33.05 10.33 -5.71
N LEU C 253 -34.15 9.62 -5.52
CA LEU C 253 -35.47 10.21 -5.77
C LEU C 253 -35.77 11.31 -4.77
N LEU C 254 -35.49 11.01 -3.50
CA LEU C 254 -35.71 11.90 -2.37
C LEU C 254 -34.59 11.68 -1.38
N ASN C 255 -34.25 12.72 -0.63
CA ASN C 255 -33.25 12.62 0.42
C ASN C 255 -33.62 11.54 1.42
N VAL C 256 -32.71 10.60 1.63
CA VAL C 256 -32.88 9.54 2.63
C VAL C 256 -31.54 9.22 3.24
N ASP C 257 -31.57 8.84 4.52
CA ASP C 257 -30.41 8.31 5.20
C ASP C 257 -30.20 6.88 4.69
N ILE C 258 -28.98 6.59 4.27
CA ILE C 258 -28.60 5.29 3.69
C ILE C 258 -27.34 4.88 4.44
N ASN C 259 -27.28 3.62 4.87
CA ASN C 259 -26.05 3.06 5.45
CA ASN C 259 -26.07 3.06 5.42
C ASN C 259 -25.05 2.82 4.31
N LEU C 260 -23.90 3.48 4.39
CA LEU C 260 -22.89 3.41 3.32
C LEU C 260 -21.68 2.57 3.74
N TYR C 261 -21.29 1.64 2.87
CA TYR C 261 -20.16 0.76 3.12
C TYR C 261 -19.77 0.11 1.80
N PRO C 262 -18.56 -0.48 1.70
CA PRO C 262 -18.16 -1.10 0.45
C PRO C 262 -19.15 -2.19 0.01
N GLY C 263 -19.64 -2.08 -1.21
CA GLY C 263 -20.53 -3.08 -1.73
C GLY C 263 -21.98 -2.97 -1.30
N TYR C 264 -22.35 -1.78 -0.82
CA TYR C 264 -23.71 -1.58 -0.31
C TYR C 264 -24.82 -1.75 -1.34
N GLN C 265 -24.52 -1.71 -2.63
CA GLN C 265 -25.54 -1.99 -3.65
C GLN C 265 -25.38 -3.34 -4.34
N VAL C 266 -24.40 -4.15 -3.90
CA VAL C 266 -24.12 -5.42 -4.58
C VAL C 266 -25.25 -6.43 -4.45
N LYS C 267 -25.91 -6.46 -3.31
CA LYS C 267 -27.03 -7.41 -3.15
C LYS C 267 -28.15 -7.15 -4.16
N TYR C 268 -28.39 -5.88 -4.48
CA TYR C 268 -29.39 -5.56 -5.52
C TYR C 268 -28.96 -6.12 -6.86
N ALA C 269 -27.68 -5.95 -7.21
CA ALA C 269 -27.15 -6.46 -8.48
C ALA C 269 -27.28 -7.97 -8.59
N GLU C 270 -26.98 -8.66 -7.48
N GLU C 270 -26.98 -8.69 -7.50
CA GLU C 270 -27.01 -10.13 -7.48
CA GLU C 270 -27.00 -10.15 -7.55
C GLU C 270 -28.43 -10.63 -7.60
C GLU C 270 -28.43 -10.69 -7.55
N THR C 271 -29.34 -9.99 -6.87
CA THR C 271 -30.75 -10.40 -6.85
C THR C 271 -31.39 -10.23 -8.24
N ILE C 272 -31.14 -9.10 -8.88
CA ILE C 272 -31.65 -8.91 -10.26
C ILE C 272 -31.03 -9.93 -11.20
N LYS C 273 -29.73 -10.14 -11.09
CA LYS C 273 -29.05 -11.10 -11.96
C LYS C 273 -29.69 -12.49 -11.84
N LYS C 274 -29.88 -12.96 -10.61
CA LYS C 274 -30.39 -14.32 -10.40
C LYS C 274 -31.87 -14.46 -10.65
N ARG C 275 -32.66 -13.53 -10.12
N ARG C 275 -32.68 -13.55 -10.11
CA ARG C 275 -34.12 -13.61 -10.21
CA ARG C 275 -34.13 -13.69 -10.28
C ARG C 275 -34.68 -13.26 -11.60
C ARG C 275 -34.57 -13.43 -11.71
N CYS C 276 -33.92 -12.49 -12.39
CA CYS C 276 -34.31 -12.12 -13.76
C CYS C 276 -33.52 -12.83 -14.87
N ASN C 277 -32.42 -13.49 -14.51
CA ASN C 277 -31.56 -14.16 -15.50
C ASN C 277 -31.12 -13.15 -16.56
N ILE C 278 -30.47 -12.09 -16.09
CA ILE C 278 -29.98 -11.03 -16.95
C ILE C 278 -28.60 -10.59 -16.41
N LYS C 279 -27.73 -10.13 -17.31
CA LYS C 279 -26.45 -9.60 -16.93
C LYS C 279 -26.63 -8.34 -16.09
N THR C 280 -25.77 -8.17 -15.09
CA THR C 280 -25.79 -6.94 -14.29
C THR C 280 -24.39 -6.36 -14.07
N SER C 281 -24.34 -5.08 -13.72
CA SER C 281 -23.14 -4.39 -13.24
CA SER C 281 -23.11 -4.47 -13.21
C SER C 281 -23.36 -4.01 -11.79
N ALA C 282 -22.33 -4.10 -10.96
CA ALA C 282 -22.38 -3.67 -9.56
C ALA C 282 -21.55 -2.40 -9.40
N VAL C 283 -22.02 -1.47 -8.58
CA VAL C 283 -21.34 -0.21 -8.30
C VAL C 283 -21.61 0.22 -6.87
N GLY C 284 -20.65 0.94 -6.29
CA GLY C 284 -20.85 1.62 -5.03
C GLY C 284 -19.83 1.29 -3.97
N LEU C 285 -18.90 2.22 -3.80
CA LEU C 285 -17.85 2.15 -2.77
C LEU C 285 -16.92 0.92 -2.92
N ILE C 286 -16.80 0.41 -4.14
CA ILE C 286 -15.84 -0.62 -4.49
C ILE C 286 -14.52 0.04 -4.88
N THR C 287 -13.43 -0.32 -4.21
CA THR C 287 -12.14 0.29 -4.53
C THR C 287 -10.98 -0.67 -4.72
N THR C 288 -11.12 -1.89 -4.20
CA THR C 288 -10.07 -2.90 -4.25
C THR C 288 -10.26 -3.97 -5.35
N GLN C 289 -9.13 -4.42 -5.90
CA GLN C 289 -9.10 -5.60 -6.76
C GLN C 289 -9.74 -6.78 -6.05
N GLU C 290 -9.50 -6.92 -4.74
CA GLU C 290 -10.01 -8.04 -4.01
C GLU C 290 -11.55 -8.11 -4.02
N LEU C 291 -12.19 -7.00 -3.69
CA LEU C 291 -13.65 -7.00 -3.68
C LEU C 291 -14.20 -7.15 -5.12
N ALA C 292 -13.55 -6.50 -6.10
CA ALA C 292 -14.00 -6.61 -7.50
C ALA C 292 -13.99 -8.08 -7.95
N GLU C 293 -12.91 -8.78 -7.59
CA GLU C 293 -12.77 -10.20 -7.93
C GLU C 293 -13.82 -11.06 -7.24
N GLU C 294 -14.08 -10.82 -5.97
CA GLU C 294 -15.10 -11.58 -5.24
C GLU C 294 -16.46 -11.41 -5.89
N ILE C 295 -16.77 -10.18 -6.28
CA ILE C 295 -18.09 -9.89 -6.84
C ILE C 295 -18.26 -10.68 -8.13
N LEU C 296 -17.23 -10.66 -8.95
CA LEU C 296 -17.28 -11.34 -10.24
C LEU C 296 -17.27 -12.86 -10.09
N SER C 297 -16.38 -13.38 -9.26
CA SER C 297 -16.22 -14.83 -9.14
C SER C 297 -17.37 -15.49 -8.41
N ASN C 298 -18.01 -14.77 -7.49
CA ASN C 298 -19.22 -15.29 -6.79
C ASN C 298 -20.50 -15.03 -7.61
N GLU C 299 -20.30 -14.62 -8.87
CA GLU C 299 -21.41 -14.40 -9.81
C GLU C 299 -22.47 -13.44 -9.28
N ARG C 300 -22.01 -12.41 -8.59
CA ARG C 300 -22.92 -11.40 -8.06
CA ARG C 300 -22.90 -11.38 -8.05
C ARG C 300 -23.22 -10.31 -9.11
N ALA C 301 -22.34 -10.19 -10.10
CA ALA C 301 -22.51 -9.26 -11.21
C ALA C 301 -21.57 -9.69 -12.33
N ASP C 302 -21.82 -9.19 -13.55
CA ASP C 302 -21.00 -9.50 -14.72
C ASP C 302 -19.92 -8.47 -14.99
N LEU C 303 -20.17 -7.22 -14.56
CA LEU C 303 -19.21 -6.12 -14.62
C LEU C 303 -19.15 -5.46 -13.26
N VAL C 304 -17.98 -4.90 -12.94
CA VAL C 304 -17.81 -4.06 -11.76
C VAL C 304 -17.54 -2.67 -12.26
N ALA C 305 -18.36 -1.72 -11.81
CA ALA C 305 -18.21 -0.32 -12.13
C ALA C 305 -17.49 0.38 -11.01
N LEU C 306 -16.48 1.18 -11.38
CA LEU C 306 -15.74 2.01 -10.46
C LEU C 306 -16.00 3.48 -10.84
N GLY C 307 -16.40 4.28 -9.86
CA GLY C 307 -16.57 5.71 -10.03
C GLY C 307 -15.41 6.44 -9.40
N ARG C 308 -15.54 6.79 -8.12
CA ARG C 308 -14.54 7.63 -7.50
C ARG C 308 -13.13 7.05 -7.52
N GLU C 309 -13.00 5.73 -7.44
CA GLU C 309 -11.66 5.13 -7.45
C GLU C 309 -10.95 5.46 -8.77
N LEU C 310 -11.69 5.50 -9.88
CA LEU C 310 -11.08 5.89 -11.16
C LEU C 310 -10.83 7.38 -11.36
N LEU C 311 -11.46 8.23 -10.54
CA LEU C 311 -11.10 9.66 -10.51
C LEU C 311 -9.73 9.84 -9.85
N ARG C 312 -9.53 9.21 -8.70
CA ARG C 312 -8.27 9.37 -7.95
C ARG C 312 -7.14 8.46 -8.45
N ASN C 313 -7.48 7.35 -9.10
CA ASN C 313 -6.55 6.28 -9.45
C ASN C 313 -6.90 5.81 -10.87
N PRO C 314 -6.62 6.66 -11.87
CA PRO C 314 -7.06 6.37 -13.23
C PRO C 314 -6.46 5.11 -13.85
N TYR C 315 -5.28 4.68 -13.40
CA TYR C 315 -4.62 3.50 -13.98
C TYR C 315 -4.81 2.23 -13.13
N TRP C 316 -5.87 2.23 -12.32
CA TRP C 316 -6.23 1.08 -11.48
C TRP C 316 -6.12 -0.25 -12.21
N VAL C 317 -6.68 -0.33 -13.42
CA VAL C 317 -6.64 -1.60 -14.15
C VAL C 317 -5.20 -2.02 -14.49
N LEU C 318 -4.36 -1.06 -14.89
CA LEU C 318 -2.97 -1.38 -15.23
C LEU C 318 -2.26 -2.05 -14.07
N HIS C 319 -2.58 -1.60 -12.86
CA HIS C 319 -1.95 -2.11 -11.64
C HIS C 319 -2.38 -3.55 -11.33
N THR C 320 -3.44 -4.05 -11.98
CA THR C 320 -3.86 -5.43 -11.83
C THR C 320 -3.22 -6.42 -12.83
N TYR C 321 -2.56 -5.90 -13.86
CA TYR C 321 -1.89 -6.75 -14.85
C TYR C 321 -0.64 -7.42 -14.30
N THR C 322 -0.37 -8.64 -14.74
CA THR C 322 0.77 -9.40 -14.26
C THR C 322 1.93 -9.47 -15.26
N SER C 323 1.78 -8.85 -16.43
CA SER C 323 2.89 -8.77 -17.40
C SER C 323 2.94 -7.43 -18.11
N LYS C 324 4.15 -7.01 -18.49
CA LYS C 324 4.36 -5.69 -19.06
C LYS C 324 3.72 -5.57 -20.45
N GLU C 325 3.45 -6.71 -21.09
CA GLU C 325 2.85 -6.71 -22.41
C GLU C 325 1.41 -6.21 -22.40
N ASP C 326 0.78 -6.24 -21.23
CA ASP C 326 -0.58 -5.72 -21.05
C ASP C 326 -0.62 -4.19 -20.93
N TRP C 327 0.53 -3.58 -20.67
CA TRP C 327 0.63 -2.15 -20.51
C TRP C 327 0.75 -1.44 -21.88
N PRO C 328 0.37 -0.16 -21.94
CA PRO C 328 0.66 0.61 -23.14
C PRO C 328 2.15 0.53 -23.41
N LYS C 329 2.53 0.42 -24.68
CA LYS C 329 3.92 0.16 -25.02
C LYS C 329 4.84 1.27 -24.52
N GLN C 330 4.32 2.49 -24.54
CA GLN C 330 5.06 3.68 -24.09
C GLN C 330 5.44 3.60 -22.62
N TYR C 331 4.65 2.86 -21.85
CA TYR C 331 4.82 2.80 -20.39
C TYR C 331 5.37 1.45 -19.88
N GLU C 332 5.72 0.57 -20.79
CA GLU C 332 6.21 -0.76 -20.46
C GLU C 332 7.37 -0.73 -19.46
N ARG C 333 8.24 0.27 -19.61
CA ARG C 333 9.41 0.45 -18.74
C ARG C 333 9.06 0.66 -17.27
N ALA C 334 7.82 1.06 -17.01
CA ALA C 334 7.33 1.32 -15.64
C ALA C 334 6.67 0.11 -14.99
N PHE C 335 6.51 -0.99 -15.73
CA PHE C 335 5.98 -2.20 -15.14
C PHE C 335 6.94 -2.73 -14.06
N SER D 2 3.51 19.26 3.25
CA SER D 2 4.82 18.65 2.90
C SER D 2 5.75 19.69 2.28
N ILE D 3 7.04 19.56 2.53
CA ILE D 3 8.06 20.40 1.87
C ILE D 3 7.94 20.34 0.32
N LEU D 4 7.40 19.23 -0.17
CA LEU D 4 7.16 19.01 -1.60
C LEU D 4 6.25 20.07 -2.19
N HIS D 5 5.39 20.64 -1.34
CA HIS D 5 4.36 21.60 -1.79
C HIS D 5 4.83 23.06 -1.76
N MET D 6 6.10 23.28 -1.43
CA MET D 6 6.64 24.62 -1.38
CA MET D 6 6.67 24.62 -1.38
C MET D 6 7.01 25.08 -2.80
N PRO D 7 6.56 26.30 -3.19
CA PRO D 7 6.91 26.79 -4.52
C PRO D 7 8.39 27.08 -4.70
N LEU D 8 8.86 27.07 -5.95
CA LEU D 8 10.23 27.45 -6.29
C LEU D 8 10.18 28.47 -7.44
N LYS D 9 10.63 29.70 -7.17
CA LYS D 9 10.68 30.71 -8.23
C LYS D 9 12.07 30.74 -8.83
N ILE D 10 12.13 30.72 -10.16
CA ILE D 10 13.38 30.79 -10.89
C ILE D 10 13.14 31.84 -11.96
N LYS D 11 13.94 32.92 -11.94
CA LYS D 11 13.65 34.11 -12.74
C LYS D 11 12.18 34.53 -12.53
N ASP D 12 11.44 34.75 -13.61
CA ASP D 12 10.02 35.15 -13.49
C ASP D 12 9.05 33.98 -13.42
N ILE D 13 9.55 32.74 -13.36
CA ILE D 13 8.71 31.55 -13.41
C ILE D 13 8.58 30.94 -12.02
N THR D 14 7.34 30.73 -11.57
CA THR D 14 7.09 30.11 -10.28
C THR D 14 6.56 28.70 -10.47
N ILE D 15 7.33 27.73 -10.02
CA ILE D 15 6.90 26.34 -10.02
C ILE D 15 6.17 26.14 -8.69
N LYS D 16 4.93 25.65 -8.76
CA LYS D 16 4.04 25.61 -7.58
C LYS D 16 4.44 24.59 -6.51
N ASN D 17 5.25 23.61 -6.89
CA ASN D 17 5.73 22.56 -5.99
C ASN D 17 7.09 22.06 -6.48
N ARG D 18 7.66 21.08 -5.78
CA ARG D 18 9.04 20.68 -6.03
C ARG D 18 9.15 19.42 -6.86
N ILE D 19 8.06 19.02 -7.50
CA ILE D 19 8.06 17.82 -8.33
C ILE D 19 8.16 18.14 -9.81
N MET D 20 9.17 17.58 -10.46
CA MET D 20 9.34 17.66 -11.92
C MET D 20 9.08 16.30 -12.56
N MET D 21 8.32 16.29 -13.66
CA MET D 21 8.22 15.10 -14.49
C MET D 21 9.48 15.05 -15.34
N SER D 22 10.32 14.05 -15.09
CA SER D 22 11.57 13.88 -15.81
C SER D 22 11.28 13.71 -17.31
N PRO D 23 12.13 14.29 -18.17
CA PRO D 23 11.93 14.08 -19.61
C PRO D 23 12.05 12.61 -20.00
N MET D 24 11.02 12.07 -20.66
CA MET D 24 10.99 10.67 -21.07
C MET D 24 10.45 10.51 -22.49
N CYS D 25 11.29 10.03 -23.39
CA CYS D 25 10.90 9.75 -24.76
C CYS D 25 9.75 8.77 -24.80
N MET D 26 8.78 9.11 -25.64
CA MET D 26 7.59 8.30 -25.83
C MET D 26 7.58 7.55 -27.16
N TYR D 27 8.50 7.87 -28.06
CA TYR D 27 8.62 7.15 -29.34
C TYR D 27 7.27 7.01 -30.04
N SER D 28 6.49 8.08 -30.03
CA SER D 28 5.11 8.08 -30.54
C SER D 28 4.81 9.16 -31.59
N ALA D 29 5.83 9.89 -32.02
CA ALA D 29 5.69 10.88 -33.08
C ALA D 29 5.83 10.19 -34.43
N SER D 30 5.43 10.92 -35.46
CA SER D 30 5.62 10.50 -36.85
C SER D 30 7.06 10.80 -37.24
N THR D 31 7.44 10.40 -38.46
CA THR D 31 8.79 10.68 -38.98
C THR D 31 9.02 12.18 -39.26
N ASP D 32 7.96 12.98 -39.23
CA ASP D 32 8.02 14.44 -39.36
C ASP D 32 8.34 15.13 -38.03
N GLY D 33 8.46 14.33 -36.97
CA GLY D 33 8.72 14.84 -35.60
C GLY D 33 7.56 15.58 -34.95
N MET D 34 6.36 15.39 -35.47
CA MET D 34 5.21 16.12 -34.99
C MET D 34 4.55 15.41 -33.81
N PRO D 35 4.11 16.18 -32.81
CA PRO D 35 3.35 15.55 -31.73
C PRO D 35 1.96 15.22 -32.23
N ASN D 36 1.25 14.40 -31.48
CA ASN D 36 -0.11 14.04 -31.85
C ASN D 36 -0.90 13.89 -30.58
N ASP D 37 -2.15 13.46 -30.70
CA ASP D 37 -3.04 13.41 -29.55
C ASP D 37 -2.49 12.56 -28.42
N TRP D 38 -1.67 11.56 -28.76
CA TRP D 38 -1.09 10.73 -27.73
C TRP D 38 -0.22 11.58 -26.80
N HIS D 39 0.68 12.39 -27.37
CA HIS D 39 1.52 13.30 -26.55
C HIS D 39 0.69 14.30 -25.74
N ILE D 40 -0.34 14.88 -26.36
CA ILE D 40 -1.13 15.91 -25.69
C ILE D 40 -1.81 15.32 -24.44
N VAL D 41 -2.44 14.17 -24.59
CA VAL D 41 -3.06 13.49 -23.43
C VAL D 41 -2.02 13.06 -22.39
N HIS D 42 -0.93 12.48 -22.87
CA HIS D 42 0.17 11.99 -22.01
C HIS D 42 0.67 13.08 -21.06
N TYR D 43 0.99 14.24 -21.60
CA TYR D 43 1.48 15.32 -20.75
C TYR D 43 0.37 15.99 -19.93
N ALA D 44 -0.80 16.19 -20.54
CA ALA D 44 -1.93 16.82 -19.88
C ALA D 44 -2.30 16.03 -18.62
N THR D 45 -2.22 14.69 -18.72
CA THR D 45 -2.57 13.80 -17.59
C THR D 45 -1.76 14.15 -16.34
N ARG D 46 -0.47 14.42 -16.51
CA ARG D 46 0.39 14.74 -15.35
C ARG D 46 0.21 16.19 -14.85
N ALA D 47 -0.18 17.11 -15.73
CA ALA D 47 -0.60 18.45 -15.29
C ALA D 47 -1.84 18.38 -14.42
N ILE D 48 -2.84 17.64 -14.87
CA ILE D 48 -4.05 17.36 -14.09
C ILE D 48 -3.65 16.68 -12.77
N GLY D 49 -2.67 15.79 -12.85
CA GLY D 49 -2.17 15.08 -11.67
C GLY D 49 -1.32 15.90 -10.72
N GLY D 50 -1.12 17.19 -11.00
CA GLY D 50 -0.53 18.13 -10.04
C GLY D 50 0.96 18.39 -10.15
N VAL D 51 1.62 17.80 -11.14
CA VAL D 51 3.07 17.99 -11.33
C VAL D 51 3.40 19.49 -11.49
N GLY D 52 4.41 19.96 -10.74
CA GLY D 52 4.82 21.35 -10.80
C GLY D 52 5.46 21.77 -12.13
N LEU D 53 6.40 20.96 -12.59
CA LEU D 53 7.14 21.26 -13.82
C LEU D 53 7.15 20.01 -14.67
N ILE D 54 6.51 20.11 -15.83
CA ILE D 54 6.52 19.01 -16.78
C ILE D 54 7.62 19.26 -17.78
N MET D 55 8.64 18.39 -17.78
CA MET D 55 9.71 18.52 -18.75
C MET D 55 9.43 17.62 -19.93
N GLN D 56 9.10 18.22 -21.05
CA GLN D 56 8.91 17.46 -22.27
C GLN D 56 10.14 16.64 -22.65
N GLU D 57 9.90 15.42 -23.14
CA GLU D 57 10.89 14.51 -23.67
C GLU D 57 11.86 15.18 -24.65
N ALA D 58 12.99 14.53 -24.84
CA ALA D 58 14.03 14.96 -25.80
C ALA D 58 13.41 15.37 -27.13
N THR D 59 13.58 16.63 -27.48
CA THR D 59 13.00 17.19 -28.70
C THR D 59 14.16 17.66 -29.57
N ALA D 60 14.32 17.02 -30.73
CA ALA D 60 15.52 17.15 -31.54
C ALA D 60 15.65 18.52 -32.21
N VAL D 61 16.83 19.14 -32.09
CA VAL D 61 17.05 20.48 -32.66
C VAL D 61 17.47 20.38 -34.14
N GLU D 62 17.83 19.18 -34.59
CA GLU D 62 18.03 18.87 -36.02
C GLU D 62 17.47 17.49 -36.26
N SER D 63 17.05 17.18 -37.49
CA SER D 63 16.50 15.85 -37.74
C SER D 63 17.55 14.77 -37.48
N ARG D 64 18.82 15.04 -37.81
CA ARG D 64 19.92 14.08 -37.54
C ARG D 64 20.28 13.98 -36.05
N GLY D 65 19.68 14.85 -35.24
CA GLY D 65 19.83 14.83 -33.79
C GLY D 65 18.76 14.05 -33.05
N ARG D 66 17.83 13.45 -33.78
CA ARG D 66 16.85 12.53 -33.16
C ARG D 66 17.54 11.25 -32.71
N ILE D 67 16.97 10.61 -31.68
CA ILE D 67 17.40 9.28 -31.28
C ILE D 67 16.73 8.26 -32.21
N THR D 68 15.43 8.43 -32.42
CA THR D 68 14.66 7.61 -33.38
C THR D 68 13.77 8.48 -34.25
N ASP D 69 13.25 7.92 -35.35
CA ASP D 69 12.34 8.68 -36.21
C ASP D 69 10.90 8.67 -35.72
N HIS D 70 10.71 8.36 -34.43
CA HIS D 70 9.44 8.60 -33.75
C HIS D 70 9.60 9.60 -32.60
N ASP D 71 10.70 10.35 -32.63
CA ASP D 71 10.95 11.41 -31.64
C ASP D 71 10.29 12.71 -32.05
N LEU D 72 9.96 13.54 -31.07
CA LEU D 72 9.53 14.90 -31.31
C LEU D 72 10.68 15.74 -31.83
N GLY D 73 10.34 16.74 -32.64
CA GLY D 73 11.32 17.68 -33.17
C GLY D 73 10.94 19.13 -33.01
N ILE D 74 11.95 19.99 -33.10
CA ILE D 74 11.72 21.43 -33.11
C ILE D 74 12.77 22.04 -34.04
N TRP D 75 13.04 21.33 -35.14
CA TRP D 75 14.06 21.76 -36.10
C TRP D 75 13.46 22.55 -37.27
N ASN D 76 12.13 22.67 -37.30
CA ASN D 76 11.48 23.60 -38.24
C ASN D 76 10.33 24.37 -37.64
N ASP D 77 9.97 25.46 -38.31
CA ASP D 77 8.92 26.36 -37.85
C ASP D 77 7.53 25.71 -37.85
N GLU D 78 7.36 24.68 -38.67
CA GLU D 78 6.06 24.01 -38.81
C GLU D 78 5.70 23.24 -37.53
N GLN D 79 6.72 22.74 -36.84
CA GLN D 79 6.54 21.98 -35.60
C GLN D 79 6.01 22.83 -34.44
N VAL D 80 6.25 24.13 -34.48
CA VAL D 80 5.89 25.05 -33.40
C VAL D 80 4.39 25.01 -33.10
N LYS D 81 3.57 25.09 -34.15
CA LYS D 81 2.11 25.17 -33.97
C LYS D 81 1.56 23.93 -33.26
N GLU D 82 2.20 22.78 -33.48
CA GLU D 82 1.77 21.53 -32.90
C GLU D 82 2.28 21.38 -31.48
N LEU D 83 3.56 21.67 -31.25
CA LEU D 83 4.07 21.66 -29.87
C LEU D 83 3.30 22.62 -28.95
N LYS D 84 2.85 23.77 -29.47
CA LYS D 84 2.09 24.74 -28.68
C LYS D 84 0.83 24.13 -28.05
N LYS D 85 0.29 23.10 -28.69
CA LYS D 85 -0.91 22.41 -28.19
C LYS D 85 -0.60 21.69 -26.87
N ILE D 86 0.58 21.10 -26.80
CA ILE D 86 1.06 20.48 -25.54
C ILE D 86 1.24 21.58 -24.48
N VAL D 87 1.96 22.64 -24.82
CA VAL D 87 2.21 23.72 -23.89
C VAL D 87 0.90 24.27 -23.31
N ASP D 88 -0.05 24.57 -24.20
CA ASP D 88 -1.26 25.29 -23.80
C ASP D 88 -2.08 24.46 -22.83
N ILE D 89 -2.21 23.16 -23.09
CA ILE D 89 -3.07 22.30 -22.26
C ILE D 89 -2.44 22.04 -20.90
N CYS D 90 -1.12 21.91 -20.88
CA CYS D 90 -0.42 21.71 -19.59
C CYS D 90 -0.48 22.96 -18.72
N LYS D 91 -0.27 24.12 -19.34
CA LYS D 91 -0.36 25.40 -18.62
C LYS D 91 -1.79 25.66 -18.16
N ALA D 92 -2.77 25.33 -19.00
CA ALA D 92 -4.18 25.50 -18.65
C ALA D 92 -4.52 24.71 -17.39
N ASN D 93 -3.87 23.57 -17.25
CA ASN D 93 -4.12 22.68 -16.11
C ASN D 93 -3.16 22.84 -14.94
N GLY D 94 -2.39 23.93 -14.95
CA GLY D 94 -1.67 24.40 -13.77
C GLY D 94 -0.18 24.08 -13.70
N ALA D 95 0.37 23.45 -14.74
CA ALA D 95 1.79 23.12 -14.76
C ALA D 95 2.64 24.19 -15.43
N VAL D 96 3.89 24.28 -14.99
CA VAL D 96 4.95 24.97 -15.74
C VAL D 96 5.47 23.98 -16.79
N MET D 97 5.66 24.44 -18.03
CA MET D 97 6.05 23.58 -19.12
C MET D 97 7.48 23.84 -19.52
N GLY D 98 8.28 22.77 -19.52
CA GLY D 98 9.66 22.81 -20.00
C GLY D 98 9.84 21.96 -21.25
N ILE D 99 10.89 22.26 -22.01
CA ILE D 99 11.26 21.45 -23.17
C ILE D 99 12.72 21.08 -23.06
N GLN D 100 13.01 19.80 -23.29
CA GLN D 100 14.38 19.34 -23.34
C GLN D 100 14.88 19.42 -24.80
N LEU D 101 15.72 20.41 -25.07
CA LEU D 101 16.33 20.56 -26.38
C LEU D 101 17.49 19.58 -26.51
N ALA D 102 17.42 18.71 -27.51
CA ALA D 102 18.30 17.55 -27.59
C ALA D 102 19.01 17.39 -28.94
N HIS D 103 20.14 16.72 -28.87
CA HIS D 103 20.84 16.24 -30.06
C HIS D 103 21.55 14.94 -29.72
N ALA D 104 21.11 13.84 -30.34
CA ALA D 104 21.60 12.51 -30.02
C ALA D 104 23.03 12.20 -30.46
N GLY D 105 23.57 13.02 -31.36
CA GLY D 105 24.92 12.79 -31.84
C GLY D 105 25.11 11.35 -32.28
N ARG D 106 26.15 10.71 -31.78
CA ARG D 106 26.53 9.39 -32.27
C ARG D 106 25.56 8.29 -31.85
N LYS D 107 24.64 8.61 -30.94
CA LYS D 107 23.60 7.67 -30.51
C LYS D 107 22.30 7.77 -31.32
N CYS D 108 22.30 8.55 -32.39
CA CYS D 108 21.16 8.59 -33.32
C CYS D 108 21.03 7.21 -33.99
N ASN D 109 19.82 6.65 -33.94
CA ASN D 109 19.55 5.28 -34.40
C ASN D 109 18.89 5.19 -35.78
N ILE D 110 18.72 6.32 -36.45
CA ILE D 110 18.01 6.38 -37.74
C ILE D 110 19.00 6.05 -38.85
N SER D 111 18.75 4.94 -39.56
CA SER D 111 19.64 4.41 -40.61
CA SER D 111 19.68 4.44 -40.58
C SER D 111 19.97 5.41 -41.72
N TYR D 112 18.97 6.21 -42.11
CA TYR D 112 19.11 7.15 -43.22
C TYR D 112 19.50 8.57 -42.81
N GLU D 113 19.79 8.77 -41.52
CA GLU D 113 20.22 10.08 -41.05
C GLU D 113 21.75 10.26 -41.08
N ASP D 114 22.16 11.51 -40.99
CA ASP D 114 23.58 11.90 -40.96
C ASP D 114 24.09 11.90 -39.52
N VAL D 115 24.56 10.74 -39.08
CA VAL D 115 24.96 10.56 -37.69
C VAL D 115 26.32 11.18 -37.45
N VAL D 116 26.38 12.16 -36.54
CA VAL D 116 27.58 12.95 -36.33
C VAL D 116 28.04 12.91 -34.86
N GLY D 117 29.33 13.14 -34.64
CA GLY D 117 29.92 13.19 -33.31
C GLY D 117 31.17 14.06 -33.29
N PRO D 118 31.78 14.27 -32.11
CA PRO D 118 33.08 14.98 -32.03
C PRO D 118 34.23 14.18 -32.66
N SER D 119 34.18 12.86 -32.51
CA SER D 119 35.24 11.97 -32.99
C SER D 119 34.57 10.72 -33.58
N PRO D 120 35.23 10.08 -34.57
CA PRO D 120 34.72 8.85 -35.20
C PRO D 120 34.92 7.61 -34.32
N ILE D 121 34.10 7.52 -33.27
CA ILE D 121 34.16 6.41 -32.32
C ILE D 121 32.71 6.02 -32.05
N LYS D 122 32.38 4.74 -32.15
CA LYS D 122 30.99 4.29 -31.94
C LYS D 122 30.61 4.38 -30.47
N ALA D 123 29.31 4.57 -30.21
CA ALA D 123 28.78 4.50 -28.83
C ALA D 123 28.81 3.08 -28.26
N GLY D 124 28.95 2.08 -29.14
CA GLY D 124 28.94 0.69 -28.74
C GLY D 124 28.85 -0.14 -30.01
N ASP D 125 28.98 -1.46 -29.91
CA ASP D 125 29.12 -2.24 -31.13
C ASP D 125 27.82 -2.41 -31.93
N ARG D 126 26.69 -1.94 -31.40
CA ARG D 126 25.43 -1.94 -32.13
C ARG D 126 25.11 -0.62 -32.83
N TYR D 127 25.98 0.37 -32.67
CA TYR D 127 25.75 1.69 -33.23
C TYR D 127 26.56 1.94 -34.48
N LYS D 128 26.12 2.94 -35.26
CA LYS D 128 26.84 3.37 -36.44
C LYS D 128 28.08 4.17 -36.03
N LEU D 129 29.14 4.03 -36.84
CA LEU D 129 30.29 4.90 -36.73
C LEU D 129 29.84 6.33 -37.08
N PRO D 130 30.06 7.29 -36.15
CA PRO D 130 29.64 8.65 -36.42
C PRO D 130 30.63 9.39 -37.32
N ARG D 131 30.10 10.37 -38.05
CA ARG D 131 30.90 11.23 -38.89
C ARG D 131 31.48 12.35 -38.03
N GLU D 132 32.79 12.54 -38.13
CA GLU D 132 33.48 13.57 -37.36
C GLU D 132 33.14 14.99 -37.85
N LEU D 133 32.66 15.82 -36.94
CA LEU D 133 32.17 17.15 -37.27
C LEU D 133 33.32 18.10 -37.57
N SER D 134 33.16 18.94 -38.60
CA SER D 134 34.07 20.05 -38.81
C SER D 134 33.69 21.18 -37.85
N VAL D 135 34.61 22.12 -37.64
CA VAL D 135 34.32 23.31 -36.84
C VAL D 135 33.15 24.12 -37.41
N GLU D 136 33.05 24.18 -38.74
CA GLU D 136 31.95 24.87 -39.39
C GLU D 136 30.61 24.18 -39.08
N GLU D 137 30.64 22.85 -39.09
CA GLU D 137 29.44 22.07 -38.79
C GLU D 137 29.05 22.22 -37.32
N ILE D 138 30.03 22.25 -36.44
CA ILE D 138 29.78 22.54 -35.02
C ILE D 138 29.07 23.88 -34.87
N LYS D 139 29.54 24.91 -35.57
CA LYS D 139 28.86 26.22 -35.52
C LYS D 139 27.41 26.14 -35.98
N SER D 140 27.15 25.33 -37.00
CA SER D 140 25.79 25.17 -37.52
C SER D 140 24.88 24.51 -36.49
N ILE D 141 25.39 23.55 -35.74
CA ILE D 141 24.60 22.88 -34.69
C ILE D 141 24.36 23.82 -33.52
N VAL D 142 25.38 24.57 -33.11
CA VAL D 142 25.19 25.66 -32.16
C VAL D 142 24.05 26.58 -32.61
N LYS D 143 24.07 26.99 -33.88
CA LYS D 143 23.00 27.80 -34.44
C LYS D 143 21.63 27.12 -34.33
N ALA D 144 21.60 25.82 -34.58
CA ALA D 144 20.37 25.03 -34.53
C ALA D 144 19.76 25.02 -33.12
N PHE D 145 20.61 24.90 -32.10
CA PHE D 145 20.13 25.02 -30.71
C PHE D 145 19.54 26.41 -30.47
N GLY D 146 20.20 27.46 -30.96
CA GLY D 146 19.64 28.79 -30.91
C GLY D 146 18.26 28.91 -31.56
N GLU D 147 18.12 28.37 -32.77
CA GLU D 147 16.85 28.46 -33.50
C GLU D 147 15.78 27.66 -32.77
N ALA D 148 16.17 26.54 -32.18
CA ALA D 148 15.26 25.70 -31.40
C ALA D 148 14.71 26.45 -30.18
N ALA D 149 15.57 27.20 -29.49
CA ALA D 149 15.13 28.01 -28.36
C ALA D 149 14.17 29.11 -28.78
N LYS D 150 14.45 29.75 -29.91
CA LYS D 150 13.56 30.76 -30.49
C LYS D 150 12.18 30.16 -30.74
N ARG D 151 12.15 28.98 -31.33
CA ARG D 151 10.90 28.26 -31.60
C ARG D 151 10.19 27.85 -30.31
N ALA D 152 10.96 27.42 -29.32
CA ALA D 152 10.39 27.04 -28.02
C ALA D 152 9.69 28.22 -27.35
N ASN D 153 10.28 29.41 -27.44
CA ASN D 153 9.66 30.61 -26.92
C ASN D 153 8.37 30.95 -27.65
N LEU D 154 8.37 30.84 -28.97
CA LEU D 154 7.16 31.03 -29.77
C LEU D 154 6.05 30.02 -29.42
N ALA D 155 6.44 28.79 -29.10
CA ALA D 155 5.48 27.74 -28.68
C ALA D 155 4.94 28.00 -27.26
N GLY D 156 5.66 28.80 -26.49
CA GLY D 156 5.21 29.26 -25.19
C GLY D 156 5.77 28.48 -24.01
N TYR D 157 6.81 27.70 -24.24
CA TYR D 157 7.45 26.99 -23.12
C TYR D 157 7.98 27.99 -22.08
N ASP D 158 7.91 27.61 -20.81
CA ASP D 158 8.39 28.43 -19.70
C ASP D 158 9.89 28.20 -19.39
N VAL D 159 10.38 26.99 -19.68
CA VAL D 159 11.73 26.60 -19.30
C VAL D 159 12.35 25.85 -20.45
N VAL D 160 13.62 26.15 -20.76
CA VAL D 160 14.37 25.33 -21.68
C VAL D 160 15.44 24.55 -20.95
N GLU D 161 15.56 23.28 -21.29
CA GLU D 161 16.64 22.48 -20.79
C GLU D 161 17.54 22.02 -21.93
N ILE D 162 18.83 22.26 -21.79
CA ILE D 162 19.80 21.73 -22.73
C ILE D 162 20.23 20.35 -22.29
N HIS D 163 20.07 19.37 -23.17
CA HIS D 163 20.41 17.98 -22.86
C HIS D 163 21.89 17.70 -23.12
N ALA D 164 22.69 17.79 -22.07
CA ALA D 164 24.13 17.53 -22.12
C ALA D 164 24.55 16.22 -21.45
N ALA D 165 23.63 15.27 -21.39
CA ALA D 165 23.78 14.02 -20.65
C ALA D 165 23.50 12.79 -21.52
N HIS D 166 23.57 11.63 -20.88
CA HIS D 166 23.07 10.35 -21.41
C HIS D 166 23.75 9.90 -22.71
N GLY D 167 24.99 10.36 -22.88
CA GLY D 167 25.82 9.91 -23.95
C GLY D 167 25.57 10.56 -25.29
N TYR D 168 24.73 11.61 -25.32
CA TYR D 168 24.33 12.29 -26.54
C TYR D 168 25.38 13.34 -26.94
N LEU D 169 25.08 14.22 -27.88
CA LEU D 169 26.15 14.99 -28.55
C LEU D 169 27.01 15.83 -27.60
N ILE D 170 26.37 16.63 -26.75
CA ILE D 170 27.14 17.54 -25.90
C ILE D 170 27.99 16.72 -24.92
N HIS D 171 27.40 15.67 -24.33
CA HIS D 171 28.12 14.77 -23.44
C HIS D 171 29.34 14.15 -24.16
N GLU D 172 29.18 13.83 -25.43
CA GLU D 172 30.28 13.27 -26.23
C GLU D 172 31.45 14.25 -26.34
N PHE D 173 31.15 15.53 -26.45
CA PHE D 173 32.22 16.56 -26.43
C PHE D 173 32.87 16.67 -25.05
N LEU D 174 32.06 16.58 -24.00
CA LEU D 174 32.56 16.72 -22.64
C LEU D 174 33.46 15.61 -22.13
N SER D 175 33.23 14.37 -22.56
CA SER D 175 33.99 13.23 -22.03
C SER D 175 35.24 12.95 -22.83
N PRO D 176 36.40 12.82 -22.17
CA PRO D 176 37.64 12.37 -22.84
C PRO D 176 37.55 10.99 -23.52
N LEU D 177 36.61 10.16 -23.10
CA LEU D 177 36.44 8.83 -23.68
C LEU D 177 35.86 8.85 -25.09
N SER D 178 35.14 9.93 -25.40
CA SER D 178 34.47 10.07 -26.69
C SER D 178 35.00 11.23 -27.52
N ASN D 179 35.72 12.14 -26.88
CA ASN D 179 36.26 13.33 -27.56
C ASN D 179 37.77 13.20 -27.64
N LYS D 180 38.25 12.90 -28.84
CA LYS D 180 39.68 12.73 -29.13
C LYS D 180 40.23 13.83 -30.03
N ARG D 181 39.47 14.91 -30.16
CA ARG D 181 39.85 16.01 -31.05
C ARG D 181 41.09 16.72 -30.54
N LYS D 182 41.84 17.28 -31.48
CA LYS D 182 43.05 18.03 -31.15
C LYS D 182 42.94 19.50 -31.58
N ASP D 183 41.75 19.92 -32.00
CA ASP D 183 41.48 21.32 -32.30
C ASP D 183 40.92 22.03 -31.06
N GLU D 184 40.31 23.19 -31.25
CA GLU D 184 39.85 23.99 -30.14
C GLU D 184 38.68 23.37 -29.37
N TYR D 185 38.09 22.29 -29.90
CA TYR D 185 37.00 21.57 -29.20
C TYR D 185 37.46 20.33 -28.42
N GLY D 186 38.76 20.13 -28.33
CA GLY D 186 39.31 18.97 -27.62
C GLY D 186 40.66 19.18 -26.97
N ASN D 187 41.07 18.17 -26.19
CA ASN D 187 42.44 18.07 -25.63
C ASN D 187 42.76 19.00 -24.42
N SER D 188 41.74 19.63 -23.87
CA SER D 188 41.86 20.32 -22.58
C SER D 188 40.45 20.44 -22.03
N ILE D 189 40.32 20.56 -20.71
CA ILE D 189 38.99 20.67 -20.13
C ILE D 189 38.24 21.92 -20.65
N GLU D 190 38.94 23.02 -20.87
CA GLU D 190 38.31 24.23 -21.40
C GLU D 190 37.83 24.03 -22.83
N ASN D 191 38.62 23.31 -23.62
CA ASN D 191 38.25 23.01 -25.00
C ASN D 191 37.10 22.03 -25.09
N ARG D 192 37.11 20.99 -24.24
CA ARG D 192 36.00 20.02 -24.23
C ARG D 192 34.67 20.68 -23.79
N ALA D 193 34.75 21.72 -22.95
CA ALA D 193 33.56 22.47 -22.52
C ALA D 193 33.02 23.47 -23.58
N ARG D 194 33.86 23.79 -24.57
CA ARG D 194 33.56 24.86 -25.51
C ARG D 194 32.21 24.70 -26.20
N PHE D 195 31.92 23.52 -26.71
CA PHE D 195 30.63 23.28 -27.38
C PHE D 195 29.46 23.56 -26.44
N LEU D 196 29.49 23.02 -25.21
CA LEU D 196 28.42 23.29 -24.25
C LEU D 196 28.28 24.81 -24.01
N ILE D 197 29.40 25.50 -23.82
CA ILE D 197 29.35 26.93 -23.54
C ILE D 197 28.76 27.71 -24.73
N GLU D 198 29.17 27.36 -25.94
CA GLU D 198 28.64 27.99 -27.14
C GLU D 198 27.14 27.74 -27.31
N VAL D 199 26.70 26.51 -27.03
CA VAL D 199 25.28 26.20 -27.05
C VAL D 199 24.48 27.06 -26.06
N ILE D 200 24.94 27.13 -24.83
CA ILE D 200 24.29 27.96 -23.83
C ILE D 200 24.22 29.42 -24.28
N ASP D 201 25.34 29.97 -24.75
CA ASP D 201 25.36 31.37 -25.17
C ASP D 201 24.38 31.61 -26.33
N GLU D 202 24.30 30.66 -27.26
CA GLU D 202 23.41 30.83 -28.42
C GLU D 202 21.94 30.70 -28.00
N VAL D 203 21.66 29.77 -27.08
CA VAL D 203 20.33 29.67 -26.50
C VAL D 203 19.91 30.98 -25.83
N ARG D 204 20.81 31.59 -25.05
CA ARG D 204 20.52 32.85 -24.38
CA ARG D 204 20.49 32.84 -24.36
C ARG D 204 20.23 33.98 -25.33
N LYS D 205 20.90 33.98 -26.48
CA LYS D 205 20.62 34.99 -27.51
C LYS D 205 19.18 34.89 -28.00
N ASN D 206 18.59 33.69 -27.87
CA ASN D 206 17.27 33.38 -28.42
C ASN D 206 16.19 33.04 -27.37
N TRP D 207 16.48 33.32 -26.10
CA TRP D 207 15.60 32.92 -24.99
C TRP D 207 15.47 34.11 -24.05
N PRO D 208 14.23 34.52 -23.73
CA PRO D 208 14.01 35.70 -22.90
C PRO D 208 14.75 35.64 -21.57
N GLU D 209 15.35 36.77 -21.17
CA GLU D 209 16.20 36.82 -19.99
C GLU D 209 15.47 36.46 -18.71
N ASN D 210 14.15 36.60 -18.72
CA ASN D 210 13.34 36.33 -17.53
C ASN D 210 12.79 34.89 -17.45
N LYS D 211 13.22 34.03 -18.38
CA LYS D 211 12.87 32.61 -18.34
C LYS D 211 14.10 31.77 -18.02
N PRO D 212 13.95 30.73 -17.18
CA PRO D 212 15.07 29.88 -16.75
C PRO D 212 15.67 29.00 -17.87
N ILE D 213 16.97 28.72 -17.75
CA ILE D 213 17.66 27.71 -18.53
C ILE D 213 18.17 26.64 -17.57
N PHE D 214 17.79 25.40 -17.83
CA PHE D 214 18.32 24.24 -17.12
C PHE D 214 19.33 23.53 -18.01
N VAL D 215 20.27 22.82 -17.39
CA VAL D 215 21.15 21.91 -18.14
C VAL D 215 21.13 20.52 -17.50
N ARG D 216 20.83 19.48 -18.28
CA ARG D 216 20.93 18.12 -17.77
C ARG D 216 22.31 17.59 -18.08
N VAL D 217 22.96 17.03 -17.06
CA VAL D 217 24.31 16.47 -17.21
C VAL D 217 24.40 15.03 -16.71
N SER D 218 25.42 14.34 -17.19
CA SER D 218 25.83 13.04 -16.64
C SER D 218 27.06 13.32 -15.81
N ALA D 219 26.92 13.24 -14.49
CA ALA D 219 27.99 13.58 -13.56
C ALA D 219 29.06 12.50 -13.43
N ASP D 220 28.83 11.34 -14.03
CA ASP D 220 29.79 10.23 -13.92
C ASP D 220 29.66 9.31 -15.14
N ASP D 221 30.79 8.95 -15.74
CA ASP D 221 30.84 7.96 -16.84
C ASP D 221 31.06 6.55 -16.30
N TYR D 222 31.41 6.45 -15.01
CA TYR D 222 31.67 5.17 -14.34
C TYR D 222 32.80 4.39 -15.01
N MET D 223 33.77 5.13 -15.55
CA MET D 223 34.89 4.54 -16.29
C MET D 223 36.12 5.40 -16.12
N GLU D 224 37.25 4.76 -15.83
CA GLU D 224 38.52 5.46 -15.66
C GLU D 224 38.84 6.27 -16.91
N GLY D 225 39.23 7.52 -16.72
CA GLY D 225 39.49 8.43 -17.84
C GLY D 225 38.31 9.26 -18.29
N GLY D 226 37.10 8.92 -17.82
CA GLY D 226 35.90 9.67 -18.22
C GLY D 226 35.50 10.71 -17.21
N ILE D 227 34.30 11.25 -17.39
CA ILE D 227 33.74 12.23 -16.48
C ILE D 227 33.56 11.59 -15.10
N ASN D 228 33.95 12.33 -14.07
CA ASN D 228 33.63 11.99 -12.69
C ASN D 228 33.17 13.26 -11.99
N ILE D 229 32.80 13.17 -10.72
CA ILE D 229 32.17 14.31 -10.07
C ILE D 229 33.10 15.53 -10.04
N ASP D 230 34.40 15.31 -9.83
CA ASP D 230 35.35 16.42 -9.85
C ASP D 230 35.36 17.16 -11.18
N MET D 231 35.37 16.41 -12.28
CA MET D 231 35.37 17.00 -13.61
C MET D 231 34.06 17.74 -13.88
N MET D 232 32.93 17.16 -13.46
CA MET D 232 31.66 17.83 -13.69
C MET D 232 31.52 19.12 -12.87
N VAL D 233 32.05 19.14 -11.64
CA VAL D 233 32.09 20.38 -10.86
C VAL D 233 32.84 21.47 -11.63
N GLU D 234 33.96 21.11 -12.25
CA GLU D 234 34.70 22.08 -13.07
C GLU D 234 33.85 22.57 -14.25
N TYR D 235 33.14 21.68 -14.93
CA TYR D 235 32.30 22.11 -16.03
C TYR D 235 31.18 23.05 -15.55
N ILE D 236 30.53 22.69 -14.44
CA ILE D 236 29.43 23.50 -13.94
C ILE D 236 29.94 24.88 -13.51
N ASN D 237 31.12 24.94 -12.91
CA ASN D 237 31.71 26.24 -12.56
C ASN D 237 31.91 27.16 -13.77
N MET D 238 32.10 26.57 -14.94
CA MET D 238 32.27 27.35 -16.17
C MET D 238 30.96 27.95 -16.70
N ILE D 239 29.83 27.34 -16.33
CA ILE D 239 28.51 27.74 -16.85
C ILE D 239 27.53 28.28 -15.81
N LYS D 240 27.89 28.23 -14.54
CA LYS D 240 26.91 28.52 -13.50
C LYS D 240 26.38 29.96 -13.48
N ASP D 241 27.13 30.92 -14.02
CA ASP D 241 26.65 32.30 -14.10
C ASP D 241 25.72 32.53 -15.31
N LYS D 242 25.53 31.50 -16.15
CA LYS D 242 24.70 31.58 -17.34
C LYS D 242 23.43 30.71 -17.29
N VAL D 243 23.33 29.83 -16.31
CA VAL D 243 22.19 28.93 -16.22
C VAL D 243 21.67 28.86 -14.79
N ASP D 244 20.45 28.34 -14.64
CA ASP D 244 19.67 28.52 -13.42
C ASP D 244 19.57 27.27 -12.55
N LEU D 245 19.70 26.10 -13.15
CA LEU D 245 19.54 24.84 -12.42
C LEU D 245 20.19 23.70 -13.19
N ILE D 246 20.85 22.81 -12.47
CA ILE D 246 21.49 21.65 -13.07
C ILE D 246 20.62 20.42 -12.74
N ASP D 247 20.12 19.78 -13.79
CA ASP D 247 19.32 18.56 -13.71
C ASP D 247 20.32 17.40 -13.76
N VAL D 248 20.58 16.79 -12.60
CA VAL D 248 21.74 15.95 -12.45
C VAL D 248 21.41 14.48 -12.65
N SER D 249 22.03 13.88 -13.66
CA SER D 249 21.92 12.46 -13.96
C SER D 249 23.33 11.85 -14.07
N SER D 250 23.45 10.69 -14.72
CA SER D 250 24.72 9.99 -14.90
C SER D 250 24.61 8.95 -16.00
N GLY D 251 25.76 8.55 -16.52
CA GLY D 251 25.88 7.45 -17.50
C GLY D 251 25.41 7.77 -18.91
N GLY D 252 25.38 6.72 -19.74
CA GLY D 252 24.87 6.80 -21.10
C GLY D 252 25.92 6.83 -22.20
N LEU D 253 27.15 7.22 -21.85
CA LEU D 253 28.17 7.42 -22.89
C LEU D 253 28.59 6.09 -23.53
N LEU D 254 28.91 5.14 -22.67
CA LEU D 254 29.28 3.78 -23.06
C LEU D 254 28.62 2.81 -22.11
N ASN D 255 28.38 1.58 -22.56
CA ASN D 255 27.77 0.54 -21.73
C ASN D 255 28.67 0.24 -20.55
N VAL D 256 28.11 0.40 -19.35
CA VAL D 256 28.80 0.09 -18.10
CA VAL D 256 28.79 0.08 -18.10
C VAL D 256 27.79 -0.50 -17.11
N ASP D 257 28.25 -1.48 -16.34
CA ASP D 257 27.43 -2.13 -15.33
C ASP D 257 27.49 -1.30 -14.08
N ILE D 258 26.40 -0.65 -13.70
CA ILE D 258 26.43 0.11 -12.45
C ILE D 258 25.39 -0.33 -11.45
N ASN D 259 25.69 -0.03 -10.20
CA ASN D 259 24.82 -0.37 -9.08
CA ASN D 259 24.84 -0.37 -9.08
C ASN D 259 23.59 0.51 -9.09
N LEU D 260 22.43 -0.09 -9.30
CA LEU D 260 21.16 0.64 -9.33
C LEU D 260 20.39 0.42 -8.03
N TYR D 261 19.89 1.52 -7.44
CA TYR D 261 19.15 1.50 -6.18
C TYR D 261 18.44 2.85 -6.03
N PRO D 262 17.46 2.95 -5.12
CA PRO D 262 16.78 4.22 -4.98
C PRO D 262 17.73 5.36 -4.59
N GLY D 263 17.66 6.46 -5.34
CA GLY D 263 18.51 7.60 -5.06
C GLY D 263 19.97 7.46 -5.44
N TYR D 264 20.27 6.57 -6.39
CA TYR D 264 21.65 6.30 -6.82
C TYR D 264 22.34 7.49 -7.49
N GLN D 265 21.60 8.51 -7.88
CA GLN D 265 22.19 9.75 -8.42
C GLN D 265 22.05 10.97 -7.51
N VAL D 266 21.46 10.79 -6.33
CA VAL D 266 21.22 11.91 -5.42
C VAL D 266 22.52 12.53 -4.90
N LYS D 267 23.54 11.74 -4.62
CA LYS D 267 24.81 12.31 -4.11
C LYS D 267 25.47 13.23 -5.13
N TYR D 268 25.32 12.95 -6.42
CA TYR D 268 25.83 13.88 -7.45
C TYR D 268 25.07 15.20 -7.41
N ALA D 269 23.75 15.12 -7.27
CA ALA D 269 22.93 16.30 -7.16
C ALA D 269 23.28 17.18 -5.96
N GLU D 270 23.47 16.56 -4.80
CA GLU D 270 23.83 17.31 -3.62
C GLU D 270 25.23 17.89 -3.73
N THR D 271 26.13 17.11 -4.29
CA THR D 271 27.55 17.52 -4.40
C THR D 271 27.70 18.72 -5.33
N ILE D 272 27.01 18.69 -6.46
CA ILE D 272 27.03 19.85 -7.37
C ILE D 272 26.37 21.08 -6.74
N LYS D 273 25.26 20.87 -6.02
CA LYS D 273 24.54 21.97 -5.37
C LYS D 273 25.44 22.73 -4.39
N LYS D 274 26.18 21.96 -3.59
CA LYS D 274 26.99 22.54 -2.53
C LYS D 274 28.32 23.07 -3.05
N ARG D 275 29.02 22.28 -3.88
CA ARG D 275 30.34 22.71 -4.39
C ARG D 275 30.28 23.84 -5.41
N CYS D 276 29.19 23.92 -6.17
CA CYS D 276 29.03 24.96 -7.21
C CYS D 276 28.09 26.09 -6.82
N ASN D 277 27.39 25.92 -5.70
CA ASN D 277 26.39 26.87 -5.23
C ASN D 277 25.38 27.19 -6.31
N ILE D 278 24.70 26.15 -6.78
CA ILE D 278 23.72 26.27 -7.84
C ILE D 278 22.55 25.36 -7.50
N LYS D 279 21.37 25.71 -7.96
N LYS D 279 21.36 25.72 -7.95
CA LYS D 279 20.20 24.85 -7.79
CA LYS D 279 20.19 24.85 -7.78
C LYS D 279 20.35 23.54 -8.57
C LYS D 279 20.37 23.53 -8.56
N THR D 280 19.82 22.45 -8.01
CA THR D 280 19.89 21.16 -8.70
C THR D 280 18.58 20.41 -8.56
N SER D 281 18.36 19.50 -9.52
CA SER D 281 17.31 18.52 -9.41
CA SER D 281 17.30 18.52 -9.46
C SER D 281 17.93 17.13 -9.29
N ALA D 282 17.28 16.29 -8.49
CA ALA D 282 17.68 14.89 -8.30
C ALA D 282 16.73 13.98 -9.06
N VAL D 283 17.27 12.91 -9.64
CA VAL D 283 16.48 11.91 -10.36
C VAL D 283 17.13 10.54 -10.28
N GLY D 284 16.31 9.47 -10.31
CA GLY D 284 16.82 8.12 -10.41
C GLY D 284 16.29 7.19 -9.36
N LEU D 285 15.29 6.40 -9.74
CA LEU D 285 14.67 5.39 -8.89
C LEU D 285 14.05 5.94 -7.59
N ILE D 286 13.54 7.17 -7.66
CA ILE D 286 12.79 7.78 -6.56
C ILE D 286 11.32 7.53 -6.85
N THR D 287 10.64 6.89 -5.91
CA THR D 287 9.21 6.62 -6.08
C THR D 287 8.30 6.98 -4.91
N THR D 288 8.86 7.16 -3.71
CA THR D 288 8.07 7.42 -2.53
C THR D 288 8.08 8.89 -2.12
N GLN D 289 6.97 9.33 -1.54
CA GLN D 289 6.89 10.63 -0.92
C GLN D 289 7.95 10.73 0.18
N GLU D 290 8.19 9.63 0.89
CA GLU D 290 9.17 9.66 1.99
C GLU D 290 10.57 10.05 1.50
N LEU D 291 11.08 9.37 0.47
CA LEU D 291 12.42 9.67 -0.04
C LEU D 291 12.43 11.07 -0.68
N ALA D 292 11.37 11.44 -1.40
CA ALA D 292 11.29 12.78 -2.00
C ALA D 292 11.43 13.86 -0.92
N GLU D 293 10.68 13.68 0.17
CA GLU D 293 10.72 14.60 1.31
C GLU D 293 12.10 14.67 1.98
N GLU D 294 12.75 13.52 2.16
CA GLU D 294 14.08 13.46 2.74
C GLU D 294 15.08 14.25 1.89
N ILE D 295 15.01 14.05 0.57
CA ILE D 295 15.91 14.73 -0.35
C ILE D 295 15.77 16.25 -0.23
N LEU D 296 14.54 16.73 -0.23
CA LEU D 296 14.30 18.18 -0.18
C LEU D 296 14.64 18.76 1.19
N SER D 297 14.24 18.05 2.25
CA SER D 297 14.40 18.55 3.62
C SER D 297 15.84 18.56 4.08
N ASN D 298 16.61 17.57 3.63
CA ASN D 298 18.06 17.52 3.88
C ASN D 298 18.88 18.35 2.88
N GLU D 299 18.18 19.15 2.06
N GLU D 299 18.18 19.15 2.06
CA GLU D 299 18.81 20.10 1.14
CA GLU D 299 18.81 20.10 1.14
C GLU D 299 19.77 19.43 0.16
C GLU D 299 19.77 19.43 0.16
N ARG D 300 19.36 18.26 -0.32
CA ARG D 300 20.18 17.51 -1.27
CA ARG D 300 20.17 17.51 -1.27
C ARG D 300 19.90 17.93 -2.72
N ALA D 301 18.76 18.58 -2.93
CA ALA D 301 18.36 19.07 -4.23
C ALA D 301 17.22 20.04 -4.04
N ASP D 302 16.95 20.83 -5.07
CA ASP D 302 15.88 21.84 -5.03
C ASP D 302 14.56 21.34 -5.63
N LEU D 303 14.69 20.42 -6.58
CA LEU D 303 13.56 19.74 -7.20
C LEU D 303 13.81 18.24 -7.17
N VAL D 304 12.72 17.47 -7.09
CA VAL D 304 12.78 16.03 -7.23
C VAL D 304 12.09 15.67 -8.54
N ALA D 305 12.83 14.99 -9.41
CA ALA D 305 12.30 14.54 -10.69
C ALA D 305 11.88 13.08 -10.61
N LEU D 306 10.66 12.81 -11.08
CA LEU D 306 10.14 11.47 -11.14
C LEU D 306 9.95 11.11 -12.63
N GLY D 307 10.47 9.97 -13.03
CA GLY D 307 10.27 9.44 -14.37
C GLY D 307 9.26 8.30 -14.35
N ARG D 308 9.76 7.08 -14.22
CA ARG D 308 8.92 5.91 -14.29
C ARG D 308 7.75 5.91 -13.31
N GLU D 309 7.92 6.47 -12.10
CA GLU D 309 6.79 6.54 -11.18
C GLU D 309 5.60 7.32 -11.77
N LEU D 310 5.87 8.39 -12.53
CA LEU D 310 4.79 9.19 -13.12
C LEU D 310 4.22 8.54 -14.37
N LEU D 311 4.90 7.55 -14.92
CA LEU D 311 4.30 6.73 -16.02
C LEU D 311 3.27 5.79 -15.45
N ARG D 312 3.61 5.08 -14.37
CA ARG D 312 2.69 4.13 -13.74
C ARG D 312 1.64 4.79 -12.82
N ASN D 313 1.96 5.97 -12.27
CA ASN D 313 1.20 6.59 -11.21
C ASN D 313 1.07 8.10 -11.48
N PRO D 314 0.31 8.48 -12.51
CA PRO D 314 0.32 9.87 -12.97
C PRO D 314 -0.20 10.91 -11.99
N TYR D 315 -1.00 10.48 -11.01
CA TYR D 315 -1.58 11.41 -10.04
C TYR D 315 -0.84 11.39 -8.69
N TRP D 316 0.42 10.94 -8.73
CA TRP D 316 1.27 10.85 -7.52
C TRP D 316 1.19 12.10 -6.67
N VAL D 317 1.23 13.28 -7.28
CA VAL D 317 1.22 14.53 -6.50
C VAL D 317 -0.14 14.73 -5.80
N LEU D 318 -1.24 14.44 -6.49
CA LEU D 318 -2.55 14.62 -5.87
C LEU D 318 -2.64 13.79 -4.60
N HIS D 319 -2.06 12.59 -4.63
CA HIS D 319 -2.11 11.68 -3.50
C HIS D 319 -1.37 12.24 -2.27
N THR D 320 -0.49 13.23 -2.48
CA THR D 320 0.24 13.86 -1.37
C THR D 320 -0.53 15.01 -0.74
N TYR D 321 -1.60 15.47 -1.37
CA TYR D 321 -2.36 16.59 -0.85
C TYR D 321 -3.17 16.18 0.38
N THR D 322 -3.33 17.11 1.32
CA THR D 322 -4.05 16.85 2.57
C THR D 322 -5.42 17.53 2.63
N SER D 323 -5.82 18.18 1.54
CA SER D 323 -7.13 18.82 1.50
C SER D 323 -7.82 18.62 0.16
N LYS D 324 -9.14 18.42 0.19
CA LYS D 324 -9.90 18.20 -1.05
C LYS D 324 -9.85 19.41 -1.99
N GLU D 325 -9.71 20.62 -1.45
CA GLU D 325 -9.65 21.83 -2.30
C GLU D 325 -8.35 21.96 -3.09
N ASP D 326 -7.36 21.11 -2.79
CA ASP D 326 -6.12 21.06 -3.56
C ASP D 326 -6.28 20.23 -4.84
N TRP D 327 -7.34 19.44 -4.91
CA TRP D 327 -7.61 18.61 -6.08
C TRP D 327 -8.31 19.40 -7.19
N PRO D 328 -8.22 18.91 -8.45
CA PRO D 328 -9.07 19.47 -9.50
C PRO D 328 -10.51 19.42 -9.05
N LYS D 329 -11.24 20.52 -9.27
CA LYS D 329 -12.61 20.62 -8.80
C LYS D 329 -13.44 19.41 -9.26
N GLN D 330 -13.21 18.95 -10.48
CA GLN D 330 -14.00 17.84 -11.02
C GLN D 330 -13.80 16.54 -10.24
N TYR D 331 -12.67 16.43 -9.54
CA TYR D 331 -12.31 15.18 -8.82
C TYR D 331 -12.36 15.28 -7.30
N GLU D 332 -12.81 16.43 -6.79
CA GLU D 332 -12.92 16.73 -5.37
C GLU D 332 -13.64 15.63 -4.59
N ARG D 333 -14.67 15.06 -5.21
CA ARG D 333 -15.46 14.01 -4.55
C ARG D 333 -14.66 12.73 -4.30
N ALA D 334 -13.52 12.57 -4.98
CA ALA D 334 -12.64 11.40 -4.80
C ALA D 334 -11.56 11.56 -3.73
N PHE D 335 -11.43 12.74 -3.14
CA PHE D 335 -10.45 12.94 -2.06
C PHE D 335 -10.77 12.05 -0.85
N LYS D 336 -9.73 11.45 -0.28
CA LYS D 336 -9.84 10.62 0.95
C LYS D 336 -11.20 10.70 1.64
N1 FMN E . -7.87 -25.05 9.05
C2 FMN E . -8.40 -25.61 10.17
O2 FMN E . -9.60 -25.70 10.33
N3 FMN E . -7.60 -26.13 11.12
C4 FMN E . -6.26 -26.08 11.01
O4 FMN E . -5.62 -26.52 11.97
C4A FMN E . -5.65 -25.53 9.86
N5 FMN E . -4.30 -25.51 9.65
C5A FMN E . -3.81 -24.72 8.68
C6 FMN E . -2.45 -24.43 8.65
C7 FMN E . -1.93 -23.56 7.71
C7M FMN E . -0.45 -23.33 7.78
C8 FMN E . -2.78 -22.95 6.77
C8M FMN E . -2.29 -21.99 5.72
C9 FMN E . -4.14 -23.24 6.80
C9A FMN E . -4.69 -24.12 7.76
N10 FMN E . -6.02 -24.39 7.81
C10 FMN E . -6.52 -25.00 8.89
C1' FMN E . -7.00 -23.60 7.03
C2' FMN E . -7.12 -22.14 7.49
O2' FMN E . -7.63 -22.04 8.84
C3' FMN E . -8.07 -21.36 6.58
O3' FMN E . -9.37 -22.00 6.65
C4' FMN E . -7.66 -21.34 5.10
O4' FMN E . -6.25 -21.10 4.98
C5' FMN E . -8.37 -20.25 4.32
O5' FMN E . -8.13 -19.01 4.96
P FMN E . -7.03 -17.93 4.51
O1P FMN E . -5.67 -18.48 4.92
O2P FMN E . -7.15 -17.78 3.02
O3P FMN E . -7.42 -16.73 5.31
C ACT F . -6.74 -28.22 8.72
O ACT F . -7.96 -27.97 8.91
OXT ACT F . -6.34 -28.14 7.55
CH3 ACT F . -5.82 -28.65 9.83
N1 FMN G . 15.75 5.73 22.39
C2 FMN G . 16.75 5.13 23.06
O2 FMN G . 17.92 5.30 22.78
N3 FMN G . 16.49 4.33 24.10
C4 FMN G . 15.22 4.10 24.50
O4 FMN G . 15.12 3.30 25.46
C4A FMN G . 14.15 4.72 23.84
N5 FMN G . 12.84 4.57 24.22
C5A FMN G . 11.87 4.95 23.35
C6 FMN G . 10.57 4.51 23.57
C7 FMN G . 9.56 4.82 22.68
C7M FMN G . 8.19 4.29 23.03
C8 FMN G . 9.84 5.58 21.55
C8M FMN G . 8.77 5.94 20.54
C9 FMN G . 11.14 6.00 21.32
C9A FMN G . 12.19 5.70 22.21
N10 FMN G . 13.47 6.12 22.01
C10 FMN G . 14.45 5.54 22.75
C1' FMN G . 13.87 6.68 20.69
C2' FMN G . 13.81 5.63 19.55
O2' FMN G . 14.72 4.54 19.79
C3' FMN G . 14.20 6.24 18.20
O3' FMN G . 15.55 6.75 18.34
C4' FMN G . 13.23 7.37 17.80
O4' FMN G . 11.84 7.01 18.04
C5' FMN G . 13.40 7.76 16.34
O5' FMN G . 13.18 6.61 15.50
P FMN G . 11.77 6.23 14.83
O1P FMN G . 10.81 5.82 15.93
O2P FMN G . 11.33 7.47 14.10
O3P FMN G . 12.16 5.06 13.96
C ACT H . 15.24 7.07 25.50
O ACT H . 14.42 7.96 25.23
OXT ACT H . 16.37 7.17 24.94
CH3 ACT H . 14.90 6.01 26.52
N1 FMN I . -24.10 8.42 -11.86
C2 FMN I . -24.69 8.31 -13.07
O2 FMN I . -25.38 7.33 -13.32
N3 FMN I . -24.53 9.26 -14.01
C4 FMN I . -23.77 10.35 -13.77
O4 FMN I . -23.68 11.15 -14.71
C4A FMN I . -23.15 10.50 -12.51
N5 FMN I . -22.40 11.60 -12.17
C5A FMN I . -21.62 11.52 -11.07
C6 FMN I . -20.62 12.48 -10.90
C7 FMN I . -19.77 12.42 -9.82
C7M FMN I . -18.74 13.52 -9.72
C8 FMN I . -19.89 11.40 -8.88
C8M FMN I . -18.96 11.31 -7.69
C9 FMN I . -20.87 10.43 -9.06
C9A FMN I . -21.75 10.45 -10.16
N10 FMN I . -22.72 9.52 -10.36
C10 FMN I . -23.34 9.50 -11.57
C1' FMN I . -22.71 8.25 -9.63
C2' FMN I . -21.52 7.31 -9.97
O2' FMN I . -21.57 6.89 -11.34
C3' FMN I . -21.48 6.05 -9.11
O3' FMN I . -22.71 5.32 -9.34
C4' FMN I . -21.34 6.39 -7.62
O4' FMN I . -20.33 7.38 -7.42
C5' FMN I . -21.01 5.18 -6.72
O5' FMN I . -19.83 4.55 -7.18
P FMN I . -18.37 4.85 -6.57
O1P FMN I . -17.99 6.29 -6.82
O2P FMN I . -18.49 4.57 -5.09
O3P FMN I . -17.46 3.90 -7.28
C ACT J . -26.15 11.12 -11.84
O ACT J . -26.58 9.94 -12.02
OXT ACT J . -26.03 11.46 -10.67
CH3 ACT J . -25.86 12.10 -12.95
N1 FMN K . 15.99 11.15 -19.97
C2 FMN K . 16.13 12.33 -20.59
O2 FMN K . 16.88 13.17 -20.13
N3 FMN K . 15.48 12.60 -21.75
C4 FMN K . 14.64 11.69 -22.29
O4 FMN K . 14.07 12.03 -23.34
C4A FMN K . 14.48 10.44 -21.68
N5 FMN K . 13.68 9.45 -22.19
C5A FMN K . 13.35 8.39 -21.40
C6 FMN K . 12.34 7.53 -21.80
C7 FMN K . 11.94 6.45 -21.02
C7M FMN K . 10.83 5.62 -21.60
C8 FMN K . 12.56 6.23 -19.80
C8M FMN K . 12.19 5.09 -18.88
C9 FMN K . 13.58 7.10 -19.39
C9A FMN K . 13.99 8.20 -20.17
N10 FMN K . 14.99 9.04 -19.80
C10 FMN K . 15.16 10.19 -20.49
C1' FMN K . 15.48 9.05 -18.41
C2' FMN K . 14.48 9.58 -17.37
O2' FMN K . 14.14 10.96 -17.57
C3' FMN K . 15.03 9.49 -15.95
O3' FMN K . 16.23 10.29 -15.89
C4' FMN K . 15.40 8.04 -15.59
O4' FMN K . 14.37 7.15 -16.03
C5' FMN K . 15.62 7.84 -14.10
O5' FMN K . 14.46 8.29 -13.41
P FMN K . 13.32 7.28 -12.90
O1P FMN K . 12.62 6.76 -14.18
O2P FMN K . 13.99 6.22 -12.13
O3P FMN K . 12.45 8.19 -12.08
C ACT L . 17.35 10.05 -22.88
O ACT L . 17.49 8.88 -22.50
OXT ACT L . 17.91 10.92 -22.17
CH3 ACT L . 16.59 10.41 -24.12
#